data_4PBW
#
_entry.id   4PBW
#
_cell.length_a   84.420
_cell.length_b   93.120
_cell.length_c   99.380
_cell.angle_alpha   73.37
_cell.angle_beta   89.45
_cell.angle_gamma   74.23
#
_symmetry.space_group_name_H-M   'P 1'
#
loop_
_entity.id
_entity.type
_entity.pdbx_description
1 polymer 'NT-3 growth factor receptor'
2 polymer 'Protein-tyrosine phosphatase CRYPalpha1 isoform'
3 non-polymer 2-acetamido-2-deoxy-beta-D-glucopyranose
#
loop_
_entity_poly.entity_id
_entity_poly.type
_entity_poly.pdbx_seq_one_letter_code
_entity_poly.pdbx_strand_id
1 'polypeptide(L)'
;ETGCPANCLCSKTDINCKKPDDGNLFPLLEGQDSGSSNGQTSIQITDISRNITSIHIENWKNLQTLNAVDMELYTGLQRL
TIRNSGLRNIQPRAFAKNPHLRYIDLSGNRLTTLSWQLFQTLRLFDLRLERNPFQCSCDIRWIQLWQEKGEANLQSQQLH
CMNLDTAVILLRNMNITQCDLPEISVSHVNLTVREGENAVITCQGSGSPLPDVDWTVADLHSINTHQTNLQWTNVHAIQL
TLVNVTSEDNGFLLTCIAENVVGMSQASVLLTVYGTKHHHHHH
;
B,A,C
2 'polypeptide(L)'
;ETGESPPVFIKKPVDQIGVSGGVASFVCQATGDPKPRVTWNKKGKKVNSQRFETIEFDESAGAVLRIQPLRTPRDENIYE
CVAQNPHGEVTVHAKLTVLREDQLPPGFPNIDMGPQLKVVERTRTATMLCAASGNPDPEITWFKDFLPVDPSTSNGRIKQ
LRSGGLQIESSEETDQGKYECVASNSAGVRYSSPANLYVRVRRVAPRFSILPVSHEIMPGGNVNITCVAVGSPMPYVKWM
QGAEDLTPEDDMPVGRNVLELTDVKDSANYTCVAMSSLGVIEAVAQITVKSKGHHHHHH
;
D,E,F
#
loop_
_chem_comp.id
_chem_comp.type
_chem_comp.name
_chem_comp.formula
NAG D-saccharide, beta linking 2-acetamido-2-deoxy-beta-D-glucopyranose 'C8 H15 N O6'
#
# COMPACT_ATOMS: atom_id res chain seq x y z
N GLY A 3 -21.58 26.88 1.71
CA GLY A 3 -20.26 26.70 2.38
C GLY A 3 -19.74 27.94 3.09
N CYS A 4 -20.10 29.11 2.60
CA CYS A 4 -19.57 30.39 3.07
C CYS A 4 -20.16 30.83 4.42
N PRO A 5 -19.35 31.38 5.33
CA PRO A 5 -19.91 31.96 6.55
C PRO A 5 -20.61 33.28 6.26
N ALA A 6 -21.60 33.62 7.07
CA ALA A 6 -22.41 34.83 6.87
C ALA A 6 -21.57 36.10 7.07
N ASN A 7 -22.02 37.19 6.44
CA ASN A 7 -21.29 38.45 6.36
C ASN A 7 -20.33 38.49 5.17
N CYS A 8 -19.75 37.34 4.83
CA CYS A 8 -18.72 37.26 3.80
C CYS A 8 -19.27 36.91 2.43
N LEU A 9 -18.45 37.11 1.41
CA LEU A 9 -18.75 36.68 0.05
C LEU A 9 -17.61 35.80 -0.45
N CYS A 10 -17.90 34.50 -0.55
CA CYS A 10 -16.88 33.49 -0.83
C CYS A 10 -16.86 33.08 -2.29
N SER A 11 -15.75 33.36 -2.95
CA SER A 11 -15.46 32.84 -4.28
C SER A 11 -14.98 31.40 -4.16
N LYS A 12 -14.51 30.84 -5.27
CA LYS A 12 -13.87 29.53 -5.25
C LYS A 12 -12.42 29.69 -4.85
N THR A 13 -11.85 30.86 -5.13
CA THR A 13 -10.45 31.16 -4.82
C THR A 13 -10.28 32.45 -3.99
N ASP A 14 -11.31 32.84 -3.24
CA ASP A 14 -11.34 34.15 -2.60
C ASP A 14 -12.38 34.21 -1.48
N ILE A 15 -12.00 34.78 -0.34
CA ILE A 15 -12.94 35.06 0.76
C ILE A 15 -12.87 36.55 1.10
N ASN A 16 -13.97 37.27 0.88
CA ASN A 16 -14.05 38.69 1.21
C ASN A 16 -15.08 38.95 2.31
N CYS A 17 -14.61 39.49 3.43
CA CYS A 17 -15.48 39.82 4.57
C CYS A 17 -15.30 41.29 4.93
N LYS A 18 -15.83 42.17 4.08
CA LYS A 18 -15.62 43.62 4.20
C LYS A 18 -16.75 44.33 4.96
N LYS A 19 -17.95 43.74 4.97
CA LYS A 19 -19.05 44.31 5.74
C LYS A 19 -18.66 44.32 7.22
N PRO A 20 -18.98 45.41 7.94
CA PRO A 20 -18.78 45.44 9.40
C PRO A 20 -19.38 44.21 10.11
N ASP A 21 -18.77 43.79 11.21
CA ASP A 21 -19.14 42.54 11.86
C ASP A 21 -18.65 42.48 13.32
N ASP A 22 -19.57 42.14 14.23
CA ASP A 22 -19.24 41.96 15.64
C ASP A 22 -18.54 40.63 15.92
N GLY A 23 -18.62 39.69 14.97
CA GLY A 23 -17.99 38.40 15.10
C GLY A 23 -16.49 38.46 15.36
N ASN A 24 -15.98 37.43 16.03
CA ASN A 24 -14.57 37.31 16.38
C ASN A 24 -14.00 35.92 16.06
N LEU A 25 -14.60 35.26 15.07
CA LEU A 25 -14.17 33.93 14.64
C LEU A 25 -13.73 34.00 13.19
N PHE A 26 -12.51 33.56 12.93
CA PHE A 26 -11.97 33.58 11.58
C PHE A 26 -12.84 32.70 10.68
N PRO A 27 -12.99 33.08 9.40
CA PRO A 27 -13.78 32.29 8.46
C PRO A 27 -13.48 30.80 8.48
N LEU A 28 -14.54 30.00 8.52
CA LEU A 28 -14.43 28.55 8.49
C LEU A 28 -15.50 28.01 7.54
N LEU A 29 -15.06 27.55 6.39
CA LEU A 29 -15.98 27.06 5.36
C LEU A 29 -16.59 25.72 5.77
N GLU A 30 -17.89 25.58 5.52
CA GLU A 30 -18.71 24.52 6.13
C GLU A 30 -20.18 24.77 5.81
N THR A 41 -16.96 14.51 6.05
CA THR A 41 -16.48 15.61 5.23
C THR A 41 -15.36 16.42 5.92
N SER A 42 -14.47 15.71 6.60
CA SER A 42 -13.20 16.27 7.09
C SER A 42 -12.14 16.23 5.98
N ILE A 43 -12.34 15.34 5.00
CA ILE A 43 -11.49 15.27 3.79
C ILE A 43 -11.83 16.41 2.82
N GLN A 44 -13.12 16.76 2.75
CA GLN A 44 -13.59 17.78 1.82
C GLN A 44 -13.23 19.20 2.26
N ILE A 45 -13.41 19.51 3.55
CA ILE A 45 -13.11 20.86 4.07
C ILE A 45 -11.66 21.28 3.81
N THR A 46 -10.75 20.32 3.87
CA THR A 46 -9.35 20.58 3.53
C THR A 46 -9.26 20.89 2.05
N ASP A 47 -9.85 20.03 1.22
CA ASP A 47 -9.78 20.17 -0.24
C ASP A 47 -10.27 21.53 -0.73
N ILE A 48 -11.40 21.98 -0.21
CA ILE A 48 -11.97 23.29 -0.59
C ILE A 48 -11.09 24.46 -0.13
N SER A 49 -10.46 24.34 1.03
CA SER A 49 -9.66 25.42 1.61
C SER A 49 -8.30 25.58 0.91
N ARG A 50 -7.77 24.50 0.35
CA ARG A 50 -6.55 24.54 -0.46
C ARG A 50 -6.68 25.48 -1.65
N ASN A 51 -7.79 25.40 -2.35
CA ASN A 51 -8.00 26.19 -3.57
C ASN A 51 -8.09 27.70 -3.32
N ILE A 52 -8.23 28.11 -2.06
CA ILE A 52 -8.31 29.53 -1.71
C ILE A 52 -6.94 30.20 -1.71
N THR A 53 -6.80 31.23 -2.53
CA THR A 53 -5.55 31.96 -2.69
C THR A 53 -5.55 33.36 -2.05
N SER A 54 -6.68 33.80 -1.51
CA SER A 54 -6.79 35.18 -1.02
C SER A 54 -7.90 35.37 0.03
N ILE A 55 -7.53 35.80 1.23
CA ILE A 55 -8.48 36.11 2.28
C ILE A 55 -8.39 37.60 2.60
N HIS A 56 -9.55 38.22 2.81
CA HIS A 56 -9.65 39.66 3.01
C HIS A 56 -10.70 39.97 4.09
N ILE A 57 -10.24 40.22 5.31
CA ILE A 57 -11.11 40.68 6.39
C ILE A 57 -10.94 42.19 6.48
N GLU A 58 -11.99 42.87 6.90
CA GLU A 58 -11.93 44.31 7.09
C GLU A 58 -13.10 44.76 7.97
N ASN A 59 -12.82 45.67 8.89
CA ASN A 59 -13.83 46.25 9.78
C ASN A 59 -14.44 45.23 10.75
N TRP A 60 -13.61 44.32 11.23
CA TRP A 60 -14.00 43.36 12.26
C TRP A 60 -13.48 43.87 13.59
N LYS A 61 -14.22 44.80 14.19
CA LYS A 61 -13.75 45.50 15.39
C LYS A 61 -13.40 44.58 16.56
N ASN A 62 -14.03 43.41 16.63
CA ASN A 62 -13.83 42.48 17.74
C ASN A 62 -12.88 41.32 17.48
N LEU A 63 -12.35 41.22 16.26
CA LEU A 63 -11.32 40.22 15.94
C LEU A 63 -9.99 40.68 16.54
N GLN A 64 -9.69 40.20 17.74
CA GLN A 64 -8.51 40.66 18.48
C GLN A 64 -7.26 39.83 18.21
N THR A 65 -7.44 38.52 18.05
CA THR A 65 -6.30 37.60 17.97
C THR A 65 -6.42 36.67 16.76
N LEU A 66 -5.27 36.26 16.21
CA LEU A 66 -5.21 35.35 15.07
C LEU A 66 -4.38 34.11 15.40
N ASN A 67 -5.03 32.97 15.54
CA ASN A 67 -4.34 31.71 15.91
C ASN A 67 -3.79 30.99 14.70
N ALA A 68 -2.86 30.07 14.96
CA ALA A 68 -2.34 29.23 13.89
C ALA A 68 -3.44 28.32 13.37
N VAL A 69 -4.27 27.81 14.28
CA VAL A 69 -5.39 26.95 13.90
C VAL A 69 -6.24 27.62 12.82
N ASP A 70 -6.49 28.92 12.97
CA ASP A 70 -7.30 29.69 12.02
C ASP A 70 -6.74 29.63 10.60
N MET A 71 -5.42 29.66 10.48
CA MET A 71 -4.74 29.74 9.20
C MET A 71 -4.42 28.41 8.54
N GLU A 72 -4.17 27.38 9.34
CA GLU A 72 -3.55 26.14 8.85
C GLU A 72 -4.29 25.43 7.72
N LEU A 73 -5.61 25.54 7.68
CA LEU A 73 -6.37 24.90 6.61
C LEU A 73 -6.10 25.51 5.25
N TYR A 74 -5.81 26.81 5.22
CA TYR A 74 -5.69 27.56 3.96
C TYR A 74 -4.27 27.45 3.42
N THR A 75 -3.89 26.25 2.99
CA THR A 75 -2.51 25.97 2.61
C THR A 75 -2.10 26.65 1.30
N GLY A 76 -3.07 26.90 0.43
CA GLY A 76 -2.79 27.53 -0.85
C GLY A 76 -2.79 29.04 -0.81
N LEU A 77 -2.98 29.61 0.38
CA LEU A 77 -3.10 31.06 0.53
C LEU A 77 -1.88 31.80 -0.03
N GLN A 78 -2.14 32.85 -0.78
CA GLN A 78 -1.11 33.73 -1.35
C GLN A 78 -1.20 35.18 -0.88
N ARG A 79 -2.37 35.58 -0.39
CA ARG A 79 -2.64 36.96 -0.05
C ARG A 79 -3.51 36.97 1.20
N LEU A 80 -3.04 37.60 2.27
CA LEU A 80 -3.85 37.77 3.47
C LEU A 80 -3.99 39.25 3.79
N THR A 81 -5.21 39.67 4.08
CA THR A 81 -5.48 41.05 4.43
C THR A 81 -6.43 41.07 5.63
N ILE A 82 -5.94 41.53 6.77
CA ILE A 82 -6.77 41.86 7.92
C ILE A 82 -6.57 43.34 8.21
N ARG A 83 -7.44 44.18 7.63
CA ARG A 83 -7.28 45.64 7.67
C ARG A 83 -8.35 46.32 8.52
N ASN A 84 -7.96 47.40 9.19
CA ASN A 84 -8.90 48.28 9.89
C ASN A 84 -9.85 47.52 10.81
N SER A 85 -9.26 46.68 11.66
CA SER A 85 -10.00 45.81 12.56
C SER A 85 -9.35 45.87 13.93
N GLY A 86 -9.79 45.02 14.85
CA GLY A 86 -9.32 45.09 16.24
C GLY A 86 -8.10 44.25 16.59
N LEU A 87 -7.32 43.88 15.58
CA LEU A 87 -6.30 42.85 15.75
C LEU A 87 -5.17 43.29 16.69
N ARG A 88 -5.12 42.67 17.87
CA ARG A 88 -4.08 42.94 18.88
C ARG A 88 -2.81 42.15 18.64
N ASN A 89 -2.94 40.86 18.38
CA ASN A 89 -1.75 40.00 18.24
C ASN A 89 -1.96 38.74 17.41
N ILE A 90 -0.84 38.19 16.93
CA ILE A 90 -0.82 37.00 16.09
C ILE A 90 -0.01 35.92 16.79
N GLN A 91 -0.63 34.77 17.01
CA GLN A 91 -0.01 33.66 17.71
C GLN A 91 1.24 33.19 16.95
N PRO A 92 2.32 32.82 17.68
CA PRO A 92 3.53 32.35 17.00
C PRO A 92 3.28 31.19 16.06
N ARG A 93 4.03 31.18 14.95
CA ARG A 93 3.94 30.13 13.94
C ARG A 93 2.55 30.07 13.31
N ALA A 94 1.87 31.22 13.26
CA ALA A 94 0.53 31.29 12.70
C ALA A 94 0.55 30.98 11.21
N PHE A 95 1.58 31.49 10.54
CA PHE A 95 1.69 31.34 9.10
C PHE A 95 2.59 30.17 8.68
N ALA A 96 2.85 29.26 9.62
CA ALA A 96 3.75 28.13 9.36
C ALA A 96 3.32 27.33 8.14
N LYS A 97 2.04 26.99 8.10
CA LYS A 97 1.47 26.15 7.06
C LYS A 97 0.93 26.93 5.85
N ASN A 98 1.30 28.19 5.72
CA ASN A 98 0.87 29.02 4.60
C ASN A 98 2.09 29.47 3.80
N PRO A 99 2.80 28.53 3.17
CA PRO A 99 4.11 28.82 2.59
C PRO A 99 4.08 29.72 1.38
N HIS A 100 2.96 29.75 0.66
CA HIS A 100 2.85 30.57 -0.55
C HIS A 100 2.44 32.02 -0.26
N LEU A 101 2.15 32.31 1.01
CA LEU A 101 1.73 33.64 1.44
C LEU A 101 2.84 34.65 1.17
N ARG A 102 2.57 35.62 0.29
CA ARG A 102 3.57 36.64 -0.07
C ARG A 102 3.10 38.09 0.14
N TYR A 103 1.81 38.37 -0.05
CA TYR A 103 1.23 39.68 0.27
C TYR A 103 0.50 39.59 1.61
N ILE A 104 0.89 40.41 2.58
CA ILE A 104 0.17 40.52 3.86
C ILE A 104 -0.12 41.99 4.20
N ASP A 105 -1.37 42.27 4.53
CA ASP A 105 -1.81 43.61 4.92
C ASP A 105 -2.45 43.56 6.29
N LEU A 106 -1.76 44.12 7.29
CA LEU A 106 -2.23 44.17 8.67
C LEU A 106 -2.44 45.61 9.13
N SER A 107 -2.68 46.53 8.20
CA SER A 107 -2.77 47.94 8.54
C SER A 107 -4.07 48.27 9.27
N GLY A 108 -4.02 49.33 10.09
CA GLY A 108 -5.22 49.86 10.74
C GLY A 108 -5.75 49.09 11.95
N ASN A 109 -4.96 48.14 12.45
CA ASN A 109 -5.41 47.31 13.56
C ASN A 109 -4.97 47.90 14.91
N ARG A 110 -4.91 47.07 15.96
CA ARG A 110 -4.46 47.51 17.30
C ARG A 110 -3.11 46.92 17.69
N LEU A 111 -2.23 46.71 16.71
CA LEU A 111 -0.94 46.11 16.97
C LEU A 111 0.00 47.08 17.67
N THR A 112 0.47 46.73 18.86
CA THR A 112 1.50 47.50 19.54
C THR A 112 2.89 46.97 19.22
N THR A 113 2.96 45.75 18.67
CA THR A 113 4.24 45.07 18.42
C THR A 113 4.04 43.92 17.44
N LEU A 114 5.14 43.45 16.86
CA LEU A 114 5.08 42.38 15.87
C LEU A 114 6.44 41.71 15.75
N SER A 115 6.44 40.39 15.63
CA SER A 115 7.67 39.61 15.53
C SER A 115 8.01 39.21 14.08
N TRP A 116 9.27 39.37 13.68
CA TRP A 116 9.71 38.92 12.36
C TRP A 116 9.55 37.40 12.20
N GLN A 117 9.52 36.68 13.33
CA GLN A 117 9.49 35.22 13.30
C GLN A 117 8.17 34.64 12.78
N LEU A 118 7.12 35.46 12.80
CA LEU A 118 5.90 35.12 12.11
C LEU A 118 6.13 34.87 10.62
N PHE A 119 7.09 35.61 10.05
CA PHE A 119 7.31 35.62 8.60
C PHE A 119 8.61 34.95 8.20
N GLN A 120 9.16 34.12 9.10
CA GLN A 120 10.45 33.49 8.84
C GLN A 120 10.43 32.40 7.78
N THR A 121 9.27 31.78 7.56
CA THR A 121 9.16 30.75 6.52
C THR A 121 8.67 31.33 5.20
N LEU A 122 8.28 32.60 5.20
CA LEU A 122 7.68 33.22 4.02
C LEU A 122 8.67 34.03 3.21
N ARG A 123 8.34 34.26 1.95
CA ARG A 123 9.06 35.20 1.08
C ARG A 123 8.13 36.37 0.78
N LEU A 124 8.03 37.30 1.72
CA LEU A 124 7.09 38.41 1.60
C LEU A 124 7.50 39.42 0.55
N PHE A 125 6.61 39.66 -0.42
CA PHE A 125 6.79 40.73 -1.37
C PHE A 125 6.27 42.05 -0.79
N ASP A 126 5.15 41.98 -0.05
CA ASP A 126 4.51 43.17 0.51
C ASP A 126 3.95 42.89 1.91
N LEU A 127 4.52 43.58 2.90
CA LEU A 127 4.00 43.54 4.27
C LEU A 127 3.56 44.95 4.66
N ARG A 128 2.26 45.15 4.88
CA ARG A 128 1.71 46.47 5.17
C ARG A 128 1.37 46.63 6.64
N LEU A 129 2.07 47.55 7.32
CA LEU A 129 1.90 47.75 8.74
C LEU A 129 1.49 49.19 9.09
N GLU A 130 0.97 49.93 8.12
CA GLU A 130 0.63 51.32 8.34
C GLU A 130 -0.48 51.50 9.37
N ARG A 131 -0.40 52.60 10.13
CA ARG A 131 -1.47 53.03 11.03
C ARG A 131 -1.85 51.98 12.08
N ASN A 132 -0.84 51.39 12.71
CA ASN A 132 -1.02 50.59 13.91
C ASN A 132 -0.38 51.33 15.05
N PRO A 133 -0.87 51.14 16.28
CA PRO A 133 -0.34 51.84 17.46
C PRO A 133 0.95 51.24 18.02
N PHE A 134 1.99 51.16 17.18
CA PHE A 134 3.27 50.58 17.59
C PHE A 134 3.90 51.35 18.73
N GLN A 135 4.53 50.62 19.66
CA GLN A 135 5.31 51.22 20.73
C GLN A 135 6.78 50.94 20.49
N CYS A 136 7.61 51.98 20.56
CA CYS A 136 9.03 51.83 20.29
C CYS A 136 9.65 50.87 21.29
N SER A 137 10.55 50.03 20.79
CA SER A 137 11.10 48.92 21.55
C SER A 137 12.08 48.15 20.68
N CYS A 138 12.88 47.29 21.29
CA CYS A 138 13.78 46.41 20.53
C CYS A 138 12.99 45.37 19.74
N ASP A 139 11.82 45.00 20.26
CA ASP A 139 10.93 44.03 19.62
C ASP A 139 10.58 44.39 18.17
N ILE A 140 10.62 45.68 17.82
CA ILE A 140 10.27 46.12 16.47
C ILE A 140 11.42 46.72 15.67
N ARG A 141 12.66 46.59 16.15
CA ARG A 141 13.78 47.14 15.39
C ARG A 141 13.89 46.47 14.04
N TRP A 142 13.57 45.18 13.97
CA TRP A 142 13.61 44.46 12.69
C TRP A 142 12.86 45.18 11.57
N ILE A 143 11.77 45.86 11.94
CA ILE A 143 10.98 46.59 10.97
C ILE A 143 11.82 47.74 10.43
N GLN A 144 12.42 48.50 11.34
CA GLN A 144 13.34 49.57 10.98
C GLN A 144 14.42 49.05 10.03
N LEU A 145 14.95 47.88 10.32
CA LEU A 145 16.00 47.28 9.48
C LEU A 145 15.47 46.87 8.12
N TRP A 146 14.37 46.14 8.09
CA TRP A 146 13.73 45.78 6.83
C TRP A 146 13.48 47.03 5.99
N GLN A 147 13.06 48.09 6.67
CA GLN A 147 12.77 49.35 6.02
C GLN A 147 14.03 49.93 5.37
N GLU A 148 15.17 49.85 6.08
CA GLU A 148 16.45 50.35 5.56
C GLU A 148 16.91 49.57 4.32
N LYS A 149 16.84 48.24 4.40
CA LYS A 149 17.29 47.40 3.29
C LYS A 149 16.22 47.15 2.23
N GLY A 150 15.08 47.82 2.33
CA GLY A 150 14.05 47.78 1.29
C GLY A 150 13.33 46.45 1.17
N GLU A 151 13.18 45.75 2.31
CA GLU A 151 12.58 44.43 2.34
C GLU A 151 11.05 44.54 2.43
N ALA A 152 10.35 43.74 1.64
CA ALA A 152 8.88 43.60 1.71
C ALA A 152 8.10 44.92 1.56
N ASN A 153 8.64 45.84 0.79
CA ASN A 153 7.99 47.14 0.50
C ASN A 153 7.71 48.04 1.71
N LEU A 154 8.42 47.82 2.82
CA LEU A 154 8.31 48.71 3.97
C LEU A 154 8.94 50.06 3.69
N GLN A 155 9.93 50.09 2.79
CA GLN A 155 10.65 51.33 2.44
C GLN A 155 9.74 52.46 1.95
N SER A 156 8.63 52.12 1.31
CA SER A 156 7.65 53.09 0.85
C SER A 156 6.73 53.57 1.97
N GLN A 157 6.46 52.70 2.95
CA GLN A 157 5.50 52.98 4.02
C GLN A 157 6.02 53.96 5.05
N GLN A 158 5.14 54.81 5.54
CA GLN A 158 5.48 55.79 6.56
C GLN A 158 4.99 55.28 7.91
N LEU A 159 5.92 54.81 8.73
CA LEU A 159 5.59 54.11 9.97
C LEU A 159 6.18 54.82 11.17
N HIS A 160 5.37 54.95 12.21
CA HIS A 160 5.82 55.54 13.46
C HIS A 160 5.67 54.55 14.60
N CYS A 161 6.33 54.84 15.70
CA CYS A 161 6.10 54.15 16.96
C CYS A 161 6.03 55.21 18.05
N MET A 162 5.54 54.82 19.23
CA MET A 162 5.33 55.76 20.31
C MET A 162 6.08 55.38 21.58
N ASN A 163 6.86 56.34 22.09
CA ASN A 163 7.55 56.18 23.38
C ASN A 163 6.56 56.30 24.55
N LEU A 164 7.03 55.93 25.74
CA LEU A 164 6.17 55.92 26.93
C LEU A 164 5.65 57.32 27.29
N ASP A 165 6.42 58.34 26.94
CA ASP A 165 6.00 59.74 27.16
C ASP A 165 5.11 60.27 26.02
N THR A 166 4.53 59.37 25.25
CA THR A 166 3.59 59.71 24.17
C THR A 166 4.23 60.40 22.97
N ALA A 167 5.55 60.37 22.89
CA ALA A 167 6.26 61.02 21.79
C ALA A 167 6.19 60.12 20.57
N VAL A 168 5.86 60.72 19.44
CA VAL A 168 5.71 59.96 18.20
C VAL A 168 6.97 60.13 17.39
N ILE A 169 7.68 59.02 17.19
CA ILE A 169 8.91 59.08 16.40
C ILE A 169 8.79 58.23 15.13
N LEU A 170 9.33 58.78 14.04
CA LEU A 170 9.44 58.08 12.79
C LEU A 170 10.27 56.84 13.04
N LEU A 171 9.92 55.73 12.39
CA LEU A 171 10.58 54.45 12.67
C LEU A 171 12.02 54.40 12.15
N ARG A 172 12.27 55.06 11.02
CA ARG A 172 13.64 55.24 10.51
C ARG A 172 14.58 55.83 11.58
N ASN A 173 14.07 56.71 12.43
CA ASN A 173 14.89 57.39 13.43
C ASN A 173 14.69 56.87 14.84
N MET A 174 14.28 55.61 14.97
CA MET A 174 14.17 55.01 16.28
C MET A 174 15.59 54.75 16.78
N ASN A 175 15.87 55.11 18.04
CA ASN A 175 17.19 54.87 18.61
C ASN A 175 17.12 54.07 19.91
N ILE A 176 17.25 52.75 19.79
CA ILE A 176 17.36 51.87 20.93
C ILE A 176 18.79 51.37 21.02
N THR A 177 19.42 51.54 22.18
CA THR A 177 20.79 51.07 22.40
C THR A 177 20.79 49.60 22.80
N GLN A 178 21.86 48.89 22.41
CA GLN A 178 22.04 47.46 22.70
C GLN A 178 20.91 46.64 22.14
N CYS A 179 20.73 46.77 20.84
CA CYS A 179 19.63 46.16 20.14
C CYS A 179 20.03 46.02 18.69
N ASP A 180 20.69 44.91 18.38
CA ASP A 180 21.29 44.70 17.07
C ASP A 180 21.17 43.26 16.62
N LEU A 181 21.34 43.05 15.32
CA LEU A 181 21.38 41.71 14.75
C LEU A 181 22.47 40.92 15.44
N PRO A 182 22.28 39.61 15.59
CA PRO A 182 23.35 38.81 16.17
C PRO A 182 24.44 38.53 15.14
N GLU A 183 25.67 38.35 15.61
CA GLU A 183 26.76 37.89 14.76
C GLU A 183 27.03 36.44 15.08
N ILE A 184 27.56 35.70 14.11
CA ILE A 184 27.74 34.26 14.25
C ILE A 184 29.09 33.81 13.71
N SER A 185 29.74 32.91 14.44
CA SER A 185 31.03 32.33 14.03
C SER A 185 30.96 30.83 14.13
N VAL A 186 31.85 30.16 13.40
CA VAL A 186 31.97 28.71 13.46
C VAL A 186 33.44 28.33 13.51
N SER A 187 33.74 27.26 14.26
CA SER A 187 35.13 26.84 14.47
C SER A 187 35.83 26.41 13.18
N HIS A 188 35.11 25.75 12.29
CA HIS A 188 35.69 25.24 11.05
C HIS A 188 34.92 25.71 9.82
N VAL A 189 35.64 25.98 8.73
CA VAL A 189 35.04 26.46 7.49
C VAL A 189 34.40 25.29 6.72
N ASN A 190 35.21 24.28 6.44
CA ASN A 190 34.71 22.99 5.96
C ASN A 190 35.16 21.91 6.94
N LEU A 191 34.57 20.72 6.85
CA LEU A 191 34.90 19.64 7.79
C LEU A 191 35.10 18.31 7.07
N THR A 192 36.31 17.76 7.20
CA THR A 192 36.64 16.45 6.63
C THR A 192 36.77 15.43 7.77
N VAL A 193 36.13 14.28 7.64
CA VAL A 193 36.12 13.25 8.70
C VAL A 193 36.16 11.85 8.09
N ARG A 194 36.90 10.94 8.75
CA ARG A 194 36.94 9.53 8.34
C ARG A 194 35.68 8.84 8.82
N GLU A 195 35.08 8.00 7.97
CA GLU A 195 33.87 7.26 8.34
C GLU A 195 34.11 6.42 9.59
N GLY A 196 33.15 6.45 10.51
CA GLY A 196 33.26 5.70 11.76
C GLY A 196 33.82 6.52 12.92
N GLU A 197 34.61 7.55 12.62
CA GLU A 197 35.14 8.44 13.65
C GLU A 197 34.12 9.48 14.08
N ASN A 198 34.48 10.24 15.12
CA ASN A 198 33.67 11.35 15.60
C ASN A 198 34.23 12.69 15.12
N ALA A 199 33.49 13.76 15.40
CA ALA A 199 33.92 15.11 15.01
C ALA A 199 33.16 16.16 15.82
N VAL A 200 33.86 17.27 16.09
CA VAL A 200 33.31 18.36 16.89
C VAL A 200 33.38 19.67 16.10
N ILE A 201 32.24 20.36 16.01
CA ILE A 201 32.20 21.73 15.53
C ILE A 201 31.53 22.59 16.60
N THR A 202 32.04 23.80 16.77
CA THR A 202 31.51 24.74 17.74
C THR A 202 31.00 25.95 16.97
N CYS A 203 29.75 26.33 17.23
CA CYS A 203 29.15 27.55 16.65
C CYS A 203 28.81 28.48 17.81
N GLN A 204 29.10 29.77 17.64
CA GLN A 204 28.73 30.76 18.64
C GLN A 204 28.04 31.96 18.04
N GLY A 205 27.02 32.44 18.74
CA GLY A 205 26.32 33.66 18.38
C GLY A 205 26.58 34.69 19.46
N SER A 206 26.62 35.95 19.07
CA SER A 206 26.91 37.03 20.00
C SER A 206 26.18 38.28 19.56
N GLY A 207 25.78 39.09 20.53
CA GLY A 207 25.06 40.32 20.25
C GLY A 207 24.19 40.76 21.40
N SER A 208 23.30 41.71 21.11
CA SER A 208 22.40 42.27 22.11
C SER A 208 21.06 42.52 21.43
N PRO A 209 19.99 41.88 21.89
CA PRO A 209 20.01 40.92 23.02
C PRO A 209 20.71 39.60 22.68
N LEU A 210 21.01 38.81 23.72
CA LEU A 210 21.75 37.56 23.59
C LEU A 210 20.99 36.56 22.74
N PRO A 211 21.55 36.20 21.57
CA PRO A 211 20.79 35.36 20.67
C PRO A 211 20.70 33.92 21.12
N ASP A 212 19.60 33.25 20.80
CA ASP A 212 19.54 31.80 20.86
C ASP A 212 20.37 31.31 19.69
N VAL A 213 20.90 30.09 19.81
CA VAL A 213 21.72 29.50 18.76
C VAL A 213 21.33 28.05 18.63
N ASP A 214 21.34 27.54 17.39
CA ASP A 214 20.96 26.15 17.15
C ASP A 214 21.58 25.62 15.89
N TRP A 215 21.97 24.34 15.93
CA TRP A 215 22.36 23.63 14.72
C TRP A 215 21.13 22.98 14.12
N THR A 216 20.60 23.59 13.06
CA THR A 216 19.44 23.07 12.33
C THR A 216 19.93 21.94 11.44
N VAL A 217 20.04 20.75 12.03
CA VAL A 217 20.80 19.67 11.43
C VAL A 217 20.09 18.33 11.64
N ALA A 218 18.76 18.36 11.69
CA ALA A 218 17.95 17.18 12.01
C ALA A 218 18.00 16.11 10.92
N ASP A 219 18.06 16.54 9.65
CA ASP A 219 18.07 15.64 8.50
C ASP A 219 19.34 14.76 8.39
N LEU A 220 20.25 14.93 9.35
CA LEU A 220 21.50 14.17 9.39
C LEU A 220 21.22 12.71 9.73
N HIS A 221 21.81 11.79 8.96
CA HIS A 221 21.69 10.36 9.22
C HIS A 221 22.53 9.90 10.40
N SER A 222 23.61 10.61 10.69
CA SER A 222 24.52 10.24 11.79
C SER A 222 23.92 10.56 13.15
N ILE A 223 24.50 9.96 14.18
CA ILE A 223 24.12 10.23 15.57
C ILE A 223 24.82 11.55 15.94
N ASN A 224 24.09 12.47 16.54
CA ASN A 224 24.64 13.79 16.87
C ASN A 224 24.11 14.39 18.17
N THR A 225 24.98 15.06 18.91
CA THR A 225 24.61 15.64 20.21
C THR A 225 24.96 17.13 20.26
N HIS A 226 24.12 17.88 20.98
CA HIS A 226 24.23 19.34 21.07
C HIS A 226 24.47 19.73 22.52
N GLN A 227 25.50 20.53 22.75
CA GLN A 227 25.83 20.94 24.11
C GLN A 227 26.16 22.44 24.15
N THR A 228 25.65 23.13 25.16
CA THR A 228 25.87 24.56 25.31
C THR A 228 27.22 24.74 26.00
N ASN A 229 28.16 25.40 25.32
CA ASN A 229 29.48 25.71 25.90
C ASN A 229 29.47 26.94 26.79
N LEU A 230 29.04 28.08 26.26
CA LEU A 230 28.78 29.26 27.09
C LEU A 230 27.39 29.81 26.96
N GLN A 231 26.95 30.40 28.06
CA GLN A 231 25.90 31.39 28.05
C GLN A 231 26.24 32.57 28.97
N TRP A 232 27.51 32.99 28.98
CA TRP A 232 27.86 34.29 29.57
C TRP A 232 26.95 35.25 28.84
N THR A 233 26.91 36.48 29.33
CA THR A 233 26.09 37.49 28.69
C THR A 233 26.82 37.86 27.41
N ASN A 234 26.06 38.31 26.41
CA ASN A 234 26.60 38.57 25.07
C ASN A 234 27.23 37.41 24.22
N VAL A 235 27.55 36.20 24.74
CA VAL A 235 27.98 35.07 23.87
C VAL A 235 27.23 33.79 24.21
N HIS A 236 26.73 33.13 23.17
CA HIS A 236 26.05 31.86 23.30
C HIS A 236 26.75 30.89 22.36
N ALA A 237 27.36 29.83 22.90
CA ALA A 237 28.11 28.86 22.10
C ALA A 237 27.54 27.44 22.20
N ILE A 238 27.32 26.78 21.07
CA ILE A 238 26.82 25.41 21.05
C ILE A 238 27.77 24.49 20.27
N GLN A 239 27.96 23.29 20.80
CA GLN A 239 28.95 22.36 20.29
C GLN A 239 28.31 21.12 19.70
N LEU A 240 28.20 21.12 18.37
CA LEU A 240 27.70 19.97 17.63
C LEU A 240 28.76 18.88 17.60
N THR A 241 28.42 17.71 18.14
CA THR A 241 29.29 16.56 18.12
C THR A 241 28.64 15.48 17.27
N LEU A 242 29.37 15.02 16.25
CA LEU A 242 28.91 13.92 15.40
C LEU A 242 29.63 12.66 15.85
N VAL A 243 28.88 11.60 16.18
CA VAL A 243 29.47 10.37 16.71
C VAL A 243 29.22 9.18 15.79
N ASN A 244 30.26 8.39 15.54
CA ASN A 244 30.23 7.28 14.57
C ASN A 244 29.61 7.74 13.25
N VAL A 245 30.37 8.54 12.50
CA VAL A 245 29.83 9.20 11.32
C VAL A 245 29.63 8.21 10.17
N THR A 246 28.42 8.19 9.62
CA THR A 246 28.14 7.40 8.41
C THR A 246 28.50 8.22 7.17
N SER A 247 28.99 7.54 6.13
CA SER A 247 29.35 8.20 4.87
C SER A 247 28.12 8.61 4.06
N GLU A 248 26.93 8.18 4.47
CA GLU A 248 25.68 8.67 3.90
C GLU A 248 25.50 10.19 4.07
N ASP A 249 26.20 10.76 5.05
CA ASP A 249 26.17 12.21 5.29
C ASP A 249 27.33 12.95 4.61
N ASN A 250 27.94 12.34 3.59
CA ASN A 250 28.94 13.04 2.79
C ASN A 250 28.26 14.15 1.99
N GLY A 251 28.93 15.30 1.93
CA GLY A 251 28.42 16.46 1.21
C GLY A 251 27.28 17.19 1.91
N PHE A 252 26.94 16.78 3.12
CA PHE A 252 25.85 17.41 3.88
C PHE A 252 26.28 18.79 4.34
N LEU A 253 25.34 19.73 4.32
CA LEU A 253 25.61 21.10 4.76
C LEU A 253 25.10 21.33 6.18
N LEU A 254 26.02 21.29 7.15
CA LEU A 254 25.69 21.58 8.53
C LEU A 254 25.47 23.07 8.64
N THR A 255 24.30 23.47 9.15
CA THR A 255 24.00 24.89 9.31
C THR A 255 23.65 25.24 10.75
N CYS A 256 24.19 26.37 11.20
CA CYS A 256 23.94 26.89 12.52
C CYS A 256 23.25 28.21 12.36
N ILE A 257 22.28 28.51 13.21
CA ILE A 257 21.57 29.80 13.17
C ILE A 257 21.59 30.47 14.53
N ALA A 258 21.67 31.79 14.51
CA ALA A 258 21.63 32.57 15.72
C ALA A 258 20.58 33.64 15.55
N GLU A 259 19.57 33.60 16.40
CA GLU A 259 18.48 34.56 16.31
C GLU A 259 18.32 35.26 17.63
N ASN A 260 18.04 36.56 17.54
CA ASN A 260 17.43 37.28 18.64
C ASN A 260 16.22 38.00 18.09
N VAL A 261 15.58 38.79 18.94
CA VAL A 261 14.37 39.50 18.57
C VAL A 261 14.58 40.52 17.42
N VAL A 262 15.82 40.90 17.15
CA VAL A 262 16.14 41.80 16.04
C VAL A 262 16.20 41.07 14.70
N GLY A 263 16.73 39.86 14.70
CA GLY A 263 16.87 39.11 13.46
C GLY A 263 17.70 37.86 13.62
N MET A 264 18.27 37.41 12.50
CA MET A 264 18.85 36.08 12.43
C MET A 264 20.06 36.07 11.49
N SER A 265 21.07 35.32 11.88
CA SER A 265 22.25 35.09 11.06
C SER A 265 22.54 33.62 11.04
N GLN A 266 23.19 33.15 9.98
CA GLN A 266 23.55 31.74 9.90
C GLN A 266 24.92 31.51 9.29
N ALA A 267 25.42 30.32 9.53
CA ALA A 267 26.69 29.88 9.00
C ALA A 267 26.53 28.45 8.55
N SER A 268 27.34 28.06 7.56
CA SER A 268 27.26 26.75 6.94
C SER A 268 28.64 26.11 6.91
N VAL A 269 28.69 24.82 7.20
CA VAL A 269 29.93 24.06 7.16
C VAL A 269 29.70 22.85 6.26
N LEU A 270 30.50 22.73 5.21
CA LEU A 270 30.46 21.57 4.33
C LEU A 270 31.08 20.37 5.04
N LEU A 271 30.33 19.28 5.15
CA LEU A 271 30.84 18.03 5.74
C LEU A 271 31.19 17.04 4.62
N THR A 272 32.44 16.57 4.60
CA THR A 272 32.83 15.51 3.67
C THR A 272 33.37 14.29 4.43
N VAL A 273 32.88 13.11 4.06
CA VAL A 273 33.20 11.87 4.76
C VAL A 273 33.59 10.78 3.77
N TYR A 274 34.52 9.92 4.16
CA TYR A 274 35.03 8.86 3.30
C TYR A 274 35.23 7.57 4.08
N THR B 2 23.07 -16.94 5.17
CA THR B 2 22.59 -16.98 6.58
C THR B 2 21.06 -16.80 6.67
N GLY B 3 20.48 -15.99 5.79
CA GLY B 3 19.02 -15.82 5.70
C GLY B 3 18.25 -17.11 5.44
N CYS B 4 18.91 -18.07 4.81
CA CYS B 4 18.32 -19.39 4.51
C CYS B 4 18.21 -20.27 5.75
N PRO B 5 17.09 -21.02 5.90
CA PRO B 5 17.03 -22.00 6.99
C PRO B 5 17.91 -23.19 6.70
N ALA B 6 18.40 -23.85 7.75
CA ALA B 6 19.32 -24.98 7.60
C ALA B 6 18.63 -26.18 6.96
N ASN B 7 19.44 -27.05 6.34
CA ASN B 7 18.98 -28.16 5.51
C ASN B 7 18.75 -27.75 4.06
N CYS B 8 18.29 -26.52 3.86
CA CYS B 8 17.91 -26.04 2.53
C CYS B 8 19.04 -25.30 1.81
N LEU B 9 18.85 -25.10 0.51
CA LEU B 9 19.74 -24.28 -0.30
C LEU B 9 18.92 -23.20 -0.99
N CYS B 10 19.08 -21.97 -0.53
CA CYS B 10 18.25 -20.85 -0.95
C CYS B 10 18.92 -19.98 -2.01
N SER B 11 18.30 -19.96 -3.19
CA SER B 11 18.65 -19.01 -4.24
C SER B 11 18.02 -17.65 -3.93
N LYS B 12 18.10 -16.73 -4.88
CA LYS B 12 17.41 -15.46 -4.78
C LYS B 12 15.97 -15.63 -5.23
N THR B 13 15.74 -16.61 -6.09
CA THR B 13 14.40 -16.90 -6.64
C THR B 13 13.99 -18.38 -6.47
N ASP B 14 14.55 -19.05 -5.47
CA ASP B 14 14.40 -20.50 -5.35
C ASP B 14 14.74 -20.99 -3.94
N ILE B 15 13.92 -21.88 -3.39
CA ILE B 15 14.22 -22.56 -2.13
C ILE B 15 14.14 -24.07 -2.34
N ASN B 16 15.27 -24.76 -2.20
CA ASN B 16 15.32 -26.21 -2.35
C ASN B 16 15.68 -26.88 -1.03
N CYS B 17 14.79 -27.73 -0.52
CA CYS B 17 15.01 -28.47 0.72
C CYS B 17 14.84 -29.96 0.46
N LYS B 18 15.81 -30.54 -0.23
CA LYS B 18 15.73 -31.93 -0.69
C LYS B 18 16.40 -32.92 0.26
N LYS B 19 17.35 -32.46 1.07
CA LYS B 19 17.99 -33.33 2.06
C LYS B 19 16.91 -33.79 3.06
N PRO B 20 16.95 -35.07 3.46
CA PRO B 20 16.05 -35.56 4.51
C PRO B 20 16.09 -34.69 5.77
N ASP B 21 14.97 -34.61 6.48
CA ASP B 21 14.83 -33.65 7.57
C ASP B 21 13.68 -34.04 8.52
N ASP B 22 13.99 -34.08 9.81
CA ASP B 22 13.00 -34.35 10.86
C ASP B 22 12.11 -33.14 11.15
N GLY B 23 12.55 -31.95 10.73
CA GLY B 23 11.79 -30.71 10.91
C GLY B 23 10.38 -30.76 10.34
N ASN B 24 9.51 -29.96 10.95
CA ASN B 24 8.09 -29.86 10.54
C ASN B 24 7.64 -28.41 10.44
N LEU B 25 8.57 -27.51 10.15
CA LEU B 25 8.28 -26.08 10.01
C LEU B 25 8.63 -25.64 8.60
N PHE B 26 7.65 -25.05 7.92
CA PHE B 26 7.85 -24.59 6.56
C PHE B 26 8.95 -23.53 6.55
N PRO B 27 9.76 -23.47 5.48
CA PRO B 27 10.83 -22.49 5.35
C PRO B 27 10.41 -21.05 5.67
N LEU B 28 11.24 -20.38 6.47
CA LEU B 28 11.02 -18.98 6.84
C LEU B 28 12.35 -18.24 6.78
N LEU B 29 12.49 -17.37 5.78
CA LEU B 29 13.75 -16.65 5.56
C LEU B 29 13.96 -15.47 6.52
N GLU B 30 15.25 -15.19 6.81
CA GLU B 30 15.71 -13.95 7.44
C GLU B 30 16.43 -14.28 8.73
N THR B 41 12.77 -5.03 10.53
CA THR B 41 12.92 -5.79 9.28
C THR B 41 11.72 -6.71 9.03
N SER B 42 10.52 -6.20 9.33
CA SER B 42 9.25 -6.83 8.92
C SER B 42 8.90 -6.38 7.49
N ILE B 43 9.46 -5.24 7.08
CA ILE B 43 9.32 -4.73 5.72
C ILE B 43 10.21 -5.52 4.76
N GLN B 44 11.40 -5.88 5.24
CA GLN B 44 12.39 -6.58 4.42
C GLN B 44 12.02 -8.03 4.15
N ILE B 45 11.59 -8.76 5.19
CA ILE B 45 11.22 -10.17 5.04
C ILE B 45 10.14 -10.39 3.97
N THR B 46 9.21 -9.45 3.86
CA THR B 46 8.20 -9.50 2.81
C THR B 46 8.89 -9.32 1.46
N ASP B 47 9.71 -8.27 1.36
CA ASP B 47 10.39 -7.93 0.11
C ASP B 47 11.21 -9.09 -0.46
N ILE B 48 11.97 -9.75 0.38
CA ILE B 48 12.78 -10.90 -0.05
C ILE B 48 11.93 -12.10 -0.49
N SER B 49 10.81 -12.32 0.19
CA SER B 49 9.95 -13.46 -0.10
C SER B 49 9.14 -13.32 -1.40
N ARG B 50 8.83 -12.08 -1.77
CA ARG B 50 8.18 -11.76 -3.05
C ARG B 50 8.98 -12.28 -4.23
N ASN B 51 10.29 -12.05 -4.21
CA ASN B 51 11.15 -12.43 -5.34
C ASN B 51 11.27 -13.95 -5.55
N ILE B 52 10.82 -14.75 -4.58
CA ILE B 52 10.86 -16.23 -4.71
C ILE B 52 9.74 -16.77 -5.58
N THR B 53 10.13 -17.48 -6.64
CA THR B 53 9.22 -18.01 -7.63
C THR B 53 9.05 -19.54 -7.55
N SER B 54 9.82 -20.21 -6.70
CA SER B 54 9.79 -21.66 -6.67
C SER B 54 10.26 -22.26 -5.34
N ILE B 55 9.40 -23.03 -4.70
CA ILE B 55 9.72 -23.74 -3.46
C ILE B 55 9.63 -25.24 -3.71
N HIS B 56 10.59 -25.97 -3.15
CA HIS B 56 10.73 -27.39 -3.40
C HIS B 56 11.14 -28.10 -2.11
N ILE B 57 10.16 -28.70 -1.43
CA ILE B 57 10.42 -29.55 -0.28
C ILE B 57 10.39 -30.99 -0.76
N GLU B 58 11.17 -31.85 -0.10
CA GLU B 58 11.18 -33.27 -0.43
C GLU B 58 11.80 -34.07 0.70
N ASN B 59 11.20 -35.21 1.03
CA ASN B 59 11.70 -36.12 2.07
C ASN B 59 11.63 -35.51 3.48
N TRP B 60 10.57 -34.75 3.73
CA TRP B 60 10.29 -34.20 5.05
C TRP B 60 9.23 -35.07 5.70
N LYS B 61 9.67 -36.20 6.27
CA LYS B 61 8.74 -37.21 6.78
C LYS B 61 7.77 -36.69 7.84
N ASN B 62 8.16 -35.66 8.58
CA ASN B 62 7.34 -35.14 9.67
C ASN B 62 6.53 -33.89 9.34
N LEU B 63 6.67 -33.37 8.12
CA LEU B 63 5.82 -32.26 7.65
C LEU B 63 4.44 -32.78 7.32
N GLN B 64 3.53 -32.71 8.29
CA GLN B 64 2.19 -33.29 8.16
C GLN B 64 1.16 -32.32 7.57
N THR B 65 1.25 -31.05 7.95
CA THR B 65 0.22 -30.07 7.60
C THR B 65 0.83 -28.80 6.96
N LEU B 66 0.07 -28.17 6.08
CA LEU B 66 0.49 -26.93 5.42
C LEU B 66 -0.52 -25.80 5.66
N ASN B 67 -0.14 -24.80 6.46
CA ASN B 67 -1.05 -23.69 6.79
C ASN B 67 -1.00 -22.57 5.77
N ALA B 68 -2.01 -21.72 5.80
CA ALA B 68 -2.05 -20.53 4.94
C ALA B 68 -0.94 -19.58 5.36
N VAL B 69 -0.73 -19.43 6.66
CA VAL B 69 0.34 -18.58 7.18
C VAL B 69 1.69 -18.94 6.55
N ASP B 70 1.96 -20.24 6.39
CA ASP B 70 3.21 -20.71 5.80
C ASP B 70 3.42 -20.16 4.38
N MET B 71 2.34 -20.06 3.62
CA MET B 71 2.38 -19.69 2.21
C MET B 71 2.29 -18.19 1.92
N GLU B 72 1.57 -17.46 2.76
CA GLU B 72 1.15 -16.09 2.45
C GLU B 72 2.28 -15.10 2.14
N LEU B 73 3.45 -15.27 2.73
CA LEU B 73 4.57 -14.39 2.45
C LEU B 73 5.08 -14.50 1.02
N TYR B 74 4.99 -15.70 0.45
CA TYR B 74 5.58 -16.00 -0.85
C TYR B 74 4.62 -15.63 -1.97
N THR B 75 4.37 -14.33 -2.13
CA THR B 75 3.33 -13.85 -3.05
C THR B 75 3.70 -14.04 -4.52
N GLY B 76 5.00 -14.06 -4.80
CA GLY B 76 5.45 -14.23 -6.18
C GLY B 76 5.60 -15.67 -6.62
N LEU B 77 5.23 -16.60 -5.74
CA LEU B 77 5.41 -18.03 -6.00
C LEU B 77 4.71 -18.45 -7.29
N GLN B 78 5.43 -19.24 -8.09
CA GLN B 78 4.92 -19.81 -9.34
C GLN B 78 4.92 -21.34 -9.36
N ARG B 79 5.72 -21.96 -8.52
CA ARG B 79 5.94 -23.39 -8.55
C ARG B 79 6.08 -23.87 -7.11
N LEU B 80 5.20 -24.76 -6.68
CA LEU B 80 5.33 -25.37 -5.36
C LEU B 80 5.43 -26.88 -5.50
N THR B 81 6.40 -27.46 -4.79
CA THR B 81 6.60 -28.89 -4.80
C THR B 81 6.81 -29.36 -3.37
N ILE B 82 5.87 -30.13 -2.85
CA ILE B 82 6.05 -30.86 -1.60
C ILE B 82 5.89 -32.35 -1.93
N ARG B 83 7.02 -33.01 -2.20
CA ARG B 83 7.02 -34.38 -2.70
C ARG B 83 7.59 -35.38 -1.70
N ASN B 84 7.04 -36.59 -1.71
CA ASN B 84 7.59 -37.72 -0.95
C ASN B 84 7.87 -37.37 0.51
N SER B 85 6.86 -36.80 1.15
CA SER B 85 6.96 -36.32 2.52
C SER B 85 5.72 -36.77 3.27
N GLY B 86 5.54 -36.30 4.51
CA GLY B 86 4.47 -36.80 5.37
C GLY B 86 3.16 -36.03 5.30
N LEU B 87 2.94 -35.29 4.22
CA LEU B 87 1.86 -34.30 4.15
C LEU B 87 0.48 -34.95 4.20
N ARG B 88 -0.22 -34.74 5.32
CA ARG B 88 -1.58 -35.24 5.54
C ARG B 88 -2.64 -34.32 4.95
N ASN B 89 -2.54 -33.03 5.22
CA ASN B 89 -3.58 -32.09 4.79
C ASN B 89 -3.13 -30.63 4.62
N ILE B 90 -3.92 -29.88 3.85
CA ILE B 90 -3.63 -28.49 3.52
C ILE B 90 -4.78 -27.64 4.01
N GLN B 91 -4.49 -26.66 4.86
CA GLN B 91 -5.49 -25.80 5.46
C GLN B 91 -6.24 -25.04 4.37
N PRO B 92 -7.56 -24.85 4.53
CA PRO B 92 -8.31 -24.10 3.53
C PRO B 92 -7.73 -22.72 3.24
N ARG B 93 -7.84 -22.30 1.98
CA ARG B 93 -7.38 -20.98 1.55
C ARG B 93 -5.88 -20.83 1.75
N ALA B 94 -5.16 -21.95 1.69
CA ALA B 94 -3.71 -21.93 1.89
C ALA B 94 -3.04 -21.16 0.78
N PHE B 95 -3.54 -21.34 -0.44
CA PHE B 95 -2.92 -20.71 -1.61
C PHE B 95 -3.62 -19.42 -2.03
N ALA B 96 -4.41 -18.84 -1.13
CA ALA B 96 -5.18 -17.62 -1.43
C ALA B 96 -4.29 -16.50 -1.96
N LYS B 97 -3.20 -16.25 -1.22
CA LYS B 97 -2.29 -15.16 -1.52
C LYS B 97 -1.14 -15.55 -2.46
N ASN B 98 -1.25 -16.68 -3.15
CA ASN B 98 -0.24 -17.14 -4.10
C ASN B 98 -0.85 -17.21 -5.50
N PRO B 99 -1.25 -16.07 -6.06
CA PRO B 99 -2.05 -16.05 -7.28
C PRO B 99 -1.33 -16.52 -8.53
N HIS B 100 0.00 -16.42 -8.55
CA HIS B 100 0.78 -16.81 -9.72
C HIS B 100 1.15 -18.29 -9.72
N LEU B 101 0.81 -18.98 -8.65
CA LEU B 101 1.09 -20.40 -8.51
C LEU B 101 0.38 -21.20 -9.61
N ARG B 102 1.15 -21.84 -10.49
CA ARG B 102 0.58 -22.63 -11.59
C ARG B 102 1.02 -24.09 -11.66
N TYR B 103 2.26 -24.38 -11.25
CA TYR B 103 2.73 -25.77 -11.10
C TYR B 103 2.68 -26.18 -9.61
N ILE B 104 1.95 -27.24 -9.29
CA ILE B 104 1.95 -27.81 -7.93
C ILE B 104 2.18 -29.31 -7.97
N ASP B 105 3.13 -29.78 -7.17
CA ASP B 105 3.45 -31.20 -7.06
C ASP B 105 3.33 -31.64 -5.60
N LEU B 106 2.30 -32.44 -5.33
CA LEU B 106 2.03 -32.97 -3.99
C LEU B 106 2.13 -34.49 -3.97
N SER B 107 2.90 -35.07 -4.89
CA SER B 107 2.97 -36.52 -5.03
C SER B 107 3.74 -37.18 -3.89
N GLY B 108 3.41 -38.43 -3.59
CA GLY B 108 4.17 -39.22 -2.63
C GLY B 108 3.92 -38.94 -1.16
N ASN B 109 2.91 -38.15 -0.85
CA ASN B 109 2.66 -37.76 0.54
C ASN B 109 1.68 -38.70 1.23
N ARG B 110 1.02 -38.25 2.30
CA ARG B 110 0.02 -39.06 3.00
C ARG B 110 -1.41 -38.54 2.82
N LEU B 111 -1.70 -37.97 1.66
CA LEU B 111 -3.01 -37.37 1.41
C LEU B 111 -4.06 -38.46 1.20
N THR B 112 -5.09 -38.46 2.05
CA THR B 112 -6.24 -39.35 1.82
C THR B 112 -7.34 -38.64 1.04
N THR B 113 -7.25 -37.32 0.93
CA THR B 113 -8.30 -36.52 0.30
C THR B 113 -7.77 -35.13 -0.02
N LEU B 114 -8.47 -34.42 -0.90
CA LEU B 114 -8.04 -33.08 -1.33
C LEU B 114 -9.23 -32.31 -1.90
N SER B 115 -9.32 -31.01 -1.58
CA SER B 115 -10.43 -30.16 -2.03
C SER B 115 -10.05 -29.31 -3.24
N TRP B 116 -10.93 -29.25 -4.24
CA TRP B 116 -10.71 -28.35 -5.38
C TRP B 116 -10.66 -26.88 -4.96
N GLN B 117 -11.26 -26.57 -3.82
CA GLN B 117 -11.38 -25.19 -3.37
C GLN B 117 -10.03 -24.58 -2.92
N LEU B 118 -9.04 -25.43 -2.63
CA LEU B 118 -7.66 -24.96 -2.47
C LEU B 118 -7.15 -24.23 -3.71
N PHE B 119 -7.61 -24.67 -4.88
CA PHE B 119 -7.09 -24.19 -6.15
C PHE B 119 -8.09 -23.32 -6.93
N GLN B 120 -9.09 -22.81 -6.23
CA GLN B 120 -10.16 -22.05 -6.90
C GLN B 120 -9.71 -20.68 -7.40
N THR B 121 -8.66 -20.11 -6.80
CA THR B 121 -8.16 -18.80 -7.27
C THR B 121 -7.04 -18.96 -8.27
N LEU B 122 -6.56 -20.19 -8.47
CA LEU B 122 -5.37 -20.43 -9.30
C LEU B 122 -5.72 -20.87 -10.71
N ARG B 123 -4.77 -20.69 -11.63
CA ARG B 123 -4.85 -21.21 -12.98
C ARG B 123 -3.78 -22.29 -13.13
N LEU B 124 -4.08 -23.48 -12.60
CA LEU B 124 -3.10 -24.57 -12.57
C LEU B 124 -2.83 -25.15 -13.95
N PHE B 125 -1.57 -25.14 -14.34
CA PHE B 125 -1.15 -25.84 -15.54
C PHE B 125 -0.85 -27.30 -15.22
N ASP B 126 -0.26 -27.55 -14.04
CA ASP B 126 0.14 -28.90 -13.65
C ASP B 126 -0.09 -29.14 -12.16
N LEU B 127 -1.01 -30.06 -11.84
CA LEU B 127 -1.24 -30.51 -10.47
C LEU B 127 -0.92 -31.99 -10.37
N ARG B 128 0.12 -32.35 -9.60
CA ARG B 128 0.59 -33.72 -9.52
C ARG B 128 0.18 -34.39 -8.21
N LEU B 129 -0.65 -35.42 -8.31
CA LEU B 129 -1.20 -36.08 -7.14
C LEU B 129 -0.88 -37.58 -7.11
N GLU B 130 0.14 -37.99 -7.86
CA GLU B 130 0.47 -39.41 -7.95
C GLU B 130 0.95 -39.99 -6.62
N ARG B 131 0.61 -41.25 -6.39
CA ARG B 131 1.14 -42.04 -5.27
C ARG B 131 0.84 -41.43 -3.90
N ASN B 132 -0.41 -41.00 -3.72
CA ASN B 132 -0.93 -40.66 -2.41
C ASN B 132 -1.97 -41.69 -2.05
N PRO B 133 -2.19 -41.93 -0.75
CA PRO B 133 -3.15 -42.92 -0.28
C PRO B 133 -4.60 -42.41 -0.28
N PHE B 134 -5.09 -42.00 -1.45
CA PHE B 134 -6.46 -41.50 -1.60
C PHE B 134 -7.50 -42.56 -1.25
N GLN B 135 -8.57 -42.12 -0.59
CA GLN B 135 -9.71 -42.97 -0.29
C GLN B 135 -10.89 -42.53 -1.15
N CYS B 136 -11.52 -43.47 -1.83
CA CYS B 136 -12.64 -43.15 -2.72
C CYS B 136 -13.77 -42.54 -1.91
N SER B 137 -14.38 -41.51 -2.49
CA SER B 137 -15.34 -40.68 -1.79
C SER B 137 -15.84 -39.62 -2.74
N CYS B 138 -16.92 -38.95 -2.38
CA CYS B 138 -17.41 -37.83 -3.17
C CYS B 138 -16.46 -36.62 -3.08
N ASP B 139 -15.76 -36.52 -1.96
CA ASP B 139 -14.78 -35.46 -1.74
C ASP B 139 -13.73 -35.34 -2.85
N ILE B 140 -13.45 -36.45 -3.56
CA ILE B 140 -12.43 -36.44 -4.61
C ILE B 140 -12.96 -36.70 -6.02
N ARG B 141 -14.28 -36.65 -6.21
CA ARG B 141 -14.80 -36.84 -7.55
C ARG B 141 -14.30 -35.76 -8.49
N TRP B 142 -14.14 -34.54 -7.98
CA TRP B 142 -13.63 -33.44 -8.81
C TRP B 142 -12.36 -33.80 -9.56
N ILE B 143 -11.52 -34.63 -8.93
CA ILE B 143 -10.27 -35.06 -9.54
C ILE B 143 -10.61 -35.90 -10.76
N GLN B 144 -11.49 -36.88 -10.57
CA GLN B 144 -12.00 -37.70 -11.66
C GLN B 144 -12.51 -36.84 -12.80
N LEU B 145 -13.25 -35.79 -12.46
CA LEU B 145 -13.80 -34.89 -13.47
C LEU B 145 -12.71 -34.08 -14.18
N TRP B 146 -11.81 -33.46 -13.41
CA TRP B 146 -10.67 -32.75 -13.98
C TRP B 146 -9.90 -33.66 -14.92
N GLN B 147 -9.77 -34.92 -14.50
CA GLN B 147 -9.08 -35.92 -15.28
C GLN B 147 -9.79 -36.17 -16.62
N GLU B 148 -11.11 -36.24 -16.60
CA GLU B 148 -11.90 -36.44 -17.83
C GLU B 148 -11.77 -35.27 -18.80
N LYS B 149 -11.89 -34.05 -18.29
CA LYS B 149 -11.83 -32.85 -19.13
C LYS B 149 -10.39 -32.34 -19.35
N GLY B 150 -9.39 -33.10 -18.92
CA GLY B 150 -8.00 -32.79 -19.22
C GLY B 150 -7.48 -31.54 -18.56
N GLU B 151 -7.97 -31.27 -17.35
CA GLU B 151 -7.60 -30.08 -16.60
C GLU B 151 -6.32 -30.33 -15.79
N ALA B 152 -5.40 -29.37 -15.83
CA ALA B 152 -4.18 -29.38 -14.99
C ALA B 152 -3.30 -30.63 -15.13
N ASN B 153 -3.29 -31.22 -16.33
CA ASN B 153 -2.46 -32.39 -16.63
C ASN B 153 -2.71 -33.64 -15.79
N LEU B 154 -3.88 -33.74 -15.18
CA LEU B 154 -4.28 -34.96 -14.48
C LEU B 154 -4.54 -36.10 -15.46
N GLN B 155 -4.95 -35.77 -16.68
CA GLN B 155 -5.26 -36.77 -17.73
C GLN B 155 -4.13 -37.76 -18.03
N SER B 156 -2.89 -37.30 -17.87
CA SER B 156 -1.72 -38.16 -18.07
C SER B 156 -1.43 -39.04 -16.85
N GLN B 157 -1.77 -38.54 -15.65
CA GLN B 157 -1.44 -39.22 -14.39
C GLN B 157 -2.30 -40.43 -14.13
N GLN B 158 -1.68 -41.47 -13.57
CA GLN B 158 -2.37 -42.69 -13.23
C GLN B 158 -2.67 -42.67 -11.73
N LEU B 159 -3.93 -42.42 -11.39
CA LEU B 159 -4.33 -42.20 -10.01
C LEU B 159 -5.36 -43.23 -9.56
N HIS B 160 -5.16 -43.76 -8.36
CA HIS B 160 -6.12 -44.68 -7.76
C HIS B 160 -6.64 -44.11 -6.46
N CYS B 161 -7.72 -44.70 -5.98
CA CYS B 161 -8.22 -44.47 -4.65
C CYS B 161 -8.59 -45.83 -4.05
N MET B 162 -8.79 -45.87 -2.74
CA MET B 162 -9.07 -47.12 -2.05
C MET B 162 -10.40 -47.11 -1.29
N ASN B 163 -11.23 -48.11 -1.57
CA ASN B 163 -12.48 -48.32 -0.84
C ASN B 163 -12.21 -48.89 0.56
N LEU B 164 -13.25 -48.89 1.40
CA LEU B 164 -13.11 -49.32 2.79
C LEU B 164 -12.70 -50.78 2.90
N ASP B 165 -13.08 -51.58 1.91
CA ASP B 165 -12.69 -53.00 1.86
C ASP B 165 -11.32 -53.21 1.23
N THR B 166 -10.50 -52.15 1.19
CA THR B 166 -9.12 -52.21 0.70
C THR B 166 -9.00 -52.43 -0.81
N ALA B 167 -10.10 -52.27 -1.53
CA ALA B 167 -10.09 -52.48 -2.97
C ALA B 167 -9.51 -51.25 -3.64
N VAL B 168 -8.59 -51.47 -4.57
CA VAL B 168 -7.93 -50.37 -5.26
C VAL B 168 -8.60 -50.19 -6.60
N ILE B 169 -9.23 -49.03 -6.78
CA ILE B 169 -9.88 -48.73 -8.06
C ILE B 169 -9.24 -47.53 -8.76
N LEU B 170 -9.12 -47.65 -10.09
CA LEU B 170 -8.64 -46.57 -10.93
C LEU B 170 -9.61 -45.43 -10.76
N LEU B 171 -9.10 -44.20 -10.77
CA LEU B 171 -9.94 -43.04 -10.46
C LEU B 171 -10.92 -42.72 -11.59
N ARG B 172 -10.51 -42.95 -12.83
CA ARG B 172 -11.43 -42.86 -13.98
C ARG B 172 -12.70 -43.70 -13.79
N ASN B 173 -12.59 -44.85 -13.13
CA ASN B 173 -13.71 -45.76 -12.96
C ASN B 173 -14.31 -45.74 -11.55
N MET B 174 -14.15 -44.62 -10.85
CA MET B 174 -14.76 -44.49 -9.53
C MET B 174 -16.25 -44.33 -9.77
N ASN B 175 -17.07 -45.07 -9.02
CA ASN B 175 -18.53 -44.93 -9.14
C ASN B 175 -19.18 -44.63 -7.79
N ILE B 176 -19.37 -43.34 -7.52
CA ILE B 176 -20.11 -42.89 -6.34
C ILE B 176 -21.44 -42.36 -6.83
N THR B 177 -22.54 -42.88 -6.26
CA THR B 177 -23.88 -42.42 -6.63
C THR B 177 -24.24 -41.17 -5.83
N GLN B 178 -25.05 -40.31 -6.45
CA GLN B 178 -25.50 -39.07 -5.83
C GLN B 178 -24.31 -38.18 -5.47
N CYS B 179 -23.52 -37.88 -6.49
CA CYS B 179 -22.29 -37.14 -6.31
C CYS B 179 -21.95 -36.51 -7.64
N ASP B 180 -22.50 -35.32 -7.88
CA ASP B 180 -22.39 -34.65 -9.17
C ASP B 180 -22.22 -33.17 -9.02
N LEU B 181 -21.74 -32.55 -10.09
CA LEU B 181 -21.65 -31.10 -10.16
C LEU B 181 -23.02 -30.52 -9.88
N PRO B 182 -23.07 -29.35 -9.24
CA PRO B 182 -24.38 -28.74 -9.06
C PRO B 182 -24.87 -28.10 -10.37
N GLU B 183 -26.18 -28.02 -10.55
CA GLU B 183 -26.75 -27.27 -11.65
C GLU B 183 -27.32 -25.99 -11.06
N ILE B 184 -27.41 -24.95 -11.89
CA ILE B 184 -27.81 -23.64 -11.41
C ILE B 184 -28.79 -22.99 -12.39
N SER B 185 -29.83 -22.36 -11.85
CA SER B 185 -30.81 -21.62 -12.65
C SER B 185 -31.02 -20.25 -12.07
N VAL B 186 -31.52 -19.35 -12.90
CA VAL B 186 -31.83 -17.99 -12.46
C VAL B 186 -33.19 -17.60 -13.02
N SER B 187 -33.96 -16.85 -12.23
CA SER B 187 -35.32 -16.48 -12.61
C SER B 187 -35.37 -15.61 -13.87
N HIS B 188 -34.41 -14.70 -14.03
CA HIS B 188 -34.39 -13.79 -15.16
C HIS B 188 -33.08 -13.85 -15.92
N VAL B 189 -33.16 -13.69 -17.25
CA VAL B 189 -31.98 -13.74 -18.12
C VAL B 189 -31.22 -12.41 -18.05
N ASN B 190 -31.91 -11.32 -18.37
CA ASN B 190 -31.43 -9.96 -18.10
C ASN B 190 -32.46 -9.26 -17.20
N LEU B 191 -32.08 -8.14 -16.60
CA LEU B 191 -32.96 -7.44 -15.66
C LEU B 191 -32.97 -5.95 -15.92
N THR B 192 -34.15 -5.43 -16.24
CA THR B 192 -34.35 -4.00 -16.46
C THR B 192 -35.17 -3.45 -15.29
N VAL B 193 -34.70 -2.34 -14.70
CA VAL B 193 -35.36 -1.74 -13.54
C VAL B 193 -35.31 -0.21 -13.60
N ARG B 194 -36.39 0.43 -13.18
CA ARG B 194 -36.43 1.90 -13.08
C ARG B 194 -35.69 2.35 -11.84
N GLU B 195 -34.88 3.40 -11.96
CA GLU B 195 -34.12 3.92 -10.82
C GLU B 195 -35.05 4.29 -9.67
N GLY B 196 -34.67 3.91 -8.45
CA GLY B 196 -35.49 4.18 -7.28
C GLY B 196 -36.42 3.04 -6.90
N GLU B 197 -36.79 2.19 -7.85
CA GLU B 197 -37.62 1.01 -7.57
C GLU B 197 -36.79 -0.15 -7.03
N ASN B 198 -37.49 -1.20 -6.61
CA ASN B 198 -36.85 -2.43 -6.16
C ASN B 198 -36.92 -3.51 -7.23
N ALA B 199 -36.26 -4.63 -6.97
CA ALA B 199 -36.22 -5.74 -7.91
C ALA B 199 -35.81 -7.03 -7.21
N VAL B 200 -36.38 -8.14 -7.67
CA VAL B 200 -36.13 -9.46 -7.10
C VAL B 200 -35.62 -10.41 -8.18
N ILE B 201 -34.49 -11.05 -7.90
CA ILE B 201 -34.02 -12.17 -8.70
C ILE B 201 -33.83 -13.36 -7.77
N THR B 202 -34.20 -14.53 -8.27
CA THR B 202 -34.05 -15.76 -7.52
C THR B 202 -33.08 -16.66 -8.27
N CYS B 203 -32.05 -17.14 -7.56
CA CYS B 203 -31.10 -18.09 -8.09
C CYS B 203 -31.21 -19.36 -7.29
N GLN B 204 -31.22 -20.49 -7.96
CA GLN B 204 -31.25 -21.77 -7.27
C GLN B 204 -30.19 -22.73 -7.79
N GLY B 205 -29.59 -23.44 -6.84
CA GLY B 205 -28.64 -24.50 -7.15
C GLY B 205 -29.26 -25.80 -6.72
N SER B 206 -28.95 -26.86 -7.45
CA SER B 206 -29.53 -28.15 -7.18
C SER B 206 -28.55 -29.22 -7.57
N GLY B 207 -28.57 -30.31 -6.83
CA GLY B 207 -27.67 -31.42 -7.08
C GLY B 207 -27.44 -32.26 -5.84
N SER B 208 -26.42 -33.10 -5.92
CA SER B 208 -26.07 -33.98 -4.84
C SER B 208 -24.55 -34.09 -4.80
N PRO B 209 -23.91 -33.71 -3.70
CA PRO B 209 -24.57 -33.14 -2.52
C PRO B 209 -25.17 -31.75 -2.73
N LEU B 210 -26.01 -31.33 -1.79
CA LEU B 210 -26.74 -30.07 -1.88
C LEU B 210 -25.78 -28.90 -1.88
N PRO B 211 -25.73 -28.15 -3.00
CA PRO B 211 -24.74 -27.09 -3.09
C PRO B 211 -25.05 -25.90 -2.23
N ASP B 212 -24.01 -25.21 -1.76
CA ASP B 212 -24.16 -23.87 -1.22
C ASP B 212 -24.37 -22.97 -2.44
N VAL B 213 -25.05 -21.86 -2.23
CA VAL B 213 -25.34 -20.92 -3.30
C VAL B 213 -25.13 -19.51 -2.77
N ASP B 214 -24.63 -18.63 -3.62
CA ASP B 214 -24.37 -17.27 -3.19
C ASP B 214 -24.38 -16.30 -4.36
N TRP B 215 -24.93 -15.11 -4.12
CA TRP B 215 -24.81 -14.01 -5.07
C TRP B 215 -23.55 -13.24 -4.75
N THR B 216 -22.51 -13.48 -5.54
CA THR B 216 -21.25 -12.78 -5.39
C THR B 216 -21.41 -11.40 -5.99
N VAL B 217 -21.96 -10.50 -5.19
CA VAL B 217 -22.47 -9.24 -5.69
C VAL B 217 -22.16 -8.07 -4.75
N ALA B 218 -21.03 -8.17 -4.05
CA ALA B 218 -20.67 -7.20 -3.01
C ALA B 218 -20.35 -5.83 -3.58
N ASP B 219 -19.74 -5.79 -4.76
CA ASP B 219 -19.32 -4.52 -5.40
C ASP B 219 -20.50 -3.62 -5.85
N LEU B 220 -21.72 -4.08 -5.59
CA LEU B 220 -22.93 -3.35 -5.94
C LEU B 220 -23.08 -2.11 -5.06
N HIS B 221 -23.36 -0.97 -5.67
CA HIS B 221 -23.57 0.28 -4.94
C HIS B 221 -24.94 0.32 -4.26
N SER B 222 -25.91 -0.40 -4.81
CA SER B 222 -27.28 -0.38 -4.28
C SER B 222 -27.37 -1.18 -2.98
N ILE B 223 -28.46 -0.94 -2.26
CA ILE B 223 -28.77 -1.69 -1.04
C ILE B 223 -29.34 -3.02 -1.50
N ASN B 224 -28.85 -4.12 -0.94
CA ASN B 224 -29.29 -5.45 -1.37
C ASN B 224 -29.34 -6.48 -0.24
N THR B 225 -30.36 -7.35 -0.28
CA THR B 225 -30.57 -8.34 0.76
C THR B 225 -30.67 -9.74 0.18
N HIS B 226 -30.17 -10.71 0.93
CA HIS B 226 -30.08 -12.10 0.50
C HIS B 226 -30.91 -12.97 1.44
N GLN B 227 -31.80 -13.77 0.87
CA GLN B 227 -32.66 -14.59 1.69
C GLN B 227 -32.74 -15.99 1.09
N THR B 228 -32.67 -17.01 1.95
CA THR B 228 -32.67 -18.41 1.53
C THR B 228 -34.00 -19.10 1.51
N ASN B 229 -34.03 -20.18 0.74
CA ASN B 229 -35.05 -21.20 0.85
C ASN B 229 -34.48 -22.63 0.76
N LEU B 230 -34.68 -23.41 1.80
CA LEU B 230 -34.11 -24.76 1.88
C LEU B 230 -35.22 -25.77 2.13
N GLN B 231 -36.43 -25.41 1.75
CA GLN B 231 -37.60 -26.26 2.08
C GLN B 231 -37.59 -27.42 1.09
N TRP B 232 -37.59 -27.08 -0.19
CA TRP B 232 -37.63 -28.06 -1.25
C TRP B 232 -36.31 -28.84 -1.31
N THR B 233 -36.38 -30.17 -1.23
CA THR B 233 -35.19 -30.99 -1.07
C THR B 233 -34.47 -31.05 -2.40
N ASN B 234 -33.15 -31.26 -2.34
CA ASN B 234 -32.25 -31.25 -3.50
C ASN B 234 -32.11 -29.88 -4.15
N VAL B 235 -32.62 -28.86 -3.47
CA VAL B 235 -32.63 -27.50 -4.01
C VAL B 235 -32.28 -26.46 -2.95
N HIS B 236 -31.39 -25.55 -3.32
CA HIS B 236 -31.00 -24.44 -2.47
C HIS B 236 -31.26 -23.18 -3.28
N ALA B 237 -32.18 -22.35 -2.81
CA ALA B 237 -32.58 -21.16 -3.55
C ALA B 237 -32.31 -19.92 -2.73
N ILE B 238 -31.67 -18.92 -3.35
CA ILE B 238 -31.42 -17.65 -2.70
C ILE B 238 -32.01 -16.51 -3.51
N GLN B 239 -32.62 -15.56 -2.81
CA GLN B 239 -33.39 -14.50 -3.41
C GLN B 239 -32.74 -13.15 -3.20
N LEU B 240 -32.01 -12.69 -4.20
CA LEU B 240 -31.39 -11.38 -4.21
C LEU B 240 -32.45 -10.33 -4.42
N THR B 241 -32.59 -9.43 -3.44
CA THR B 241 -33.51 -8.32 -3.54
C THR B 241 -32.70 -7.03 -3.57
N LEU B 242 -32.91 -6.23 -4.60
CA LEU B 242 -32.26 -4.93 -4.73
C LEU B 242 -33.29 -3.87 -4.33
N VAL B 243 -32.96 -3.02 -3.37
CA VAL B 243 -33.92 -2.04 -2.85
C VAL B 243 -33.42 -0.61 -3.11
N ASN B 244 -34.31 0.25 -3.61
CA ASN B 244 -33.98 1.62 -3.98
C ASN B 244 -32.75 1.64 -4.88
N VAL B 245 -32.92 1.17 -6.11
CA VAL B 245 -31.79 0.94 -7.01
C VAL B 245 -31.21 2.26 -7.51
N THR B 246 -29.90 2.44 -7.34
CA THR B 246 -29.18 3.57 -7.91
C THR B 246 -28.77 3.25 -9.34
N SER B 247 -28.79 4.26 -10.21
CA SER B 247 -28.40 4.09 -11.61
C SER B 247 -26.88 3.93 -11.78
N GLU B 248 -26.11 4.15 -10.70
CA GLU B 248 -24.69 3.84 -10.69
C GLU B 248 -24.41 2.36 -10.94
N ASP B 249 -25.39 1.51 -10.70
CA ASP B 249 -25.27 0.07 -10.95
C ASP B 249 -25.83 -0.34 -12.31
N ASN B 250 -25.96 0.61 -13.24
CA ASN B 250 -26.33 0.25 -14.61
C ASN B 250 -25.20 -0.54 -15.26
N GLY B 251 -25.58 -1.57 -16.01
CA GLY B 251 -24.62 -2.42 -16.71
C GLY B 251 -23.86 -3.39 -15.81
N PHE B 252 -24.21 -3.44 -14.52
CA PHE B 252 -23.54 -4.33 -13.58
C PHE B 252 -23.95 -5.77 -13.85
N LEU B 253 -22.99 -6.69 -13.70
CA LEU B 253 -23.26 -8.12 -13.93
C LEU B 253 -23.46 -8.84 -12.60
N LEU B 254 -24.72 -9.11 -12.27
CA LEU B 254 -25.05 -9.87 -11.07
C LEU B 254 -24.70 -11.31 -11.34
N THR B 255 -23.87 -11.91 -10.49
CA THR B 255 -23.49 -13.31 -10.67
C THR B 255 -23.81 -14.15 -9.43
N CYS B 256 -24.34 -15.34 -9.69
CA CYS B 256 -24.68 -16.29 -8.65
C CYS B 256 -23.81 -17.51 -8.86
N ILE B 257 -23.34 -18.11 -7.78
CA ILE B 257 -22.52 -19.33 -7.86
C ILE B 257 -23.10 -20.42 -6.97
N ALA B 258 -22.99 -21.66 -7.43
CA ALA B 258 -23.45 -22.80 -6.67
C ALA B 258 -22.31 -23.80 -6.62
N GLU B 259 -21.85 -24.10 -5.42
CA GLU B 259 -20.74 -25.01 -5.24
C GLU B 259 -21.14 -26.12 -4.31
N ASN B 260 -20.71 -27.32 -4.64
CA ASN B 260 -20.64 -28.40 -3.68
C ASN B 260 -19.23 -28.96 -3.74
N VAL B 261 -19.00 -30.01 -2.97
CA VAL B 261 -17.70 -30.62 -2.89
C VAL B 261 -17.19 -31.17 -4.25
N VAL B 262 -18.11 -31.38 -5.20
CA VAL B 262 -17.75 -31.86 -6.54
C VAL B 262 -17.22 -30.74 -7.43
N GLY B 263 -17.83 -29.56 -7.33
CA GLY B 263 -17.42 -28.44 -8.16
C GLY B 263 -18.35 -27.27 -8.06
N MET B 264 -18.36 -26.44 -9.10
CA MET B 264 -18.99 -25.13 -9.04
C MET B 264 -19.58 -24.74 -10.38
N SER B 265 -20.75 -24.12 -10.34
CA SER B 265 -21.41 -23.59 -11.53
C SER B 265 -21.85 -22.18 -11.23
N GLN B 266 -21.97 -21.36 -12.26
CA GLN B 266 -22.43 -20.00 -12.08
C GLN B 266 -23.34 -19.52 -13.18
N ALA B 267 -24.06 -18.46 -12.86
CA ALA B 267 -24.97 -17.80 -13.79
C ALA B 267 -24.82 -16.30 -13.64
N SER B 268 -25.10 -15.57 -14.71
CA SER B 268 -24.94 -14.13 -14.75
C SER B 268 -26.20 -13.47 -15.26
N VAL B 269 -26.56 -12.34 -14.65
CA VAL B 269 -27.72 -11.56 -15.07
C VAL B 269 -27.26 -10.12 -15.30
N LEU B 270 -27.46 -9.63 -16.51
CA LEU B 270 -27.17 -8.23 -16.83
C LEU B 270 -28.22 -7.34 -16.19
N LEU B 271 -27.78 -6.37 -15.38
CA LEU B 271 -28.68 -5.39 -14.77
C LEU B 271 -28.58 -4.07 -15.53
N THR B 272 -29.71 -3.57 -16.04
CA THR B 272 -29.77 -2.23 -16.65
C THR B 272 -30.77 -1.33 -15.90
N VAL B 273 -30.33 -0.11 -15.59
CA VAL B 273 -31.13 0.83 -14.80
C VAL B 273 -31.15 2.20 -15.46
N TYR B 274 -32.27 2.91 -15.33
CA TYR B 274 -32.45 4.21 -15.95
C TYR B 274 -33.21 5.15 -15.01
N GLY C 3 -5.07 11.39 -0.61
CA GLY C 3 -4.45 10.34 -1.47
C GLY C 3 -5.02 10.28 -2.89
N CYS C 4 -6.30 10.62 -3.03
CA CYS C 4 -7.03 10.47 -4.30
C CYS C 4 -6.68 11.55 -5.33
N PRO C 5 -6.54 11.17 -6.63
CA PRO C 5 -6.39 12.19 -7.66
C PRO C 5 -7.70 12.92 -7.91
N ALA C 6 -7.61 14.17 -8.36
CA ALA C 6 -8.79 15.00 -8.59
C ALA C 6 -9.65 14.47 -9.73
N ASN C 7 -10.94 14.82 -9.70
CA ASN C 7 -11.96 14.28 -10.61
C ASN C 7 -12.58 12.98 -10.09
N CYS C 8 -11.77 12.18 -9.40
CA CYS C 8 -12.19 10.85 -8.96
C CYS C 8 -12.72 10.84 -7.53
N LEU C 9 -13.39 9.75 -7.18
CA LEU C 9 -13.83 9.51 -5.81
C LEU C 9 -13.28 8.16 -5.35
N CYS C 10 -12.30 8.22 -4.46
CA CYS C 10 -11.53 7.04 -4.05
C CYS C 10 -12.02 6.46 -2.73
N SER C 11 -12.53 5.24 -2.81
CA SER C 11 -12.83 4.44 -1.62
C SER C 11 -11.53 3.85 -1.07
N LYS C 12 -11.65 2.95 -0.10
CA LYS C 12 -10.51 2.18 0.38
C LYS C 12 -10.26 1.00 -0.56
N THR C 13 -11.32 0.53 -1.22
CA THR C 13 -11.26 -0.62 -2.12
C THR C 13 -11.85 -0.32 -3.51
N ASP C 14 -11.84 0.95 -3.91
CA ASP C 14 -12.56 1.36 -5.11
C ASP C 14 -12.07 2.73 -5.60
N ILE C 15 -11.87 2.85 -6.92
CA ILE C 15 -11.57 4.14 -7.55
C ILE C 15 -12.58 4.40 -8.66
N ASN C 16 -13.40 5.43 -8.50
CA ASN C 16 -14.40 5.81 -9.50
C ASN C 16 -14.10 7.19 -10.10
N CYS C 17 -13.86 7.22 -11.41
CA CYS C 17 -13.57 8.46 -12.13
C CYS C 17 -14.56 8.61 -13.27
N LYS C 18 -15.80 8.92 -12.93
CA LYS C 18 -16.90 8.97 -13.90
C LYS C 18 -17.17 10.38 -14.45
N LYS C 19 -16.78 11.42 -13.71
CA LYS C 19 -16.91 12.78 -14.20
C LYS C 19 -16.05 12.94 -15.45
N PRO C 20 -16.58 13.64 -16.48
CA PRO C 20 -15.76 13.95 -17.67
C PRO C 20 -14.41 14.59 -17.30
N ASP C 21 -13.39 14.34 -18.13
CA ASP C 21 -12.03 14.73 -17.78
C ASP C 21 -11.12 14.77 -19.02
N ASP C 22 -10.41 15.90 -19.18
CA ASP C 22 -9.44 16.07 -20.26
C ASP C 22 -8.13 15.34 -20.00
N GLY C 23 -7.90 14.96 -18.74
CA GLY C 23 -6.70 14.23 -18.34
C GLY C 23 -6.48 12.95 -19.12
N ASN C 24 -5.21 12.57 -19.23
CA ASN C 24 -4.79 11.35 -19.93
C ASN C 24 -3.78 10.53 -19.11
N LEU C 25 -3.85 10.65 -17.79
CA LEU C 25 -2.95 9.94 -16.89
C LEU C 25 -3.77 9.02 -16.00
N PHE C 26 -3.44 7.73 -16.01
CA PHE C 26 -4.16 6.76 -15.20
C PHE C 26 -4.02 7.13 -13.71
N PRO C 27 -5.06 6.87 -12.90
CA PRO C 27 -5.05 7.19 -11.45
C PRO C 27 -3.85 6.63 -10.66
N LEU C 28 -3.53 7.30 -9.55
CA LEU C 28 -2.37 6.92 -8.72
C LEU C 28 -2.39 7.66 -7.37
N THR C 46 2.56 1.27 -2.61
CA THR C 46 2.23 -0.13 -2.93
C THR C 46 1.14 -0.71 -2.01
N ASP C 47 1.34 -0.57 -0.70
CA ASP C 47 0.41 -1.14 0.30
C ASP C 47 -1.03 -0.67 0.09
N ILE C 48 -1.20 0.62 -0.14
CA ILE C 48 -2.54 1.17 -0.37
C ILE C 48 -3.17 0.68 -1.68
N SER C 49 -2.35 0.49 -2.72
CA SER C 49 -2.86 0.08 -4.03
C SER C 49 -3.26 -1.39 -4.10
N ARG C 50 -2.64 -2.22 -3.27
CA ARG C 50 -3.01 -3.63 -3.12
C ARG C 50 -4.46 -3.78 -2.72
N ASN C 51 -4.90 -3.00 -1.73
CA ASN C 51 -6.25 -3.12 -1.18
C ASN C 51 -7.37 -2.77 -2.17
N ILE C 52 -7.01 -2.13 -3.30
CA ILE C 52 -7.98 -1.76 -4.32
C ILE C 52 -8.40 -2.94 -5.19
N THR C 53 -9.71 -3.20 -5.20
CA THR C 53 -10.27 -4.33 -5.93
C THR C 53 -11.06 -3.92 -7.18
N SER C 54 -11.24 -2.63 -7.41
CA SER C 54 -12.09 -2.18 -8.51
C SER C 54 -11.76 -0.76 -8.99
N ILE C 55 -11.41 -0.63 -10.27
CA ILE C 55 -11.16 0.66 -10.89
C ILE C 55 -12.20 0.88 -11.99
N HIS C 56 -12.69 2.12 -12.07
CA HIS C 56 -13.78 2.48 -12.98
C HIS C 56 -13.52 3.86 -13.57
N ILE C 57 -12.99 3.90 -14.79
CA ILE C 57 -12.84 5.13 -15.55
C ILE C 57 -14.02 5.22 -16.51
N GLU C 58 -14.44 6.44 -16.82
CA GLU C 58 -15.52 6.65 -17.79
C GLU C 58 -15.51 8.09 -18.28
N ASN C 59 -15.71 8.28 -19.58
CA ASN C 59 -15.79 9.61 -20.20
C ASN C 59 -14.45 10.36 -20.15
N TRP C 60 -13.35 9.63 -20.30
CA TRP C 60 -12.02 10.21 -20.40
C TRP C 60 -11.64 10.26 -21.87
N LYS C 61 -12.13 11.28 -22.57
CA LYS C 61 -11.99 11.36 -24.03
C LYS C 61 -10.54 11.31 -24.53
N ASN C 62 -9.61 11.76 -23.69
CA ASN C 62 -8.19 11.84 -24.08
C ASN C 62 -7.30 10.70 -23.59
N LEU C 63 -7.85 9.78 -22.81
CA LEU C 63 -7.14 8.57 -22.40
C LEU C 63 -7.05 7.61 -23.57
N GLN C 64 -5.95 7.68 -24.31
CA GLN C 64 -5.80 6.90 -25.55
C GLN C 64 -5.16 5.53 -25.33
N THR C 65 -4.19 5.46 -24.43
CA THR C 65 -3.39 4.26 -24.26
C THR C 65 -3.31 3.80 -22.79
N LEU C 66 -3.16 2.50 -22.59
CA LEU C 66 -3.06 1.92 -21.25
C LEU C 66 -1.79 1.09 -21.13
N ASN C 67 -0.82 1.59 -20.35
CA ASN C 67 0.48 0.90 -20.19
C ASN C 67 0.43 -0.13 -19.08
N ALA C 68 1.41 -1.02 -19.09
CA ALA C 68 1.56 -2.00 -18.01
C ALA C 68 1.92 -1.28 -16.72
N VAL C 69 2.78 -0.27 -16.81
CA VAL C 69 3.17 0.54 -15.66
C VAL C 69 1.93 1.07 -14.91
N ASP C 70 0.94 1.53 -15.65
CA ASP C 70 -0.30 2.05 -15.07
C ASP C 70 -1.00 1.03 -14.15
N MET C 71 -0.96 -0.23 -14.57
CA MET C 71 -1.71 -1.31 -13.91
C MET C 71 -0.95 -2.02 -12.80
N GLU C 72 0.37 -2.10 -12.92
CA GLU C 72 1.16 -3.02 -12.09
C GLU C 72 1.05 -2.81 -10.58
N LEU C 73 0.82 -1.58 -10.13
CA LEU C 73 0.67 -1.32 -8.70
C LEU C 73 -0.59 -1.95 -8.11
N TYR C 74 -1.64 -2.06 -8.91
CA TYR C 74 -2.95 -2.50 -8.43
C TYR C 74 -3.03 -4.02 -8.47
N THR C 75 -2.25 -4.68 -7.62
CA THR C 75 -2.11 -6.14 -7.68
C THR C 75 -3.37 -6.87 -7.22
N GLY C 76 -4.15 -6.24 -6.35
CA GLY C 76 -5.36 -6.85 -5.84
C GLY C 76 -6.57 -6.64 -6.71
N LEU C 77 -6.39 -5.99 -7.86
CA LEU C 77 -7.50 -5.62 -8.73
C LEU C 77 -8.31 -6.85 -9.17
N GLN C 78 -9.63 -6.72 -9.10
CA GLN C 78 -10.58 -7.76 -9.53
C GLN C 78 -11.51 -7.32 -10.65
N ARG C 79 -11.68 -6.01 -10.80
CA ARG C 79 -12.65 -5.45 -11.72
C ARG C 79 -12.04 -4.21 -12.34
N LEU C 80 -11.92 -4.20 -13.67
CA LEU C 80 -11.46 -3.01 -14.37
C LEU C 80 -12.50 -2.57 -15.38
N THR C 81 -12.81 -1.28 -15.37
CA THR C 81 -13.77 -0.71 -16.31
C THR C 81 -13.21 0.58 -16.88
N ILE C 82 -12.91 0.57 -18.18
CA ILE C 82 -12.58 1.79 -18.91
C ILE C 82 -13.62 1.90 -20.03
N ARG C 83 -14.70 2.64 -19.75
CA ARG C 83 -15.85 2.70 -20.64
C ARG C 83 -16.02 4.09 -21.27
N ASN C 84 -16.52 4.11 -22.51
CA ASN C 84 -16.94 5.34 -23.19
C ASN C 84 -15.87 6.43 -23.12
N SER C 85 -14.66 6.06 -23.50
CA SER C 85 -13.50 6.94 -23.43
C SER C 85 -12.72 6.82 -24.73
N GLY C 86 -11.53 7.43 -24.79
CA GLY C 86 -10.77 7.49 -26.04
C GLY C 86 -9.77 6.36 -26.27
N LEU C 87 -9.97 5.24 -25.58
CA LEU C 87 -8.94 4.20 -25.52
C LEU C 87 -8.67 3.53 -26.87
N ARG C 88 -7.50 3.81 -27.43
CA ARG C 88 -7.06 3.23 -28.71
C ARG C 88 -6.42 1.85 -28.55
N ASN C 89 -5.53 1.70 -27.59
CA ASN C 89 -4.79 0.44 -27.45
C ASN C 89 -4.25 0.17 -26.05
N ILE C 90 -3.96 -1.11 -25.80
CA ILE C 90 -3.45 -1.58 -24.52
C ILE C 90 -2.10 -2.24 -24.74
N GLN C 91 -1.09 -1.74 -24.05
CA GLN C 91 0.28 -2.24 -24.18
C GLN C 91 0.34 -3.72 -23.81
N PRO C 92 1.15 -4.51 -24.54
CA PRO C 92 1.27 -5.94 -24.22
C PRO C 92 1.65 -6.19 -22.77
N ARG C 93 1.11 -7.27 -22.21
CA ARG C 93 1.40 -7.68 -20.84
C ARG C 93 0.96 -6.62 -19.83
N ALA C 94 -0.06 -5.84 -20.18
CA ALA C 94 -0.55 -4.78 -19.32
C ALA C 94 -1.13 -5.37 -18.04
N PHE C 95 -1.83 -6.49 -18.17
CA PHE C 95 -2.50 -7.10 -17.04
C PHE C 95 -1.70 -8.24 -16.42
N ALA C 96 -0.40 -8.30 -16.72
CA ALA C 96 0.47 -9.37 -16.21
C ALA C 96 0.39 -9.48 -14.70
N LYS C 97 0.54 -8.34 -14.01
CA LYS C 97 0.59 -8.29 -12.54
C LYS C 97 -0.77 -8.10 -11.88
N ASN C 98 -1.86 -8.31 -12.62
CA ASN C 98 -3.20 -8.19 -12.09
C ASN C 98 -3.91 -9.55 -12.18
N PRO C 99 -3.41 -10.55 -11.43
CA PRO C 99 -3.86 -11.93 -11.62
C PRO C 99 -5.30 -12.19 -11.20
N HIS C 100 -5.83 -11.39 -10.28
CA HIS C 100 -7.19 -11.59 -9.78
C HIS C 100 -8.24 -10.91 -10.66
N LEU C 101 -7.79 -10.17 -11.66
CA LEU C 101 -8.69 -9.47 -12.58
C LEU C 101 -9.57 -10.45 -13.33
N ARG C 102 -10.88 -10.38 -13.10
CA ARG C 102 -11.84 -11.29 -13.76
C ARG C 102 -12.97 -10.58 -14.54
N TYR C 103 -13.42 -9.41 -14.08
CA TYR C 103 -14.36 -8.58 -14.85
C TYR C 103 -13.60 -7.45 -15.55
N ILE C 104 -13.69 -7.36 -16.88
CA ILE C 104 -13.13 -6.25 -17.63
C ILE C 104 -14.17 -5.66 -18.59
N ASP C 105 -14.33 -4.33 -18.55
CA ASP C 105 -15.26 -3.62 -19.42
C ASP C 105 -14.51 -2.54 -20.20
N LEU C 106 -14.35 -2.76 -21.50
CA LEU C 106 -13.66 -1.83 -22.39
C LEU C 106 -14.60 -1.29 -23.47
N SER C 107 -15.89 -1.26 -23.18
CA SER C 107 -16.88 -0.86 -24.18
C SER C 107 -16.85 0.64 -24.45
N GLY C 108 -17.25 1.02 -25.66
CA GLY C 108 -17.43 2.43 -26.03
C GLY C 108 -16.17 3.22 -26.33
N ASN C 109 -15.03 2.54 -26.46
CA ASN C 109 -13.75 3.23 -26.67
C ASN C 109 -13.44 3.35 -28.17
N ARG C 110 -12.16 3.55 -28.51
CA ARG C 110 -11.72 3.65 -29.91
C ARG C 110 -10.90 2.45 -30.36
N LEU C 111 -11.19 1.28 -29.83
CA LEU C 111 -10.44 0.07 -30.14
C LEU C 111 -10.76 -0.42 -31.55
N THR C 112 -9.74 -0.49 -32.42
CA THR C 112 -9.90 -1.11 -33.74
C THR C 112 -9.51 -2.58 -33.71
N THR C 113 -8.81 -3.00 -32.66
CA THR C 113 -8.31 -4.37 -32.56
C THR C 113 -7.92 -4.68 -31.11
N LEU C 114 -7.78 -5.97 -30.81
CA LEU C 114 -7.46 -6.41 -29.45
C LEU C 114 -6.86 -7.81 -29.48
N SER C 115 -5.85 -8.04 -28.65
CA SER C 115 -5.14 -9.33 -28.62
C SER C 115 -5.60 -10.20 -27.43
N TRP C 116 -5.85 -11.49 -27.69
CA TRP C 116 -6.16 -12.44 -26.61
C TRP C 116 -5.02 -12.56 -25.59
N GLN C 117 -3.80 -12.23 -26.03
CA GLN C 117 -2.61 -12.40 -25.21
C GLN C 117 -2.56 -11.42 -24.03
N LEU C 118 -3.33 -10.33 -24.10
CA LEU C 118 -3.54 -9.47 -22.93
C LEU C 118 -4.14 -10.23 -21.76
N PHE C 119 -4.97 -11.22 -22.07
CA PHE C 119 -5.77 -11.92 -21.07
C PHE C 119 -5.31 -13.36 -20.88
N GLN C 120 -4.09 -13.68 -21.30
CA GLN C 120 -3.60 -15.05 -21.27
C GLN C 120 -3.31 -15.54 -19.85
N THR C 121 -3.02 -14.63 -18.92
CA THR C 121 -2.79 -15.01 -17.52
C THR C 121 -4.05 -14.94 -16.66
N LEU C 122 -5.14 -14.41 -17.21
CA LEU C 122 -6.36 -14.16 -16.44
C LEU C 122 -7.42 -15.26 -16.65
N ARG C 123 -8.34 -15.36 -15.69
CA ARG C 123 -9.54 -16.19 -15.83
C ARG C 123 -10.74 -15.26 -15.91
N LEU C 124 -10.98 -14.71 -17.10
CA LEU C 124 -12.04 -13.73 -17.28
C LEU C 124 -13.43 -14.34 -17.20
N PHE C 125 -14.24 -13.81 -16.29
CA PHE C 125 -15.65 -14.16 -16.23
C PHE C 125 -16.44 -13.29 -17.21
N ASP C 126 -16.08 -12.01 -17.32
CA ASP C 126 -16.80 -11.06 -18.16
C ASP C 126 -15.84 -10.10 -18.86
N LEU C 127 -15.79 -10.18 -20.19
CA LEU C 127 -15.04 -9.24 -21.01
C LEU C 127 -16.02 -8.50 -21.91
N ARG C 128 -16.16 -7.19 -21.72
CA ARG C 128 -17.15 -6.40 -22.47
C ARG C 128 -16.49 -5.54 -23.55
N LEU C 129 -16.80 -5.82 -24.80
CA LEU C 129 -16.18 -5.15 -25.94
C LEU C 129 -17.19 -4.46 -26.84
N GLU C 130 -18.39 -4.21 -26.32
CA GLU C 130 -19.46 -3.62 -27.15
C GLU C 130 -19.13 -2.20 -27.61
N ARG C 131 -19.59 -1.87 -28.82
CA ARG C 131 -19.54 -0.51 -29.35
C ARG C 131 -18.11 0.07 -29.43
N ASN C 132 -17.18 -0.74 -29.94
CA ASN C 132 -15.86 -0.27 -30.33
C ASN C 132 -15.77 -0.38 -31.83
N PRO C 133 -14.94 0.47 -32.47
CA PRO C 133 -14.82 0.48 -33.93
C PRO C 133 -13.88 -0.60 -34.47
N PHE C 134 -14.19 -1.86 -34.18
CA PHE C 134 -13.37 -3.00 -34.61
C PHE C 134 -13.30 -3.09 -36.14
N GLN C 135 -12.13 -3.46 -36.64
CA GLN C 135 -11.93 -3.72 -38.06
C GLN C 135 -11.72 -5.20 -38.25
N CYS C 136 -12.46 -5.80 -39.19
CA CYS C 136 -12.39 -7.24 -39.42
C CYS C 136 -11.00 -7.60 -39.88
N SER C 137 -10.51 -8.72 -39.36
CA SER C 137 -9.12 -9.12 -39.53
C SER C 137 -8.91 -10.43 -38.81
N CYS C 138 -7.80 -11.09 -39.09
CA CYS C 138 -7.45 -12.31 -38.37
C CYS C 138 -7.09 -11.99 -36.91
N ASP C 139 -6.59 -10.78 -36.68
CA ASP C 139 -6.22 -10.31 -35.34
C ASP C 139 -7.35 -10.45 -34.30
N ILE C 140 -8.60 -10.42 -34.76
CA ILE C 140 -9.75 -10.50 -33.85
C ILE C 140 -10.61 -11.76 -34.00
N ARG C 141 -10.12 -12.76 -34.74
CA ARG C 141 -10.90 -13.99 -34.89
C ARG C 141 -11.11 -14.66 -33.53
N TRP C 142 -10.11 -14.57 -32.66
CA TRP C 142 -10.22 -15.15 -31.32
C TRP C 142 -11.50 -14.74 -30.60
N ILE C 143 -11.95 -13.50 -30.85
CA ILE C 143 -13.17 -12.99 -30.24
C ILE C 143 -14.35 -13.79 -30.77
N GLN C 144 -14.42 -13.93 -32.10
CA GLN C 144 -15.42 -14.76 -32.74
C GLN C 144 -15.43 -16.17 -32.15
N LEU C 145 -14.25 -16.74 -31.92
CA LEU C 145 -14.14 -18.08 -31.34
C LEU C 145 -14.63 -18.11 -29.90
N TRP C 146 -14.13 -17.19 -29.07
CA TRP C 146 -14.61 -17.09 -27.68
C TRP C 146 -16.13 -16.96 -27.65
N GLN C 147 -16.65 -16.19 -28.59
CA GLN C 147 -18.08 -15.97 -28.72
C GLN C 147 -18.82 -17.28 -29.01
N GLU C 148 -18.26 -18.10 -29.90
CA GLU C 148 -18.85 -19.40 -30.24
C GLU C 148 -18.86 -20.36 -29.05
N LYS C 149 -17.74 -20.46 -28.35
CA LYS C 149 -17.64 -21.39 -27.21
C LYS C 149 -18.12 -20.79 -25.89
N GLY C 150 -18.70 -19.59 -25.93
CA GLY C 150 -19.33 -19.00 -24.74
C GLY C 150 -18.38 -18.57 -23.66
N GLU C 151 -17.19 -18.12 -24.07
CA GLU C 151 -16.12 -17.74 -23.15
C GLU C 151 -16.28 -16.28 -22.72
N ALA C 152 -16.13 -16.01 -21.43
CA ALA C 152 -16.11 -14.64 -20.87
C ALA C 152 -17.34 -13.79 -21.20
N ASN C 153 -18.50 -14.43 -21.33
CA ASN C 153 -19.77 -13.75 -21.61
C ASN C 153 -19.86 -12.95 -22.91
N LEU C 154 -19.00 -13.25 -23.88
CA LEU C 154 -19.08 -12.62 -25.19
C LEU C 154 -20.30 -13.12 -25.97
N GLN C 155 -20.75 -14.34 -25.67
CA GLN C 155 -21.90 -14.96 -26.34
C GLN C 155 -23.19 -14.12 -26.27
N SER C 156 -23.35 -13.36 -25.20
CA SER C 156 -24.52 -12.48 -25.04
C SER C 156 -24.35 -11.17 -25.81
N GLN C 157 -23.10 -10.70 -25.96
CA GLN C 157 -22.81 -9.41 -26.57
C GLN C 157 -23.00 -9.40 -28.08
N GLN C 158 -23.50 -8.28 -28.60
CA GLN C 158 -23.69 -8.09 -30.02
C GLN C 158 -22.55 -7.25 -30.56
N LEU C 159 -21.62 -7.90 -31.27
CA LEU C 159 -20.38 -7.26 -31.70
C LEU C 159 -20.25 -7.28 -33.21
N HIS C 160 -19.84 -6.15 -33.78
CA HIS C 160 -19.57 -6.06 -35.21
C HIS C 160 -18.13 -5.67 -35.44
N CYS C 161 -17.68 -5.85 -36.68
CA CYS C 161 -16.42 -5.31 -37.16
C CYS C 161 -16.66 -4.72 -38.53
N MET C 162 -15.70 -3.92 -39.01
CA MET C 162 -15.86 -3.23 -40.29
C MET C 162 -14.75 -3.56 -41.30
N ASN C 163 -15.17 -3.99 -42.49
CA ASN C 163 -14.25 -4.23 -43.61
C ASN C 163 -13.74 -2.92 -44.20
N LEU C 164 -12.72 -3.01 -45.05
CA LEU C 164 -12.09 -1.83 -45.63
C LEU C 164 -13.05 -1.02 -46.51
N ASP C 165 -14.03 -1.69 -47.10
CA ASP C 165 -15.07 -1.02 -47.89
C ASP C 165 -16.23 -0.47 -47.02
N THR C 166 -15.98 -0.32 -45.72
CA THR C 166 -16.95 0.26 -44.77
C THR C 166 -18.16 -0.63 -44.49
N ALA C 167 -18.09 -1.90 -44.89
CA ALA C 167 -19.20 -2.83 -44.67
C ALA C 167 -19.18 -3.29 -43.23
N VAL C 168 -20.34 -3.27 -42.58
CA VAL C 168 -20.46 -3.66 -41.18
C VAL C 168 -20.96 -5.10 -41.12
N ILE C 169 -20.13 -6.01 -40.61
CA ILE C 169 -20.54 -7.40 -40.49
C ILE C 169 -20.59 -7.85 -39.03
N LEU C 170 -21.60 -8.65 -38.71
CA LEU C 170 -21.72 -9.28 -37.41
C LEU C 170 -20.49 -10.15 -37.21
N LEU C 171 -19.99 -10.21 -35.99
CA LEU C 171 -18.72 -10.91 -35.72
C LEU C 171 -18.86 -12.43 -35.82
N ARG C 172 -20.01 -12.95 -35.44
CA ARG C 172 -20.33 -14.37 -35.65
C ARG C 172 -20.15 -14.81 -37.10
N ASN C 173 -20.44 -13.91 -38.04
CA ASN C 173 -20.38 -14.23 -39.47
C ASN C 173 -19.16 -13.63 -40.17
N MET C 174 -18.09 -13.39 -39.42
CA MET C 174 -16.85 -12.92 -40.02
C MET C 174 -16.26 -14.11 -40.78
N ASN C 175 -15.85 -13.89 -42.02
CA ASN C 175 -15.23 -14.96 -42.81
C ASN C 175 -13.86 -14.54 -43.32
N ILE C 176 -12.83 -14.88 -42.55
CA ILE C 176 -11.45 -14.70 -42.98
C ILE C 176 -10.89 -16.09 -43.31
N THR C 177 -10.36 -16.26 -44.52
CA THR C 177 -9.76 -17.52 -44.93
C THR C 177 -8.33 -17.60 -44.44
N GLN C 178 -7.87 -18.83 -44.16
CA GLN C 178 -6.51 -19.09 -43.67
C GLN C 178 -6.25 -18.34 -42.37
N CYS C 179 -7.09 -18.62 -41.38
CA CYS C 179 -7.05 -17.91 -40.12
C CYS C 179 -7.69 -18.82 -39.07
N ASP C 180 -6.87 -19.69 -38.47
CA ASP C 180 -7.36 -20.72 -37.57
C ASP C 180 -6.40 -20.96 -36.41
N LEU C 181 -6.91 -21.59 -35.36
CA LEU C 181 -6.09 -22.01 -34.22
C LEU C 181 -4.97 -22.90 -34.73
N PRO C 182 -3.79 -22.84 -34.08
CA PRO C 182 -2.71 -23.72 -34.51
C PRO C 182 -2.93 -25.13 -33.96
N GLU C 183 -2.42 -26.13 -34.68
CA GLU C 183 -2.38 -27.50 -34.19
C GLU C 183 -0.96 -27.81 -33.80
N ILE C 184 -0.79 -28.75 -32.87
CA ILE C 184 0.53 -29.05 -32.32
C ILE C 184 0.74 -30.56 -32.19
N SER C 185 1.93 -31.01 -32.55
CA SER C 185 2.32 -32.41 -32.43
C SER C 185 3.66 -32.53 -31.73
N VAL C 186 3.93 -33.69 -31.17
CA VAL C 186 5.21 -33.96 -30.52
C VAL C 186 5.69 -35.35 -30.93
N SER C 187 7.00 -35.49 -31.11
CA SER C 187 7.59 -36.74 -31.59
C SER C 187 7.35 -37.92 -30.64
N HIS C 188 7.41 -37.67 -29.34
CA HIS C 188 7.25 -38.72 -28.34
C HIS C 188 6.16 -38.40 -27.33
N VAL C 189 5.43 -39.42 -26.91
CA VAL C 189 4.33 -39.27 -25.94
C VAL C 189 4.89 -39.11 -24.51
N ASN C 190 5.67 -40.09 -24.08
CA ASN C 190 6.50 -39.98 -22.88
C ASN C 190 7.96 -40.18 -23.28
N LEU C 191 8.90 -39.83 -22.40
CA LEU C 191 10.32 -39.92 -22.72
C LEU C 191 11.11 -40.55 -21.57
N THR C 192 11.74 -41.69 -21.85
CA THR C 192 12.59 -42.39 -20.87
C THR C 192 14.05 -42.24 -21.32
N VAL C 193 14.93 -41.85 -20.38
CA VAL C 193 16.35 -41.60 -20.69
C VAL C 193 17.23 -42.05 -19.54
N ARG C 194 18.40 -42.61 -19.87
CA ARG C 194 19.40 -42.98 -18.87
C ARG C 194 20.15 -41.73 -18.41
N GLU C 195 20.37 -41.59 -17.10
CA GLU C 195 21.11 -40.45 -16.56
C GLU C 195 22.49 -40.32 -17.20
N GLY C 196 22.85 -39.10 -17.58
CA GLY C 196 24.14 -38.85 -18.22
C GLY C 196 24.08 -38.84 -19.74
N GLU C 197 23.10 -39.53 -20.32
CA GLU C 197 22.90 -39.54 -21.77
C GLU C 197 22.14 -38.30 -22.25
N ASN C 198 22.06 -38.15 -23.57
CA ASN C 198 21.29 -37.07 -24.19
C ASN C 198 19.96 -37.58 -24.69
N ALA C 199 19.12 -36.66 -25.17
CA ALA C 199 17.80 -37.01 -25.71
C ALA C 199 17.25 -35.88 -26.58
N VAL C 200 16.50 -36.27 -27.61
CA VAL C 200 15.93 -35.32 -28.56
C VAL C 200 14.41 -35.49 -28.63
N ILE C 201 13.69 -34.38 -28.46
CA ILE C 201 12.27 -34.34 -28.76
C ILE C 201 12.03 -33.22 -29.76
N THR C 202 11.12 -33.46 -30.70
CA THR C 202 10.77 -32.50 -31.71
C THR C 202 9.29 -32.15 -31.53
N CYS C 203 9.00 -30.85 -31.42
CA CYS C 203 7.63 -30.34 -31.35
C CYS C 203 7.38 -29.49 -32.57
N GLN C 204 6.22 -29.66 -33.20
CA GLN C 204 5.87 -28.85 -34.34
C GLN C 204 4.47 -28.26 -34.21
N GLY C 205 4.35 -27.00 -34.61
CA GLY C 205 3.07 -26.31 -34.69
C GLY C 205 2.78 -26.05 -36.14
N SER C 206 1.50 -26.07 -36.50
CA SER C 206 1.11 -25.89 -37.88
C SER C 206 -0.25 -25.22 -37.91
N GLY C 207 -0.46 -24.39 -38.93
CA GLY C 207 -1.70 -23.67 -39.09
C GLY C 207 -1.53 -22.40 -39.91
N SER C 208 -2.53 -21.55 -39.84
CA SER C 208 -2.52 -20.30 -40.57
C SER C 208 -3.21 -19.23 -39.69
N PRO C 209 -2.53 -18.15 -39.32
CA PRO C 209 -1.12 -17.91 -39.67
C PRO C 209 -0.15 -18.87 -38.98
N LEU C 210 1.08 -18.89 -39.49
CA LEU C 210 2.13 -19.78 -39.03
C LEU C 210 2.44 -19.50 -37.56
N PRO C 211 2.17 -20.46 -36.67
CA PRO C 211 2.35 -20.18 -35.25
C PRO C 211 3.80 -20.12 -34.84
N ASP C 212 4.09 -19.32 -33.82
CA ASP C 212 5.34 -19.40 -33.11
C ASP C 212 5.23 -20.65 -32.27
N VAL C 213 6.37 -21.25 -31.95
CA VAL C 213 6.42 -22.46 -31.14
C VAL C 213 7.55 -22.32 -30.16
N ASP C 214 7.36 -22.84 -28.95
CA ASP C 214 8.38 -22.77 -27.93
C ASP C 214 8.24 -23.88 -26.90
N TRP C 215 9.38 -24.39 -26.45
CA TRP C 215 9.44 -25.30 -25.32
C TRP C 215 9.58 -24.46 -24.04
N THR C 216 8.47 -24.28 -23.34
CA THR C 216 8.47 -23.56 -22.08
C THR C 216 9.02 -24.49 -21.01
N VAL C 217 10.33 -24.54 -20.93
CA VAL C 217 11.03 -25.60 -20.20
C VAL C 217 12.24 -25.05 -19.42
N ALA C 218 12.13 -23.80 -18.97
CA ALA C 218 13.25 -23.11 -18.34
C ALA C 218 13.62 -23.69 -16.97
N ASP C 219 12.62 -24.15 -16.22
CA ASP C 219 12.82 -24.70 -14.87
C ASP C 219 13.60 -26.02 -14.84
N LEU C 220 14.03 -26.49 -16.01
CA LEU C 220 14.77 -27.72 -16.14
C LEU C 220 16.19 -27.55 -15.57
N HIS C 221 16.62 -28.50 -14.74
CA HIS C 221 17.97 -28.47 -14.17
C HIS C 221 19.04 -28.87 -15.19
N SER C 222 18.66 -29.68 -16.19
CA SER C 222 19.60 -30.17 -17.20
C SER C 222 19.98 -29.08 -18.20
N ILE C 223 21.07 -29.32 -18.91
CA ILE C 223 21.50 -28.44 -19.99
C ILE C 223 20.62 -28.77 -21.19
N ASN C 224 20.08 -27.75 -21.86
CA ASN C 224 19.16 -27.96 -22.97
C ASN C 224 19.27 -26.90 -24.07
N THR C 225 19.13 -27.34 -25.31
CA THR C 225 19.27 -26.47 -26.47
C THR C 225 18.04 -26.55 -27.38
N HIS C 226 17.70 -25.42 -27.99
CA HIS C 226 16.52 -25.28 -28.83
C HIS C 226 16.96 -24.91 -30.24
N GLN C 227 16.46 -25.66 -31.24
CA GLN C 227 16.81 -25.40 -32.62
C GLN C 227 15.58 -25.49 -33.51
N THR C 228 15.46 -24.56 -34.45
CA THR C 228 14.33 -24.53 -35.36
C THR C 228 14.63 -25.51 -36.52
N ASN C 229 13.79 -26.54 -36.67
CA ASN C 229 13.90 -27.48 -37.80
C ASN C 229 13.21 -26.90 -39.04
N LEU C 230 13.45 -27.52 -40.19
CA LEU C 230 13.33 -26.80 -41.47
C LEU C 230 12.48 -27.48 -42.61
N GLN C 231 11.20 -27.77 -42.34
CA GLN C 231 10.19 -28.20 -43.33
C GLN C 231 8.83 -27.51 -43.21
N TRP C 232 8.85 -26.19 -42.98
CA TRP C 232 7.75 -25.27 -43.36
C TRP C 232 7.66 -25.21 -44.90
N THR C 233 6.54 -24.76 -45.47
CA THR C 233 5.29 -24.35 -44.79
C THR C 233 4.24 -25.48 -44.74
N ASN C 234 3.13 -25.35 -44.01
CA ASN C 234 2.83 -24.32 -43.01
C ASN C 234 3.11 -24.93 -41.64
N VAL C 235 4.40 -25.07 -41.39
CA VAL C 235 4.90 -25.83 -40.28
C VAL C 235 6.09 -25.16 -39.61
N HIS C 236 6.06 -25.10 -38.28
CA HIS C 236 7.14 -24.54 -37.49
C HIS C 236 7.53 -25.64 -36.52
N ALA C 237 8.75 -26.13 -36.64
CA ALA C 237 9.21 -27.24 -35.82
C ALA C 237 10.44 -26.85 -34.99
N ILE C 238 10.40 -27.15 -33.69
CA ILE C 238 11.53 -26.87 -32.81
C ILE C 238 11.98 -28.14 -32.11
N GLN C 239 13.30 -28.28 -32.00
CA GLN C 239 13.91 -29.52 -31.55
C GLN C 239 14.62 -29.32 -30.20
N LEU C 240 13.93 -29.69 -29.14
CA LEU C 240 14.50 -29.66 -27.80
C LEU C 240 15.49 -30.79 -27.63
N THR C 241 16.74 -30.44 -27.34
CA THR C 241 17.79 -31.42 -27.09
C THR C 241 18.23 -31.27 -25.65
N LEU C 242 18.17 -32.38 -24.90
CA LEU C 242 18.63 -32.42 -23.52
C LEU C 242 20.00 -33.10 -23.50
N VAL C 243 21.00 -32.43 -22.94
CA VAL C 243 22.38 -32.95 -22.98
C VAL C 243 22.90 -33.20 -21.56
N ASN C 244 23.53 -34.36 -21.37
CA ASN C 244 23.98 -34.82 -20.06
C ASN C 244 22.86 -34.67 -19.01
N VAL C 245 21.86 -35.52 -19.12
CA VAL C 245 20.64 -35.38 -18.32
C VAL C 245 20.89 -35.74 -16.86
N THR C 246 20.55 -34.83 -15.96
CA THR C 246 20.58 -35.10 -14.52
C THR C 246 19.29 -35.78 -14.10
N SER C 247 19.37 -36.69 -13.14
CA SER C 247 18.19 -37.39 -12.62
C SER C 247 17.32 -36.51 -11.72
N GLU C 248 17.81 -35.32 -11.37
CA GLU C 248 16.99 -34.30 -10.70
C GLU C 248 15.77 -33.88 -11.53
N ASP C 249 15.84 -34.08 -12.85
CA ASP C 249 14.71 -33.79 -13.75
C ASP C 249 13.82 -35.00 -14.02
N ASN C 250 13.88 -36.01 -13.16
CA ASN C 250 12.96 -37.13 -13.26
C ASN C 250 11.55 -36.64 -12.95
N GLY C 251 10.58 -37.12 -13.72
CA GLY C 251 9.18 -36.77 -13.55
C GLY C 251 8.82 -35.38 -14.02
N PHE C 252 9.77 -34.66 -14.62
CA PHE C 252 9.51 -33.31 -15.10
C PHE C 252 8.61 -33.36 -16.33
N LEU C 253 7.71 -32.38 -16.42
CA LEU C 253 6.79 -32.30 -17.55
C LEU C 253 7.28 -31.27 -18.58
N LEU C 254 7.87 -31.77 -19.65
CA LEU C 254 8.30 -30.91 -20.76
C LEU C 254 7.07 -30.46 -21.50
N THR C 255 6.88 -29.15 -21.66
CA THR C 255 5.71 -28.62 -22.37
C THR C 255 6.11 -27.72 -23.52
N CYS C 256 5.42 -27.91 -24.64
CA CYS C 256 5.64 -27.11 -25.84
C CYS C 256 4.35 -26.37 -26.11
N ILE C 257 4.46 -25.12 -26.55
CA ILE C 257 3.27 -24.32 -26.90
C ILE C 257 3.39 -23.76 -28.31
N ALA C 258 2.26 -23.67 -28.99
CA ALA C 258 2.20 -23.09 -30.33
C ALA C 258 1.11 -22.04 -30.33
N GLU C 259 1.49 -20.81 -30.58
CA GLU C 259 0.53 -19.71 -30.60
C GLU C 259 0.62 -19.00 -31.91
N ASN C 260 -0.55 -18.62 -32.42
CA ASN C 260 -0.63 -17.59 -33.41
C ASN C 260 -1.63 -16.56 -32.91
N VAL C 261 -1.88 -15.56 -33.73
CA VAL C 261 -2.78 -14.48 -33.37
C VAL C 261 -4.23 -14.95 -33.08
N VAL C 262 -4.59 -16.14 -33.56
CA VAL C 262 -5.92 -16.71 -33.33
C VAL C 262 -6.04 -17.32 -31.93
N GLY C 263 -4.97 -17.99 -31.49
CA GLY C 263 -4.98 -18.65 -30.19
C GLY C 263 -3.77 -19.53 -29.95
N MET C 264 -3.92 -20.52 -29.07
CA MET C 264 -2.77 -21.27 -28.54
C MET C 264 -3.13 -22.72 -28.27
N SER C 265 -2.18 -23.61 -28.55
CA SER C 265 -2.30 -25.03 -28.23
C SER C 265 -1.01 -25.48 -27.56
N GLN C 266 -1.10 -26.53 -26.75
CA GLN C 266 0.09 -27.08 -26.10
C GLN C 266 0.09 -28.60 -26.03
N ALA C 267 1.29 -29.13 -25.80
CA ALA C 267 1.49 -30.55 -25.65
C ALA C 267 2.48 -30.76 -24.52
N SER C 268 2.38 -31.91 -23.86
CA SER C 268 3.20 -32.24 -22.71
C SER C 268 3.84 -33.62 -22.89
N VAL C 269 5.10 -33.73 -22.48
CA VAL C 269 5.83 -34.99 -22.53
C VAL C 269 6.39 -35.27 -21.15
N LEU C 270 6.01 -36.41 -20.58
CA LEU C 270 6.56 -36.85 -19.30
C LEU C 270 7.99 -37.32 -19.50
N LEU C 271 8.93 -36.73 -18.75
CA LEU C 271 10.33 -37.15 -18.78
C LEU C 271 10.64 -38.00 -17.54
N THR C 272 11.13 -39.22 -17.76
CA THR C 272 11.60 -40.09 -16.65
C THR C 272 13.07 -40.45 -16.85
N VAL C 273 13.84 -40.29 -15.78
CA VAL C 273 15.30 -40.50 -15.82
C VAL C 273 15.75 -41.37 -14.64
N TYR C 274 16.76 -42.20 -14.88
CA TYR C 274 17.27 -43.12 -13.87
C TYR C 274 18.79 -43.19 -13.90
N GLU D 4 -16.52 -40.56 36.92
CA GLU D 4 -17.50 -40.43 35.80
C GLU D 4 -18.39 -39.20 36.01
N SER D 5 -18.71 -38.53 34.92
CA SER D 5 -19.42 -37.25 34.99
C SER D 5 -19.98 -36.83 33.61
N PRO D 6 -21.25 -36.37 33.58
CA PRO D 6 -21.83 -35.91 32.31
C PRO D 6 -21.26 -34.58 31.83
N PRO D 7 -21.56 -34.19 30.57
CA PRO D 7 -20.99 -32.97 30.00
C PRO D 7 -21.54 -31.68 30.62
N VAL D 8 -20.64 -30.73 30.87
CA VAL D 8 -20.99 -29.40 31.34
C VAL D 8 -20.29 -28.38 30.43
N PHE D 9 -20.97 -27.27 30.17
CA PHE D 9 -20.40 -26.21 29.34
C PHE D 9 -19.63 -25.20 30.20
N ILE D 10 -18.32 -25.11 29.96
CA ILE D 10 -17.49 -24.10 30.62
C ILE D 10 -17.37 -22.84 29.78
N LYS D 11 -17.62 -22.96 28.48
CA LYS D 11 -17.79 -21.79 27.61
C LYS D 11 -19.10 -21.92 26.86
N LYS D 12 -20.07 -21.08 27.21
CA LYS D 12 -21.35 -21.05 26.50
C LYS D 12 -21.28 -19.94 25.48
N PRO D 13 -21.71 -20.22 24.24
CA PRO D 13 -21.64 -19.20 23.20
C PRO D 13 -22.58 -18.04 23.47
N VAL D 14 -22.19 -16.86 23.02
CA VAL D 14 -22.97 -15.65 23.28
C VAL D 14 -23.52 -15.11 21.95
N ASP D 15 -24.68 -14.44 22.03
CA ASP D 15 -25.32 -13.87 20.85
C ASP D 15 -24.39 -12.85 20.19
N GLN D 16 -24.51 -12.73 18.86
CA GLN D 16 -23.69 -11.79 18.10
C GLN D 16 -24.49 -10.99 17.10
N ILE D 17 -24.30 -9.66 17.14
CA ILE D 17 -24.90 -8.77 16.15
C ILE D 17 -23.78 -8.33 15.22
N GLY D 18 -23.62 -9.02 14.11
CA GLY D 18 -22.53 -8.72 13.17
C GLY D 18 -22.94 -7.75 12.09
N VAL D 19 -22.00 -7.43 11.20
CA VAL D 19 -22.27 -6.52 10.09
C VAL D 19 -22.06 -7.25 8.77
N SER D 20 -22.95 -7.00 7.81
CA SER D 20 -22.90 -7.65 6.51
C SER D 20 -21.54 -7.49 5.85
N GLY D 21 -20.98 -8.59 5.37
CA GLY D 21 -19.65 -8.59 4.75
C GLY D 21 -18.54 -9.02 5.69
N GLY D 22 -18.78 -8.86 6.99
CA GLY D 22 -17.76 -9.14 8.02
C GLY D 22 -17.81 -10.54 8.57
N VAL D 23 -17.61 -10.67 9.88
CA VAL D 23 -17.40 -11.96 10.52
C VAL D 23 -18.18 -12.10 11.81
N ALA D 24 -18.55 -13.34 12.13
CA ALA D 24 -19.10 -13.66 13.44
C ALA D 24 -18.57 -15.01 13.88
N SER D 25 -18.18 -15.10 15.15
CA SER D 25 -17.72 -16.33 15.75
C SER D 25 -18.61 -16.70 16.93
N PHE D 26 -18.82 -18.00 17.12
CA PHE D 26 -19.49 -18.53 18.32
C PHE D 26 -18.58 -19.56 18.94
N VAL D 27 -18.38 -19.48 20.24
CA VAL D 27 -17.45 -20.36 20.94
C VAL D 27 -18.22 -21.21 21.95
N CYS D 28 -18.00 -22.52 21.92
CA CYS D 28 -18.49 -23.38 23.00
C CYS D 28 -17.44 -24.40 23.37
N GLN D 29 -17.50 -24.85 24.62
CA GLN D 29 -16.52 -25.80 25.13
C GLN D 29 -17.10 -26.53 26.32
N ALA D 30 -16.97 -27.85 26.29
CA ALA D 30 -17.52 -28.70 27.33
C ALA D 30 -16.44 -29.48 28.07
N THR D 31 -16.83 -30.02 29.21
CA THR D 31 -15.91 -30.73 30.07
C THR D 31 -16.65 -31.89 30.73
N GLY D 32 -15.92 -32.91 31.15
CA GLY D 32 -16.51 -34.06 31.86
C GLY D 32 -15.68 -35.31 31.72
N ASP D 33 -16.17 -36.42 32.28
CA ASP D 33 -15.45 -37.69 32.27
C ASP D 33 -16.39 -38.81 31.82
N PRO D 34 -16.17 -39.40 30.63
CA PRO D 34 -15.07 -39.07 29.73
C PRO D 34 -15.20 -37.70 29.09
N LYS D 35 -14.11 -37.27 28.45
CA LYS D 35 -14.09 -35.99 27.75
C LYS D 35 -15.17 -35.99 26.69
N PRO D 36 -16.00 -34.94 26.65
CA PRO D 36 -17.07 -34.87 25.65
C PRO D 36 -16.59 -34.39 24.29
N ARG D 37 -17.44 -34.57 23.27
CA ARG D 37 -17.20 -34.03 21.94
C ARG D 37 -18.33 -33.08 21.60
N VAL D 38 -17.97 -31.83 21.28
CA VAL D 38 -18.96 -30.82 20.92
C VAL D 38 -19.10 -30.71 19.40
N THR D 39 -20.16 -30.04 18.96
CA THR D 39 -20.49 -30.01 17.55
C THR D 39 -21.55 -28.93 17.25
N TRP D 40 -21.40 -28.22 16.13
CA TRP D 40 -22.33 -27.16 15.76
C TRP D 40 -23.37 -27.63 14.74
N ASN D 41 -24.56 -27.01 14.79
CA ASN D 41 -25.66 -27.35 13.88
C ASN D 41 -26.34 -26.10 13.30
N VAL D 47 -26.73 -27.92 4.74
CA VAL D 47 -25.93 -27.44 3.60
C VAL D 47 -24.48 -27.07 3.95
N ASN D 48 -23.56 -27.54 3.12
CA ASN D 48 -22.15 -27.46 3.39
C ASN D 48 -21.56 -26.26 2.68
N SER D 49 -20.85 -25.39 3.43
CA SER D 49 -20.45 -24.08 2.88
C SER D 49 -19.11 -23.53 3.38
N GLN D 50 -18.36 -22.93 2.46
CA GLN D 50 -17.10 -22.24 2.79
C GLN D 50 -17.31 -21.12 3.78
N ARG D 51 -18.49 -20.50 3.76
CA ARG D 51 -18.76 -19.36 4.61
C ARG D 51 -18.99 -19.77 6.06
N PHE D 52 -19.32 -21.04 6.28
CA PHE D 52 -19.53 -21.59 7.62
C PHE D 52 -18.44 -22.60 7.93
N GLU D 53 -17.51 -22.21 8.81
CA GLU D 53 -16.37 -23.04 9.15
C GLU D 53 -16.37 -23.35 10.63
N THR D 54 -16.25 -24.63 10.96
CA THR D 54 -16.15 -25.07 12.34
C THR D 54 -14.70 -25.36 12.64
N ILE D 55 -14.14 -24.71 13.65
CA ILE D 55 -12.77 -24.96 14.08
C ILE D 55 -12.79 -25.68 15.41
N GLU D 56 -12.15 -26.84 15.48
CA GLU D 56 -12.15 -27.64 16.69
C GLU D 56 -10.96 -27.28 17.54
N PHE D 57 -11.10 -27.50 18.84
CA PHE D 57 -9.97 -27.37 19.76
C PHE D 57 -10.20 -28.22 21.01
N ASP D 58 -9.16 -28.37 21.82
CA ASP D 58 -9.21 -29.20 23.03
C ASP D 58 -9.70 -30.62 22.75
N GLU D 59 -9.12 -31.26 21.73
CA GLU D 59 -9.45 -32.64 21.37
C GLU D 59 -10.95 -32.82 21.12
N SER D 60 -11.54 -31.86 20.41
CA SER D 60 -12.97 -31.82 20.08
C SER D 60 -13.93 -31.50 21.23
N ALA D 61 -13.42 -31.25 22.44
CA ALA D 61 -14.27 -30.82 23.56
C ALA D 61 -14.66 -29.35 23.45
N GLY D 62 -14.04 -28.63 22.52
CA GLY D 62 -14.43 -27.26 22.17
C GLY D 62 -14.48 -27.05 20.68
N ALA D 63 -15.28 -26.08 20.26
CA ALA D 63 -15.44 -25.75 18.84
C ALA D 63 -15.94 -24.33 18.64
N VAL D 64 -15.41 -23.69 17.61
CA VAL D 64 -15.79 -22.33 17.25
C VAL D 64 -16.47 -22.36 15.89
N LEU D 65 -17.66 -21.79 15.81
CA LEU D 65 -18.33 -21.63 14.53
C LEU D 65 -18.02 -20.24 14.01
N ARG D 66 -17.26 -20.19 12.92
CA ARG D 66 -16.90 -18.93 12.29
C ARG D 66 -17.71 -18.78 11.01
N ILE D 67 -18.43 -17.66 10.90
CA ILE D 67 -19.26 -17.39 9.72
C ILE D 67 -18.73 -16.16 9.00
N GLN D 68 -18.36 -16.31 7.74
CA GLN D 68 -17.75 -15.21 6.98
C GLN D 68 -17.63 -15.52 5.49
N PRO D 69 -17.97 -14.57 4.61
CA PRO D 69 -18.47 -13.24 4.97
C PRO D 69 -19.95 -13.27 5.30
N LEU D 70 -20.38 -12.46 6.25
CA LEU D 70 -21.77 -12.47 6.68
C LEU D 70 -22.73 -11.98 5.59
N ARG D 71 -23.86 -12.68 5.46
CA ARG D 71 -24.92 -12.34 4.53
C ARG D 71 -26.21 -12.19 5.32
N THR D 72 -27.07 -11.26 4.92
CA THR D 72 -28.28 -10.97 5.66
C THR D 72 -29.48 -10.77 4.74
N PRO D 73 -30.67 -11.26 5.11
CA PRO D 73 -30.95 -11.94 6.37
C PRO D 73 -30.58 -13.43 6.45
N ARG D 74 -30.23 -14.04 5.31
CA ARG D 74 -30.07 -15.50 5.25
C ARG D 74 -29.32 -16.16 6.40
N ASP D 75 -28.23 -15.56 6.86
CA ASP D 75 -27.42 -16.17 7.92
C ASP D 75 -28.05 -16.02 9.30
N GLU D 76 -28.97 -15.07 9.43
CA GLU D 76 -29.58 -14.80 10.73
C GLU D 76 -30.29 -16.05 11.19
N ASN D 77 -30.01 -16.46 12.43
CA ASN D 77 -30.52 -17.72 12.94
C ASN D 77 -30.09 -17.98 14.38
N ILE D 78 -30.72 -18.97 15.00
CA ILE D 78 -30.22 -19.55 16.26
C ILE D 78 -29.33 -20.73 15.86
N TYR D 79 -28.14 -20.80 16.45
CA TYR D 79 -27.21 -21.89 16.19
C TYR D 79 -27.04 -22.71 17.47
N GLU D 80 -26.74 -24.00 17.31
CA GLU D 80 -26.72 -24.94 18.45
C GLU D 80 -25.40 -25.65 18.62
N CYS D 81 -24.81 -25.51 19.80
CA CYS D 81 -23.65 -26.32 20.16
C CYS D 81 -24.14 -27.47 21.02
N VAL D 82 -23.68 -28.68 20.72
CA VAL D 82 -24.12 -29.89 21.42
C VAL D 82 -22.94 -30.68 21.98
N ALA D 83 -22.86 -30.74 23.30
CA ALA D 83 -21.83 -31.51 24.00
C ALA D 83 -22.38 -32.89 24.29
N GLN D 84 -21.55 -33.91 24.15
CA GLN D 84 -22.03 -35.29 24.22
C GLN D 84 -20.95 -36.26 24.66
N ASN D 85 -21.27 -37.07 25.67
CA ASN D 85 -20.42 -38.20 26.07
C ASN D 85 -21.31 -39.38 26.48
N PRO D 86 -20.72 -40.51 26.91
CA PRO D 86 -21.53 -41.68 27.28
C PRO D 86 -22.62 -41.45 28.32
N HIS D 87 -22.47 -40.44 29.18
CA HIS D 87 -23.39 -40.19 30.29
C HIS D 87 -24.44 -39.11 30.03
N GLY D 88 -24.32 -38.37 28.93
CA GLY D 88 -25.31 -37.36 28.61
C GLY D 88 -25.13 -36.63 27.30
N GLU D 89 -26.13 -35.82 26.97
CA GLU D 89 -26.11 -34.96 25.79
C GLU D 89 -26.83 -33.66 26.15
N VAL D 90 -26.16 -32.53 25.98
CA VAL D 90 -26.69 -31.22 26.37
C VAL D 90 -26.48 -30.19 25.26
N THR D 91 -27.38 -29.20 25.20
CA THR D 91 -27.42 -28.25 24.10
C THR D 91 -27.50 -26.82 24.61
N VAL D 92 -26.76 -25.93 23.95
CA VAL D 92 -26.86 -24.49 24.20
C VAL D 92 -27.07 -23.74 22.89
N HIS D 93 -27.79 -22.63 22.95
CA HIS D 93 -28.18 -21.87 21.77
C HIS D 93 -27.45 -20.54 21.72
N ALA D 94 -27.44 -19.93 20.55
CA ALA D 94 -26.95 -18.57 20.38
C ALA D 94 -27.45 -18.01 19.06
N LYS D 95 -27.79 -16.72 19.05
CA LYS D 95 -28.46 -16.09 17.91
C LYS D 95 -27.49 -15.25 17.11
N LEU D 96 -27.67 -15.22 15.79
CA LEU D 96 -26.94 -14.32 14.92
C LEU D 96 -27.87 -13.29 14.31
N THR D 97 -27.50 -12.03 14.45
CA THR D 97 -28.18 -10.92 13.81
C THR D 97 -27.16 -10.27 12.90
N VAL D 98 -27.56 -9.89 11.69
CA VAL D 98 -26.60 -9.33 10.73
C VAL D 98 -27.14 -8.04 10.11
N LEU D 99 -26.59 -6.91 10.55
CA LEU D 99 -27.02 -5.59 10.07
C LEU D 99 -26.33 -5.22 8.78
N ARG D 100 -27.04 -4.51 7.90
CA ARG D 100 -26.43 -3.98 6.67
C ARG D 100 -25.58 -2.76 6.99
N GLU D 101 -24.73 -2.35 6.05
CA GLU D 101 -23.84 -1.20 6.29
C GLU D 101 -24.64 0.08 6.55
N ASP D 102 -25.78 0.23 5.86
CA ASP D 102 -26.65 1.38 6.05
C ASP D 102 -27.42 1.33 7.37
N GLN D 103 -27.73 0.12 7.84
CA GLN D 103 -28.50 -0.07 9.08
C GLN D 103 -27.69 0.07 10.37
N LEU D 104 -26.38 0.26 10.27
CA LEU D 104 -25.55 0.33 11.46
C LEU D 104 -25.87 1.58 12.28
N PRO D 105 -26.06 1.42 13.60
CA PRO D 105 -26.24 2.60 14.46
C PRO D 105 -24.96 3.43 14.56
N PRO D 106 -25.06 4.69 15.03
CA PRO D 106 -23.86 5.54 15.06
C PRO D 106 -22.71 4.96 15.89
N GLY D 107 -23.03 4.37 17.05
CA GLY D 107 -22.02 3.85 17.96
C GLY D 107 -21.59 2.40 17.72
N PHE D 108 -21.81 1.88 16.52
CA PHE D 108 -21.40 0.53 16.17
C PHE D 108 -19.87 0.46 16.09
N PRO D 109 -19.24 -0.51 16.78
CA PRO D 109 -17.78 -0.60 16.84
C PRO D 109 -17.10 -0.40 15.51
N ASN D 110 -15.98 0.31 15.55
CA ASN D 110 -15.21 0.60 14.34
C ASN D 110 -13.72 0.46 14.59
N ILE D 111 -13.05 -0.31 13.72
CA ILE D 111 -11.62 -0.52 13.81
C ILE D 111 -10.91 0.67 13.18
N ASP D 112 -10.28 1.49 14.00
CA ASP D 112 -9.55 2.69 13.54
C ASP D 112 -8.12 2.35 13.11
N MET D 113 -7.51 1.37 13.78
CA MET D 113 -6.21 0.83 13.39
C MET D 113 -6.18 -0.67 13.64
N GLY D 114 -5.83 -1.43 12.61
CA GLY D 114 -5.78 -2.89 12.71
C GLY D 114 -4.36 -3.36 12.92
N PRO D 115 -4.18 -4.66 13.21
CA PRO D 115 -2.84 -5.20 13.40
C PRO D 115 -2.12 -5.35 12.08
N GLN D 116 -0.79 -5.39 12.13
CA GLN D 116 0.05 -5.47 10.95
C GLN D 116 0.98 -6.67 10.99
N LEU D 117 1.43 -7.09 9.80
CA LEU D 117 2.38 -8.19 9.69
C LEU D 117 3.58 -7.94 10.56
N LYS D 118 3.89 -8.89 11.44
CA LYS D 118 5.02 -8.76 12.35
C LYS D 118 5.86 -10.04 12.39
N VAL D 119 7.18 -9.88 12.33
CA VAL D 119 8.12 -10.98 12.50
C VAL D 119 8.92 -10.70 13.78
N VAL D 120 9.31 -11.75 14.46
CA VAL D 120 9.99 -11.62 15.74
C VAL D 120 10.81 -12.89 16.05
N GLU D 121 11.98 -12.71 16.64
CA GLU D 121 12.81 -13.85 17.02
C GLU D 121 12.23 -14.50 18.27
N ARG D 122 12.45 -15.80 18.40
CA ARG D 122 11.95 -16.55 19.56
C ARG D 122 12.43 -15.91 20.87
N THR D 123 11.54 -15.88 21.86
CA THR D 123 11.78 -15.30 23.20
C THR D 123 11.79 -13.76 23.28
N ARG D 124 11.73 -13.07 22.15
CA ARG D 124 11.59 -11.61 22.14
C ARG D 124 10.13 -11.25 22.31
N THR D 125 9.87 -9.99 22.69
CA THR D 125 8.49 -9.50 22.85
C THR D 125 7.94 -9.11 21.49
N ALA D 126 6.65 -9.37 21.29
CA ALA D 126 5.94 -8.98 20.09
C ALA D 126 4.57 -8.47 20.47
N THR D 127 4.23 -7.26 20.04
CA THR D 127 2.95 -6.67 20.35
C THR D 127 2.15 -6.44 19.07
N MET D 128 0.99 -7.10 18.96
CA MET D 128 0.08 -6.89 17.84
C MET D 128 -0.84 -5.73 18.18
N LEU D 129 -1.04 -4.83 17.23
CA LEU D 129 -1.69 -3.55 17.51
C LEU D 129 -3.18 -3.51 17.12
N CYS D 130 -3.99 -2.85 17.96
CA CYS D 130 -5.40 -2.64 17.65
C CYS D 130 -5.94 -1.42 18.40
N ALA D 131 -6.75 -0.62 17.72
CA ALA D 131 -7.41 0.54 18.31
C ALA D 131 -8.82 0.66 17.74
N ALA D 132 -9.82 0.76 18.61
CA ALA D 132 -11.22 0.82 18.18
C ALA D 132 -11.98 1.94 18.86
N SER D 133 -13.08 2.36 18.23
CA SER D 133 -13.96 3.40 18.78
C SER D 133 -15.42 3.03 18.55
N GLY D 134 -16.30 3.63 19.36
CA GLY D 134 -17.74 3.38 19.30
C GLY D 134 -18.42 3.88 20.56
N ASN D 135 -19.72 3.61 20.67
CA ASN D 135 -20.50 3.99 21.85
C ASN D 135 -21.55 2.91 22.17
N PRO D 136 -21.44 2.25 23.33
CA PRO D 136 -20.39 2.47 24.33
C PRO D 136 -18.97 2.17 23.82
N ASP D 137 -17.97 2.66 24.54
CA ASP D 137 -16.57 2.44 24.18
C ASP D 137 -16.32 0.93 24.04
N PRO D 138 -16.03 0.45 22.81
CA PRO D 138 -15.99 -0.99 22.57
C PRO D 138 -14.92 -1.72 23.36
N GLU D 139 -15.21 -2.98 23.67
CA GLU D 139 -14.27 -3.85 24.36
C GLU D 139 -13.59 -4.70 23.31
N ILE D 140 -12.27 -4.86 23.40
CA ILE D 140 -11.48 -5.54 22.39
C ILE D 140 -11.01 -6.91 22.88
N THR D 141 -11.16 -7.91 22.02
CA THR D 141 -10.61 -9.24 22.27
C THR D 141 -9.93 -9.74 21.00
N TRP D 142 -9.06 -10.73 21.15
CA TRP D 142 -8.25 -11.21 20.03
C TRP D 142 -8.58 -12.64 19.59
N PHE D 143 -8.18 -12.97 18.38
CA PHE D 143 -8.41 -14.28 17.81
C PHE D 143 -7.19 -14.71 17.02
N LYS D 144 -6.60 -15.82 17.41
CA LYS D 144 -5.46 -16.38 16.72
C LYS D 144 -5.86 -17.66 16.01
N ASP D 145 -5.80 -17.65 14.69
CA ASP D 145 -6.18 -18.79 13.86
C ASP D 145 -7.64 -19.21 14.11
N PHE D 146 -8.53 -18.21 14.12
CA PHE D 146 -9.98 -18.40 14.27
C PHE D 146 -10.44 -18.86 15.67
N LEU D 147 -9.50 -19.03 16.59
CA LEU D 147 -9.82 -19.39 17.98
C LEU D 147 -9.55 -18.19 18.86
N PRO D 148 -10.34 -18.01 19.93
CA PRO D 148 -10.18 -16.85 20.79
C PRO D 148 -8.94 -16.96 21.68
N VAL D 149 -8.21 -15.85 21.82
CA VAL D 149 -7.01 -15.77 22.63
C VAL D 149 -7.43 -15.51 24.07
N ASP D 150 -6.90 -16.29 25.01
CA ASP D 150 -7.26 -16.17 26.42
C ASP D 150 -6.02 -15.79 27.24
N PRO D 151 -5.85 -14.49 27.53
CA PRO D 151 -4.68 -13.98 28.26
C PRO D 151 -4.45 -14.56 29.65
N SER D 152 -5.51 -14.95 30.35
CA SER D 152 -5.39 -15.50 31.70
C SER D 152 -4.66 -16.85 31.74
N THR D 153 -4.74 -17.63 30.65
CA THR D 153 -4.14 -18.98 30.58
C THR D 153 -2.74 -18.95 29.95
N SER D 154 -1.89 -18.03 30.39
CA SER D 154 -0.53 -17.88 29.84
C SER D 154 0.64 -18.43 30.69
N ASN D 155 0.84 -18.01 31.95
CA ASN D 155 0.07 -16.97 32.65
C ASN D 155 0.94 -15.74 32.88
N GLY D 156 0.38 -14.58 32.59
CA GLY D 156 1.14 -13.33 32.65
C GLY D 156 2.02 -13.05 31.44
N ARG D 157 2.20 -14.05 30.58
CA ARG D 157 3.03 -13.93 29.38
C ARG D 157 2.34 -13.11 28.30
N ILE D 158 1.04 -13.33 28.14
CA ILE D 158 0.24 -12.62 27.16
C ILE D 158 -0.67 -11.63 27.89
N LYS D 159 -0.55 -10.34 27.56
CA LYS D 159 -1.27 -9.28 28.25
C LYS D 159 -2.13 -8.46 27.30
N GLN D 160 -3.39 -8.27 27.68
CA GLN D 160 -4.29 -7.38 26.96
C GLN D 160 -4.00 -5.96 27.39
N LEU D 161 -3.56 -5.12 26.47
CA LEU D 161 -3.26 -3.72 26.80
C LEU D 161 -4.52 -2.88 26.91
N ARG D 162 -4.42 -1.76 27.64
CA ARG D 162 -5.52 -0.79 27.77
C ARG D 162 -5.96 -0.32 26.41
N SER D 163 -5.00 0.18 25.63
CA SER D 163 -5.26 0.74 24.30
C SER D 163 -5.85 -0.27 23.32
N GLY D 164 -5.68 -1.56 23.59
CA GLY D 164 -6.31 -2.61 22.81
C GLY D 164 -5.36 -3.63 22.19
N GLY D 165 -4.07 -3.31 22.15
CA GLY D 165 -3.07 -4.19 21.59
C GLY D 165 -2.88 -5.44 22.42
N LEU D 166 -2.20 -6.42 21.84
CA LEU D 166 -1.91 -7.68 22.50
C LEU D 166 -0.41 -7.83 22.64
N GLN D 167 0.06 -7.93 23.88
CA GLN D 167 1.47 -8.04 24.19
C GLN D 167 1.84 -9.48 24.51
N ILE D 168 2.73 -10.07 23.71
CA ILE D 168 3.19 -11.45 23.90
C ILE D 168 4.64 -11.41 24.36
N GLU D 169 4.86 -11.56 25.66
CA GLU D 169 6.17 -11.23 26.25
C GLU D 169 7.32 -12.13 25.79
N SER D 170 7.18 -13.44 26.00
CA SER D 170 8.21 -14.38 25.57
C SER D 170 7.72 -15.10 24.33
N SER D 171 8.22 -14.70 23.16
CA SER D 171 7.82 -15.32 21.90
C SER D 171 8.12 -16.82 21.92
N GLU D 172 7.23 -17.57 21.28
CA GLU D 172 7.28 -19.02 21.27
C GLU D 172 6.90 -19.50 19.87
N GLU D 173 7.28 -20.72 19.52
CA GLU D 173 6.88 -21.33 18.24
C GLU D 173 5.36 -21.34 18.06
N THR D 174 4.64 -21.63 19.13
CA THR D 174 3.20 -21.76 19.09
C THR D 174 2.49 -20.43 18.86
N ASP D 175 3.15 -19.32 19.18
CA ASP D 175 2.56 -17.98 19.02
C ASP D 175 2.43 -17.53 17.57
N GLN D 176 3.16 -18.18 16.66
CA GLN D 176 3.05 -17.86 15.24
C GLN D 176 1.64 -18.20 14.77
N GLY D 177 1.10 -17.36 13.90
CA GLY D 177 -0.26 -17.56 13.37
C GLY D 177 -0.91 -16.29 12.89
N LYS D 178 -2.18 -16.40 12.50
CA LYS D 178 -2.92 -15.29 11.91
C LYS D 178 -3.77 -14.65 12.98
N TYR D 179 -3.40 -13.45 13.41
CA TYR D 179 -4.13 -12.72 14.45
C TYR D 179 -5.16 -11.76 13.88
N GLU D 180 -6.22 -11.49 14.64
CA GLU D 180 -7.21 -10.48 14.28
C GLU D 180 -7.93 -9.97 15.54
N CYS D 181 -8.16 -8.66 15.63
CA CYS D 181 -8.78 -8.09 16.81
C CYS D 181 -10.25 -7.84 16.57
N VAL D 182 -11.03 -7.92 17.65
CA VAL D 182 -12.48 -7.87 17.58
C VAL D 182 -13.03 -6.86 18.58
N ALA D 183 -13.53 -5.75 18.04
CA ALA D 183 -14.15 -4.70 18.85
C ALA D 183 -15.65 -4.99 18.93
N SER D 184 -16.18 -4.92 20.14
CA SER D 184 -17.57 -5.30 20.38
C SER D 184 -18.22 -4.56 21.54
N ASN D 185 -19.51 -4.25 21.38
CA ASN D 185 -20.30 -3.62 22.43
C ASN D 185 -21.79 -3.92 22.22
N SER D 186 -22.65 -3.38 23.08
CA SER D 186 -24.10 -3.59 22.96
C SER D 186 -24.66 -3.38 21.54
N ALA D 187 -24.04 -2.50 20.76
CA ALA D 187 -24.48 -2.24 19.39
C ALA D 187 -24.15 -3.36 18.43
N GLY D 188 -23.03 -4.05 18.65
CA GLY D 188 -22.66 -5.19 17.81
C GLY D 188 -21.17 -5.57 17.86
N VAL D 189 -20.68 -6.18 16.79
CA VAL D 189 -19.31 -6.67 16.74
C VAL D 189 -18.66 -6.46 15.37
N ARG D 190 -17.39 -6.02 15.40
CA ARG D 190 -16.63 -5.67 14.20
C ARG D 190 -15.23 -6.29 14.27
N TYR D 191 -14.82 -6.95 13.19
CA TYR D 191 -13.52 -7.61 13.10
C TYR D 191 -12.52 -6.73 12.36
N SER D 192 -11.27 -6.75 12.79
CA SER D 192 -10.18 -6.13 12.04
C SER D 192 -9.84 -7.04 10.87
N SER D 193 -9.21 -6.53 9.83
CA SER D 193 -8.62 -7.44 8.86
C SER D 193 -7.45 -8.11 9.54
N PRO D 194 -7.11 -9.34 9.09
CA PRO D 194 -6.19 -10.19 9.80
C PRO D 194 -4.75 -9.81 9.56
N ALA D 195 -3.86 -10.20 10.47
CA ALA D 195 -2.44 -9.92 10.35
C ALA D 195 -1.64 -11.08 10.93
N ASN D 196 -0.60 -11.50 10.20
CA ASN D 196 0.19 -12.66 10.61
C ASN D 196 1.36 -12.30 11.51
N LEU D 197 1.59 -13.13 12.53
CA LEU D 197 2.78 -13.05 13.36
C LEU D 197 3.66 -14.25 13.05
N TYR D 198 4.85 -14.00 12.53
CA TYR D 198 5.85 -15.05 12.29
C TYR D 198 6.91 -15.07 13.40
N VAL D 199 7.37 -16.27 13.75
CA VAL D 199 8.38 -16.46 14.79
C VAL D 199 9.55 -17.24 14.20
N ARG D 200 10.67 -16.54 13.97
CA ARG D 200 11.91 -17.21 13.54
C ARG D 200 12.48 -17.95 14.73
N VAL D 201 13.03 -19.14 14.48
CA VAL D 201 13.11 -20.17 15.51
C VAL D 201 14.40 -21.00 15.45
N GLU E 4 -6.25 37.00 53.63
CA GLU E 4 -4.85 37.06 53.14
C GLU E 4 -4.15 35.72 53.34
N SER E 5 -3.32 35.34 52.37
CA SER E 5 -2.71 34.02 52.35
C SER E 5 -1.53 33.96 51.37
N PRO E 6 -0.40 33.35 51.79
CA PRO E 6 0.73 33.20 50.88
C PRO E 6 0.51 32.17 49.78
N PRO E 7 1.41 32.12 48.77
CA PRO E 7 1.22 31.21 47.63
C PRO E 7 1.43 29.73 47.98
N VAL E 8 0.54 28.88 47.45
CA VAL E 8 0.64 27.44 47.58
C VAL E 8 0.53 26.83 46.18
N PHE E 9 1.27 25.76 45.92
CA PHE E 9 1.21 25.07 44.64
C PHE E 9 0.15 23.99 44.65
N ILE E 10 -0.86 24.15 43.80
CA ILE E 10 -1.88 23.11 43.61
C ILE E 10 -1.51 22.18 42.45
N LYS E 11 -0.65 22.64 41.54
CA LYS E 11 -0.05 21.77 40.54
C LYS E 11 1.46 21.94 40.60
N LYS E 12 2.15 20.91 41.07
CA LYS E 12 3.61 20.89 41.09
C LYS E 12 4.11 20.16 39.86
N PRO E 13 5.10 20.72 39.14
CA PRO E 13 5.57 20.09 37.92
C PRO E 13 6.29 18.79 38.22
N VAL E 14 6.21 17.86 37.26
CA VAL E 14 6.79 16.54 37.45
C VAL E 14 7.94 16.34 36.46
N ASP E 15 8.93 15.54 36.86
CA ASP E 15 10.09 15.25 36.02
C ASP E 15 9.66 14.61 34.71
N GLN E 16 10.43 14.88 33.66
CA GLN E 16 10.12 14.33 32.34
C GLN E 16 11.36 13.76 31.66
N ILE E 17 11.24 12.53 31.17
CA ILE E 17 12.28 11.92 30.36
C ILE E 17 11.78 11.92 28.92
N GLY E 18 12.17 12.93 28.15
CA GLY E 18 11.70 13.09 26.78
C GLY E 18 12.64 12.47 25.77
N VAL E 19 12.27 12.54 24.49
CA VAL E 19 13.09 11.98 23.41
C VAL E 19 13.52 13.09 22.46
N SER E 20 14.78 13.02 22.03
CA SER E 20 15.36 14.04 21.15
C SER E 20 14.50 14.26 19.92
N GLY E 21 14.23 15.52 19.61
CA GLY E 21 13.39 15.88 18.46
C GLY E 21 11.94 16.15 18.85
N GLY E 22 11.50 15.57 19.96
CA GLY E 22 10.10 15.65 20.39
C GLY E 22 9.80 16.81 21.33
N VAL E 23 8.98 16.56 22.35
CA VAL E 23 8.44 17.62 23.19
C VAL E 23 8.47 17.24 24.67
N ALA E 24 8.58 18.27 25.50
CA ALA E 24 8.41 18.11 26.94
C ALA E 24 7.67 19.33 27.50
N SER E 25 6.69 19.08 28.37
CA SER E 25 5.95 20.13 29.04
C SER E 25 6.12 20.01 30.55
N PHE E 26 6.17 21.16 31.23
CA PHE E 26 6.14 21.20 32.69
C PHE E 26 5.02 22.13 33.11
N VAL E 27 4.20 21.69 34.04
CA VAL E 27 3.02 22.43 34.45
C VAL E 27 3.17 22.83 35.92
N CYS E 28 2.94 24.10 36.21
CA CYS E 28 2.80 24.52 37.61
C CYS E 28 1.66 25.52 37.74
N GLN E 29 1.07 25.55 38.92
CA GLN E 29 -0.05 26.45 39.19
C GLN E 29 -0.16 26.72 40.68
N ALA E 30 -0.30 27.99 41.03
CA ALA E 30 -0.36 28.42 42.41
C ALA E 30 -1.68 29.09 42.74
N THR E 31 -1.93 29.22 44.04
CA THR E 31 -3.17 29.77 44.54
C THR E 31 -2.89 30.56 45.83
N GLY E 32 -3.76 31.51 46.16
CA GLY E 32 -3.62 32.31 47.37
C GLY E 32 -4.32 33.66 47.27
N ASP E 33 -4.19 34.47 48.32
CA ASP E 33 -4.84 35.78 48.38
C ASP E 33 -3.82 36.85 48.82
N PRO E 34 -3.43 37.78 47.93
CA PRO E 34 -3.94 37.89 46.56
C PRO E 34 -3.48 36.76 45.65
N LYS E 35 -4.09 36.68 44.47
CA LYS E 35 -3.74 35.67 43.48
C LYS E 35 -2.26 35.83 43.12
N PRO E 36 -1.50 34.73 43.15
CA PRO E 36 -0.08 34.81 42.83
C PRO E 36 0.19 34.82 41.32
N ARG E 37 1.42 35.18 40.95
CA ARG E 37 1.90 35.09 39.57
C ARG E 37 3.07 34.13 39.53
N VAL E 38 2.95 33.10 38.69
CA VAL E 38 4.02 32.10 38.53
C VAL E 38 4.89 32.43 37.33
N THR E 39 6.06 31.80 37.28
CA THR E 39 7.05 32.14 36.27
C THR E 39 8.15 31.08 36.19
N TRP E 40 8.59 30.77 34.97
CA TRP E 40 9.60 29.74 34.75
C TRP E 40 10.99 30.33 34.57
N ASN E 41 12.01 29.57 34.97
CA ASN E 41 13.40 30.00 34.86
C ASN E 41 14.26 28.87 34.26
N VAL E 47 18.26 33.27 28.50
CA VAL E 47 18.25 33.29 27.03
C VAL E 47 16.85 33.05 26.45
N ASN E 48 16.51 33.85 25.45
CA ASN E 48 15.19 33.85 24.84
C ASN E 48 15.20 33.00 23.58
N SER E 49 14.31 32.01 23.50
CA SER E 49 14.34 30.98 22.44
C SER E 49 12.98 30.46 22.00
N GLN E 50 12.81 30.28 20.69
CA GLN E 50 11.60 29.69 20.11
C GLN E 50 11.34 28.30 20.63
N ARG E 51 12.41 27.58 21.00
CA ARG E 51 12.28 26.20 21.45
C ARG E 51 11.74 26.12 22.88
N PHE E 52 11.87 27.21 23.64
CA PHE E 52 11.36 27.29 25.00
C PHE E 52 10.22 28.29 25.06
N GLU E 53 9.01 27.78 25.19
CA GLU E 53 7.81 28.62 25.18
C GLU E 53 7.07 28.46 26.48
N THR E 54 6.76 29.59 27.11
CA THR E 54 5.98 29.61 28.33
C THR E 54 4.55 30.00 27.94
N ILE E 55 3.59 29.15 28.29
CA ILE E 55 2.18 29.43 28.07
C ILE E 55 1.50 29.71 29.41
N GLU E 56 0.88 30.87 29.53
CA GLU E 56 0.27 31.27 30.78
C GLU E 56 -1.17 30.84 30.81
N PHE E 57 -1.70 30.64 32.01
CA PHE E 57 -3.13 30.40 32.19
C PHE E 57 -3.57 30.80 33.60
N ASP E 58 -4.88 30.86 33.80
CA ASP E 58 -5.47 31.28 35.08
C ASP E 58 -4.92 32.65 35.53
N GLU E 59 -4.94 33.63 34.63
CA GLU E 59 -4.50 34.99 34.93
C GLU E 59 -3.08 35.02 35.51
N SER E 60 -2.20 34.23 34.89
CA SER E 60 -0.78 34.10 35.30
C SER E 60 -0.52 33.35 36.61
N ALA E 61 -1.56 32.82 37.27
CA ALA E 61 -1.36 31.98 38.45
C ALA E 61 -0.94 30.56 38.07
N GLY E 62 -0.99 30.24 36.78
CA GLY E 62 -0.44 29.00 36.26
C GLY E 62 0.36 29.24 34.99
N ALA E 63 1.30 28.33 34.72
CA ALA E 63 2.13 28.43 33.52
C ALA E 63 2.71 27.07 33.13
N VAL E 64 2.78 26.84 31.82
CA VAL E 64 3.32 25.61 31.27
C VAL E 64 4.59 25.96 30.50
N LEU E 65 5.69 25.28 30.82
CA LEU E 65 6.91 25.43 30.05
C LEU E 65 6.95 24.32 29.03
N ARG E 66 6.82 24.69 27.76
CA ARG E 66 6.87 23.75 26.65
C ARG E 66 8.22 23.86 25.96
N ILE E 67 8.93 22.74 25.85
CA ILE E 67 10.24 22.72 25.21
C ILE E 67 10.18 21.85 23.97
N GLN E 68 10.49 22.44 22.80
CA GLN E 68 10.38 21.71 21.54
C GLN E 68 11.02 22.47 20.38
N PRO E 69 11.76 21.81 19.51
CA PRO E 69 12.07 20.37 19.61
C PRO E 69 13.20 20.12 20.59
N LEU E 70 13.13 18.99 21.29
CA LEU E 70 14.12 18.69 22.32
C LEU E 70 15.51 18.43 21.73
N ARG E 71 16.51 18.99 22.40
CA ARG E 71 17.92 18.81 22.04
C ARG E 71 18.65 18.25 23.25
N THR E 72 19.62 17.38 23.02
CA THR E 72 20.33 16.72 24.12
C THR E 72 21.83 16.68 23.87
N PRO E 73 22.66 16.89 24.89
CA PRO E 73 22.24 17.07 26.29
C PRO E 73 21.82 18.49 26.67
N ARG E 74 22.06 19.46 25.79
CA ARG E 74 21.91 20.88 26.14
C ARG E 74 20.65 21.25 26.93
N ASP E 75 19.50 20.69 26.59
CA ASP E 75 18.27 21.06 27.26
C ASP E 75 18.13 20.40 28.63
N GLU E 76 18.89 19.33 28.87
CA GLU E 76 18.79 18.61 30.13
C GLU E 76 19.14 19.54 31.27
N ASN E 77 18.27 19.58 32.27
CA ASN E 77 18.41 20.55 33.34
C ASN E 77 17.33 20.41 34.40
N ILE E 78 17.53 21.08 35.53
CA ILE E 78 16.45 21.33 36.49
C ILE E 78 15.84 22.67 36.14
N TYR E 79 14.51 22.72 36.06
CA TYR E 79 13.79 23.96 35.75
C TYR E 79 12.99 24.38 36.98
N GLU E 80 12.77 25.68 37.13
CA GLU E 80 12.16 26.23 38.34
C GLU E 80 10.90 27.03 38.07
N CYS E 81 9.80 26.64 38.71
CA CYS E 81 8.59 27.45 38.72
C CYS E 81 8.56 28.21 40.02
N VAL E 82 8.27 29.51 39.95
CA VAL E 82 8.28 30.39 41.12
C VAL E 82 6.96 31.12 41.27
N ALA E 83 6.22 30.80 42.33
CA ALA E 83 4.96 31.47 42.66
C ALA E 83 5.27 32.61 43.60
N GLN E 84 4.59 33.74 43.42
CA GLN E 84 4.93 34.95 44.15
C GLN E 84 3.74 35.89 44.30
N ASN E 85 3.50 36.32 45.54
CA ASN E 85 2.53 37.38 45.83
C ASN E 85 3.07 38.25 46.98
N PRO E 86 2.33 39.28 47.41
CA PRO E 86 2.84 40.17 48.47
C PRO E 86 3.27 39.49 49.78
N HIS E 87 2.74 38.31 50.07
CA HIS E 87 3.00 37.63 51.34
C HIS E 87 4.06 36.52 51.28
N GLY E 88 4.51 36.16 50.08
CA GLY E 88 5.56 35.17 49.97
C GLY E 88 6.07 34.88 48.58
N GLU E 89 7.12 34.08 48.53
CA GLU E 89 7.70 33.61 47.27
C GLU E 89 8.19 32.18 47.49
N VAL E 90 7.72 31.26 46.67
CA VAL E 90 8.03 29.83 46.81
C VAL E 90 8.42 29.21 45.47
N THR E 91 9.26 28.18 45.54
CA THR E 91 9.87 27.60 44.35
C THR E 91 9.74 26.07 44.35
N VAL E 92 9.43 25.53 43.17
CA VAL E 92 9.44 24.08 42.95
C VAL E 92 10.29 23.74 41.73
N HIS E 93 10.91 22.57 41.78
CA HIS E 93 11.86 22.14 40.76
C HIS E 93 11.29 21.00 39.94
N ALA E 94 11.89 20.77 38.78
CA ALA E 94 11.58 19.60 37.97
C ALA E 94 12.70 19.40 36.95
N LYS E 95 13.04 18.15 36.69
CA LYS E 95 14.20 17.80 35.88
C LYS E 95 13.78 17.38 34.48
N LEU E 96 14.61 17.73 33.49
CA LEU E 96 14.43 17.24 32.13
C LEU E 96 15.59 16.34 31.74
N THR E 97 15.25 15.15 31.27
CA THR E 97 16.21 14.21 30.71
C THR E 97 15.79 14.02 29.26
N VAL E 98 16.75 13.97 28.34
CA VAL E 98 16.43 13.85 26.92
C VAL E 98 17.23 12.75 26.25
N LEU E 99 16.58 11.63 25.97
CA LEU E 99 17.23 10.46 25.37
C LEU E 99 17.29 10.59 23.86
N ARG E 100 18.36 10.08 23.25
CA ARG E 100 18.46 10.03 21.79
C ARG E 100 17.57 8.91 21.26
N GLU E 101 17.32 8.91 19.95
CA GLU E 101 16.49 7.86 19.34
C GLU E 101 17.11 6.47 19.52
N ASP E 102 18.43 6.39 19.43
CA ASP E 102 19.13 5.12 19.63
C ASP E 102 19.14 4.67 21.10
N GLN E 103 19.15 5.63 22.03
CA GLN E 103 19.22 5.32 23.47
C GLN E 103 17.88 4.91 24.10
N LEU E 104 16.81 4.92 23.33
CA LEU E 104 15.49 4.63 23.90
C LEU E 104 15.42 3.18 24.32
N PRO E 105 14.93 2.91 25.56
CA PRO E 105 14.72 1.51 25.98
C PRO E 105 13.58 0.86 25.18
N PRO E 106 13.48 -0.48 25.22
CA PRO E 106 12.47 -1.15 24.40
C PRO E 106 11.04 -0.70 24.71
N GLY E 107 10.72 -0.52 26.00
CA GLY E 107 9.37 -0.16 26.43
C GLY E 107 9.05 1.33 26.47
N PHE E 108 9.82 2.15 25.76
CA PHE E 108 9.58 3.59 25.72
C PHE E 108 8.30 3.88 24.94
N PRO E 109 7.38 4.68 25.52
CA PRO E 109 6.07 4.94 24.92
C PRO E 109 6.14 5.21 23.42
N ASN E 110 5.19 4.66 22.70
CA ASN E 110 5.14 4.85 21.25
C ASN E 110 3.72 5.09 20.77
N ILE E 111 3.55 6.16 20.00
CA ILE E 111 2.25 6.52 19.47
C ILE E 111 2.00 5.67 18.22
N ASP E 112 1.07 4.71 18.33
CA ASP E 112 0.74 3.83 17.21
C ASP E 112 -0.30 4.45 16.28
N MET E 113 -1.19 5.25 16.86
CA MET E 113 -2.17 6.02 16.09
C MET E 113 -2.36 7.37 16.76
N GLY E 114 -2.17 8.44 15.98
CA GLY E 114 -2.34 9.80 16.50
C GLY E 114 -3.68 10.36 16.13
N PRO E 115 -4.04 11.52 16.71
CA PRO E 115 -5.31 12.14 16.39
C PRO E 115 -5.26 12.74 15.01
N GLN E 116 -6.44 12.92 14.41
CA GLN E 116 -6.56 13.45 13.07
C GLN E 116 -7.44 14.69 13.02
N LEU E 117 -7.25 15.48 11.97
CA LEU E 117 -8.05 16.67 11.74
C LEU E 117 -9.54 16.32 11.81
N LYS E 118 -10.27 17.02 12.66
CA LYS E 118 -11.69 16.76 12.83
C LYS E 118 -12.48 18.07 12.83
N VAL E 119 -13.58 18.09 12.09
CA VAL E 119 -14.53 19.19 12.10
C VAL E 119 -15.85 18.67 12.66
N VAL E 120 -16.57 19.53 13.36
CA VAL E 120 -17.81 19.12 14.02
C VAL E 120 -18.72 20.34 14.26
N GLU E 121 -20.02 20.15 14.10
CA GLU E 121 -20.97 21.21 14.34
C GLU E 121 -21.14 21.41 15.86
N ARG E 122 -21.44 22.64 16.26
CA ARG E 122 -21.61 22.95 17.68
C ARG E 122 -22.66 22.03 18.33
N THR E 123 -22.39 21.62 19.57
CA THR E 123 -23.25 20.71 20.36
C THR E 123 -23.26 19.22 19.95
N ARG E 124 -22.61 18.88 18.84
CA ARG E 124 -22.41 17.48 18.45
C ARG E 124 -21.21 16.90 19.22
N THR E 125 -21.13 15.57 19.27
CA THR E 125 -20.00 14.91 19.92
C THR E 125 -18.82 14.83 18.96
N ALA E 126 -17.63 15.00 19.52
CA ALA E 126 -16.38 14.88 18.77
C ALA E 126 -15.37 14.13 19.61
N THR E 127 -14.82 13.06 19.04
CA THR E 127 -13.85 12.24 19.74
C THR E 127 -12.50 12.29 19.00
N MET E 128 -11.47 12.80 19.68
CA MET E 128 -10.11 12.81 19.13
C MET E 128 -9.44 11.51 19.51
N LEU E 129 -8.76 10.90 18.54
CA LEU E 129 -8.30 9.52 18.68
C LEU E 129 -6.84 9.41 19.08
N CYS E 130 -6.52 8.44 19.93
CA CYS E 130 -5.12 8.15 20.30
C CYS E 130 -5.00 6.71 20.77
N ALA E 131 -3.93 6.05 20.34
CA ALA E 131 -3.60 4.69 20.78
C ALA E 131 -2.09 4.54 20.93
N ALA E 132 -1.65 4.09 22.09
CA ALA E 132 -0.22 4.00 22.39
C ALA E 132 0.15 2.64 22.95
N SER E 133 1.44 2.30 22.83
CA SER E 133 1.97 1.05 23.36
C SER E 133 3.34 1.27 24.01
N GLY E 134 3.72 0.35 24.88
CA GLY E 134 4.98 0.43 25.62
C GLY E 134 4.95 -0.51 26.81
N ASN E 135 6.01 -0.45 27.61
CA ASN E 135 6.12 -1.27 28.83
C ASN E 135 6.83 -0.47 29.93
N PRO E 136 6.13 -0.19 31.05
CA PRO E 136 4.72 -0.56 31.29
C PRO E 136 3.74 0.07 30.29
N ASP E 137 2.53 -0.47 30.23
CA ASP E 137 1.49 0.02 29.33
C ASP E 137 1.28 1.52 29.59
N PRO E 138 1.63 2.37 28.60
CA PRO E 138 1.66 3.81 28.85
C PRO E 138 0.32 4.42 29.21
N GLU E 139 0.37 5.48 30.01
CA GLU E 139 -0.82 6.23 30.41
C GLU E 139 -0.92 7.45 29.50
N ILE E 140 -2.12 7.73 29.01
CA ILE E 140 -2.34 8.78 28.01
C ILE E 140 -3.04 9.98 28.61
N THR E 141 -2.53 11.17 28.30
CA THR E 141 -3.16 12.44 28.67
C THR E 141 -3.14 13.36 27.48
N TRP E 142 -4.01 14.37 27.48
CA TRP E 142 -4.17 15.26 26.33
C TRP E 142 -3.73 16.69 26.59
N PHE E 143 -3.46 17.41 25.50
CA PHE E 143 -3.03 18.79 25.56
C PHE E 143 -3.71 19.59 24.46
N LYS E 144 -4.47 20.60 24.85
CA LYS E 144 -5.14 21.46 23.89
C LYS E 144 -4.49 22.83 23.93
N ASP E 145 -3.87 23.21 22.81
CA ASP E 145 -3.17 24.49 22.69
C ASP E 145 -2.05 24.65 23.75
N PHE E 146 -1.25 23.59 23.88
CA PHE E 146 -0.09 23.54 24.78
C PHE E 146 -0.40 23.48 26.28
N LEU E 147 -1.68 23.51 26.64
CA LEU E 147 -2.10 23.40 28.04
C LEU E 147 -2.74 22.04 28.24
N PRO E 148 -2.57 21.45 29.45
CA PRO E 148 -3.10 20.12 29.69
C PRO E 148 -4.62 20.12 29.84
N VAL E 149 -5.27 19.13 29.22
CA VAL E 149 -6.73 18.99 29.28
C VAL E 149 -7.08 18.28 30.58
N ASP E 150 -8.03 18.84 31.33
CA ASP E 150 -8.44 18.29 32.62
C ASP E 150 -9.90 17.85 32.57
N PRO E 151 -10.15 16.56 32.31
CA PRO E 151 -11.51 16.00 32.18
C PRO E 151 -12.44 16.20 33.38
N SER E 152 -11.88 16.25 34.60
CA SER E 152 -12.69 16.42 35.80
C SER E 152 -13.39 17.79 35.89
N THR E 153 -12.80 18.82 35.28
CA THR E 153 -13.33 20.19 35.34
C THR E 153 -14.22 20.52 34.13
N SER E 154 -15.14 19.62 33.79
CA SER E 154 -16.03 19.82 32.63
C SER E 154 -17.49 20.25 32.92
N ASN E 155 -18.29 19.51 33.72
CA ASN E 155 -17.94 18.23 34.35
C ASN E 155 -18.76 17.09 33.75
N GLY E 156 -18.08 15.98 33.41
CA GLY E 156 -18.72 14.86 32.72
C GLY E 156 -18.86 15.06 31.22
N ARG E 157 -18.61 16.28 30.73
CA ARG E 157 -18.73 16.60 29.31
C ARG E 157 -17.55 16.06 28.50
N ILE E 158 -16.36 16.15 29.08
CA ILE E 158 -15.14 15.66 28.45
C ILE E 158 -14.69 14.39 29.20
N LYS E 159 -14.57 13.28 28.46
CA LYS E 159 -14.25 11.98 29.06
C LYS E 159 -12.98 11.38 28.45
N GLN E 160 -12.08 10.94 29.32
CA GLN E 160 -10.90 10.17 28.91
C GLN E 160 -11.32 8.72 28.69
N LEU E 161 -11.20 8.24 27.45
CA LEU E 161 -11.58 6.87 27.14
C LEU E 161 -10.51 5.88 27.60
N ARG E 162 -10.92 4.64 27.82
CA ARG E 162 -10.01 3.55 28.16
C ARG E 162 -8.94 3.41 27.09
N SER E 163 -9.39 3.26 25.84
CA SER E 163 -8.49 3.06 24.70
C SER E 163 -7.51 4.22 24.45
N GLY E 164 -7.83 5.41 24.98
CA GLY E 164 -6.91 6.54 24.95
C GLY E 164 -7.46 7.80 24.30
N GLY E 165 -8.56 7.66 23.56
CA GLY E 165 -9.17 8.80 22.90
C GLY E 165 -9.81 9.77 23.88
N LEU E 166 -10.15 10.95 23.37
CA LEU E 166 -10.76 12.01 24.17
C LEU E 166 -12.13 12.30 23.61
N GLN E 167 -13.15 12.11 24.43
CA GLN E 167 -14.54 12.30 24.02
C GLN E 167 -15.06 13.63 24.55
N ILE E 168 -15.46 14.51 23.64
CA ILE E 168 -16.01 15.83 23.99
C ILE E 168 -17.50 15.84 23.64
N GLU E 169 -18.36 15.64 24.64
CA GLU E 169 -19.77 15.31 24.38
C GLU E 169 -20.57 16.44 23.73
N SER E 170 -20.63 17.61 24.36
CA SER E 170 -21.34 18.74 23.75
C SER E 170 -20.32 19.73 23.22
N SER E 171 -20.15 19.72 21.90
CA SER E 171 -19.19 20.63 21.26
C SER E 171 -19.52 22.07 21.58
N GLU E 172 -18.46 22.87 21.73
CA GLU E 172 -18.56 24.25 22.14
C GLU E 172 -17.53 25.06 21.35
N GLU E 173 -17.74 26.37 21.24
CA GLU E 173 -16.77 27.26 20.59
C GLU E 173 -15.38 27.13 21.19
N THR E 174 -15.31 27.03 22.52
CA THR E 174 -14.04 26.99 23.23
C THR E 174 -13.26 25.69 22.99
N ASP E 175 -13.95 24.63 22.59
CA ASP E 175 -13.30 23.33 22.33
C ASP E 175 -12.44 23.30 21.06
N GLN E 176 -12.64 24.26 20.16
CA GLN E 176 -11.81 24.35 18.97
C GLN E 176 -10.37 24.63 19.38
N GLY E 177 -9.42 24.02 18.66
CA GLY E 177 -8.01 24.21 18.96
C GLY E 177 -7.14 23.06 18.48
N LYS E 178 -5.85 23.10 18.83
CA LYS E 178 -4.87 22.14 18.38
C LYS E 178 -4.63 21.11 19.47
N TYR E 179 -5.14 19.89 19.26
CA TYR E 179 -5.01 18.82 20.24
C TYR E 179 -3.79 17.94 19.97
N GLU E 180 -3.26 17.33 21.03
CA GLU E 180 -2.17 16.36 20.89
C GLU E 180 -2.16 15.43 22.10
N CYS E 181 -1.96 14.14 21.87
CA CYS E 181 -2.01 13.15 22.96
C CYS E 181 -0.59 12.80 23.38
N VAL E 182 -0.47 12.46 24.67
CA VAL E 182 0.83 12.26 25.31
C VAL E 182 0.85 10.93 26.05
N ALA E 183 1.57 9.97 25.50
CA ALA E 183 1.77 8.66 26.12
C ALA E 183 3.01 8.72 27.00
N SER E 184 2.89 8.23 28.23
CA SER E 184 3.97 8.35 29.22
C SER E 184 3.97 7.22 30.24
N ASN E 185 5.17 6.81 30.62
CA ASN E 185 5.37 5.78 31.65
C ASN E 185 6.76 5.95 32.28
N SER E 186 7.10 5.07 33.22
CA SER E 186 8.42 5.10 33.89
C SER E 186 9.61 5.25 32.92
N ALA E 187 9.49 4.72 31.70
CA ALA E 187 10.55 4.83 30.71
C ALA E 187 10.71 6.23 30.12
N GLY E 188 9.60 6.96 29.98
CA GLY E 188 9.65 8.34 29.48
C GLY E 188 8.33 8.88 28.96
N VAL E 189 8.41 9.84 28.04
CA VAL E 189 7.22 10.50 27.50
C VAL E 189 7.34 10.79 26.00
N ARG E 190 6.24 10.52 25.28
CA ARG E 190 6.19 10.65 23.83
C ARG E 190 4.92 11.40 23.42
N TYR E 191 5.09 12.40 22.55
CA TYR E 191 3.97 13.22 22.06
C TYR E 191 3.52 12.73 20.70
N SER E 192 2.21 12.79 20.45
CA SER E 192 1.68 12.54 19.11
C SER E 192 1.94 13.78 18.31
N SER E 193 1.95 13.68 16.98
CA SER E 193 1.89 14.90 16.18
C SER E 193 0.50 15.48 16.38
N PRO E 194 0.38 16.80 16.23
CA PRO E 194 -0.80 17.51 16.64
C PRO E 194 -1.90 17.39 15.62
N ALA E 195 -3.14 17.59 16.06
CA ALA E 195 -4.31 17.55 15.18
C ALA E 195 -5.33 18.57 15.62
N ASN E 196 -5.87 19.32 14.66
CA ASN E 196 -6.80 20.39 14.97
C ASN E 196 -8.25 19.95 15.02
N LEU E 197 -9.00 20.46 16.00
CA LEU E 197 -10.44 20.28 16.07
C LEU E 197 -11.10 21.62 15.76
N TYR E 198 -11.87 21.67 14.67
CA TYR E 198 -12.63 22.86 14.30
C TYR E 198 -14.10 22.70 14.71
N VAL E 199 -14.72 23.80 15.13
CA VAL E 199 -16.11 23.79 15.56
C VAL E 199 -16.85 24.84 14.73
N ARG E 200 -17.67 24.36 13.78
CA ARG E 200 -18.55 25.22 12.97
C ARG E 200 -19.73 25.66 13.83
N VAL E 201 -20.18 26.88 13.56
CA VAL E 201 -21.14 27.57 14.42
C VAL E 201 -22.07 28.41 13.53
N ARG E 202 -23.30 28.65 13.98
CA ARG E 202 -24.26 29.48 13.25
C ARG E 202 -25.04 30.37 14.22
N GLU F 4 16.03 18.10 -49.83
CA GLU F 4 15.87 16.64 -50.10
C GLU F 4 17.18 15.91 -49.80
N SER F 5 17.06 14.71 -49.25
CA SER F 5 18.22 13.96 -48.78
C SER F 5 17.87 12.48 -48.51
N PRO F 6 18.73 11.55 -48.95
CA PRO F 6 18.49 10.12 -48.70
C PRO F 6 18.72 9.73 -47.25
N PRO F 7 18.30 8.50 -46.87
CA PRO F 7 18.42 8.06 -45.47
C PRO F 7 19.85 7.81 -45.02
N VAL F 8 20.17 8.26 -43.82
CA VAL F 8 21.45 8.00 -43.18
C VAL F 8 21.17 7.46 -41.79
N PHE F 9 22.00 6.52 -41.34
CA PHE F 9 21.86 5.96 -40.00
C PHE F 9 22.66 6.78 -38.99
N ILE F 10 21.96 7.39 -38.03
CA ILE F 10 22.61 8.09 -36.92
C ILE F 10 22.81 7.17 -35.71
N LYS F 11 22.02 6.09 -35.65
CA LYS F 11 22.26 5.01 -34.70
C LYS F 11 22.32 3.69 -35.45
N LYS F 12 23.51 3.10 -35.52
CA LYS F 12 23.69 1.78 -36.14
C LYS F 12 23.69 0.74 -35.03
N PRO F 13 22.95 -0.36 -35.23
CA PRO F 13 22.87 -1.37 -34.17
C PRO F 13 24.18 -2.08 -33.98
N VAL F 14 24.45 -2.52 -32.75
CA VAL F 14 25.70 -3.16 -32.41
C VAL F 14 25.45 -4.62 -32.04
N ASP F 15 26.45 -5.47 -32.31
CA ASP F 15 26.35 -6.90 -32.01
C ASP F 15 26.12 -7.11 -30.52
N GLN F 16 25.41 -8.19 -30.19
CA GLN F 16 25.11 -8.52 -28.79
C GLN F 16 25.35 -9.98 -28.48
N ILE F 17 26.09 -10.23 -27.40
CA ILE F 17 26.29 -11.58 -26.89
C ILE F 17 25.46 -11.68 -25.62
N GLY F 18 24.24 -12.21 -25.75
CA GLY F 18 23.31 -12.30 -24.62
C GLY F 18 23.40 -13.63 -23.90
N VAL F 19 22.61 -13.79 -22.85
CA VAL F 19 22.57 -15.03 -22.07
C VAL F 19 21.18 -15.65 -22.13
N SER F 20 21.14 -16.98 -22.27
CA SER F 20 19.88 -17.70 -22.41
C SER F 20 18.93 -17.37 -21.26
N GLY F 21 17.68 -17.07 -21.60
CA GLY F 21 16.67 -16.68 -20.62
C GLY F 21 16.50 -15.19 -20.45
N GLY F 22 17.55 -14.42 -20.79
CA GLY F 22 17.55 -12.97 -20.61
C GLY F 22 17.07 -12.18 -21.80
N VAL F 23 17.74 -11.07 -22.08
CA VAL F 23 17.25 -10.10 -23.06
C VAL F 23 18.36 -9.61 -23.98
N ALA F 24 17.97 -9.23 -25.20
CA ALA F 24 18.87 -8.53 -26.11
C ALA F 24 18.07 -7.49 -26.87
N SER F 25 18.65 -6.29 -26.99
CA SER F 25 18.06 -5.21 -27.76
C SER F 25 19.00 -4.77 -28.88
N PHE F 26 18.41 -4.41 -30.02
CA PHE F 26 19.16 -3.80 -31.12
C PHE F 26 18.49 -2.48 -31.46
N VAL F 27 19.28 -1.43 -31.59
CA VAL F 27 18.75 -0.09 -31.82
C VAL F 27 19.23 0.41 -33.17
N CYS F 28 18.30 0.91 -34.00
CA CYS F 28 18.69 1.66 -35.19
C CYS F 28 17.80 2.87 -35.35
N GLN F 29 18.36 3.89 -35.99
CA GLN F 29 17.63 5.14 -36.21
C GLN F 29 18.20 5.88 -37.40
N ALA F 30 17.31 6.32 -38.28
CA ALA F 30 17.71 6.98 -39.50
C ALA F 30 17.20 8.41 -39.55
N THR F 31 17.77 9.17 -40.47
CA THR F 31 17.45 10.58 -40.61
C THR F 31 17.52 10.96 -42.09
N GLY F 32 16.80 12.00 -42.47
CA GLY F 32 16.81 12.49 -43.85
C GLY F 32 15.55 13.26 -44.21
N ASP F 33 15.46 13.69 -45.46
CA ASP F 33 14.34 14.51 -45.94
C ASP F 33 13.81 13.94 -47.27
N PRO F 34 12.59 13.38 -47.30
CA PRO F 34 11.70 13.26 -46.14
C PRO F 34 12.21 12.32 -45.05
N LYS F 35 11.55 12.36 -43.90
CA LYS F 35 11.88 11.51 -42.77
C LYS F 35 11.72 10.06 -43.20
N PRO F 36 12.73 9.22 -42.93
CA PRO F 36 12.64 7.82 -43.34
C PRO F 36 11.85 6.98 -42.36
N ARG F 37 11.49 5.77 -42.78
CA ARG F 37 10.87 4.78 -41.92
C ARG F 37 11.78 3.56 -41.85
N VAL F 38 12.16 3.18 -40.64
CA VAL F 38 13.01 2.01 -40.43
C VAL F 38 12.19 0.79 -40.07
N THR F 39 12.81 -0.39 -40.16
CA THR F 39 12.09 -1.65 -40.00
C THR F 39 13.04 -2.83 -39.83
N TRP F 40 12.69 -3.76 -38.94
CA TRP F 40 13.53 -4.92 -38.64
C TRP F 40 13.08 -6.17 -39.41
N ASN F 41 14.04 -7.04 -39.71
CA ASN F 41 13.78 -8.29 -40.45
C ASN F 41 14.48 -9.49 -39.81
N VAL F 47 7.53 -15.87 -38.94
CA VAL F 47 6.53 -16.00 -37.87
C VAL F 47 6.45 -14.76 -37.00
N ASN F 48 5.24 -14.52 -36.51
CA ASN F 48 5.00 -13.46 -35.54
C ASN F 48 5.20 -14.07 -34.16
N SER F 49 5.99 -13.42 -33.31
CA SER F 49 6.31 -14.00 -31.99
C SER F 49 6.36 -12.98 -30.86
N GLN F 50 5.80 -13.36 -29.71
CA GLN F 50 5.85 -12.55 -28.49
C GLN F 50 7.29 -12.28 -28.06
N ARG F 51 8.20 -13.20 -28.37
CA ARG F 51 9.57 -13.10 -27.91
C ARG F 51 10.35 -12.08 -28.72
N PHE F 52 9.87 -11.76 -29.91
CA PHE F 52 10.47 -10.74 -30.77
C PHE F 52 9.53 -9.54 -30.87
N GLU F 53 9.91 -8.44 -30.21
CA GLU F 53 9.08 -7.25 -30.17
C GLU F 53 9.83 -6.08 -30.77
N THR F 54 9.21 -5.40 -31.72
CA THR F 54 9.76 -4.21 -32.32
C THR F 54 9.09 -3.00 -31.67
N ILE F 55 9.88 -2.11 -31.09
CA ILE F 55 9.35 -0.87 -30.49
C ILE F 55 9.77 0.30 -31.36
N GLU F 56 8.79 1.07 -31.83
CA GLU F 56 9.07 2.19 -32.73
C GLU F 56 9.30 3.45 -31.92
N PHE F 57 10.06 4.38 -32.49
CA PHE F 57 10.20 5.70 -31.91
C PHE F 57 10.59 6.72 -32.98
N ASP F 58 10.51 8.00 -32.62
CA ASP F 58 10.78 9.10 -33.55
C ASP F 58 9.95 8.99 -34.85
N GLU F 59 8.65 8.78 -34.69
CA GLU F 59 7.72 8.70 -35.83
C GLU F 59 8.16 7.64 -36.86
N SER F 60 8.58 6.49 -36.34
CA SER F 60 9.06 5.35 -37.15
C SER F 60 10.44 5.52 -37.81
N ALA F 61 11.11 6.65 -37.59
CA ALA F 61 12.48 6.83 -38.09
C ALA F 61 13.50 6.09 -37.23
N GLY F 62 13.06 5.57 -36.08
CA GLY F 62 13.87 4.69 -35.25
C GLY F 62 13.07 3.48 -34.77
N ALA F 63 13.77 2.39 -34.47
CA ALA F 63 13.13 1.17 -33.99
C ALA F 63 14.12 0.30 -33.22
N VAL F 64 13.61 -0.30 -32.14
CA VAL F 64 14.40 -1.19 -31.30
C VAL F 64 13.83 -2.59 -31.43
N LEU F 65 14.68 -3.56 -31.75
CA LEU F 65 14.27 -4.95 -31.75
C LEU F 65 14.66 -5.54 -30.40
N ARG F 66 13.65 -5.86 -29.59
CA ARG F 66 13.85 -6.47 -28.29
C ARG F 66 13.52 -7.96 -28.38
N ILE F 67 14.47 -8.81 -27.98
CA ILE F 67 14.28 -10.26 -28.03
C ILE F 67 14.34 -10.81 -26.61
N GLN F 68 13.25 -11.46 -26.18
CA GLN F 68 13.16 -11.95 -24.80
C GLN F 68 11.96 -12.88 -24.61
N PRO F 69 12.14 -14.02 -23.92
CA PRO F 69 13.41 -14.44 -23.34
C PRO F 69 14.28 -15.11 -24.39
N LEU F 70 15.59 -14.93 -24.29
CA LEU F 70 16.51 -15.47 -25.28
C LEU F 70 16.56 -17.00 -25.26
N ARG F 71 16.57 -17.57 -26.47
CA ARG F 71 16.68 -19.02 -26.67
C ARG F 71 17.87 -19.28 -27.57
N THR F 72 18.57 -20.38 -27.33
CA THR F 72 19.80 -20.69 -28.08
C THR F 72 19.87 -22.16 -28.46
N PRO F 73 20.36 -22.48 -29.66
CA PRO F 73 20.89 -21.52 -30.65
C PRO F 73 19.87 -20.82 -31.53
N ARG F 74 18.60 -21.24 -31.49
CA ARG F 74 17.58 -20.77 -32.44
C ARG F 74 17.56 -19.26 -32.72
N ASP F 75 17.71 -18.43 -31.70
CA ASP F 75 17.64 -16.98 -31.89
C ASP F 75 18.92 -16.39 -32.50
N GLU F 76 20.03 -17.15 -32.42
CA GLU F 76 21.30 -16.66 -32.94
C GLU F 76 21.18 -16.40 -34.43
N ASN F 77 21.59 -15.21 -34.84
CA ASN F 77 21.37 -14.77 -36.22
C ASN F 77 21.93 -13.38 -36.48
N ILE F 78 22.01 -13.01 -37.76
CA ILE F 78 22.21 -11.63 -38.18
C ILE F 78 20.84 -11.02 -38.40
N TYR F 79 20.60 -9.84 -37.83
CA TYR F 79 19.33 -9.14 -37.97
C TYR F 79 19.56 -7.87 -38.77
N GLU F 80 18.52 -7.42 -39.50
CA GLU F 80 18.66 -6.30 -40.44
C GLU F 80 17.71 -5.15 -40.16
N CYS F 81 18.27 -3.95 -39.97
CA CYS F 81 17.48 -2.74 -39.92
C CYS F 81 17.55 -2.07 -41.28
N VAL F 82 16.39 -1.65 -41.81
CA VAL F 82 16.30 -1.07 -43.14
C VAL F 82 15.63 0.30 -43.11
N ALA F 83 16.40 1.34 -43.42
CA ALA F 83 15.89 2.71 -43.50
C ALA F 83 15.50 2.98 -44.93
N GLN F 84 14.40 3.69 -45.12
CA GLN F 84 13.83 3.86 -46.46
C GLN F 84 13.01 5.13 -46.59
N ASN F 85 13.31 5.91 -47.63
CA ASN F 85 12.48 7.05 -48.02
C ASN F 85 12.46 7.15 -49.56
N PRO F 86 11.78 8.16 -50.12
CA PRO F 86 11.66 8.25 -51.58
C PRO F 86 12.98 8.30 -52.35
N HIS F 87 14.05 8.73 -51.71
CA HIS F 87 15.35 8.90 -52.36
C HIS F 87 16.34 7.77 -52.15
N GLY F 88 16.03 6.82 -51.28
CA GLY F 88 16.92 5.67 -51.10
C GLY F 88 16.44 4.60 -50.13
N GLU F 89 17.18 3.50 -50.11
CA GLU F 89 16.95 2.41 -49.19
C GLU F 89 18.30 1.84 -48.78
N VAL F 90 18.56 1.79 -47.48
CA VAL F 90 19.85 1.35 -46.95
C VAL F 90 19.67 0.37 -45.79
N THR F 91 20.66 -0.51 -45.62
CA THR F 91 20.55 -1.62 -44.68
C THR F 91 21.80 -1.72 -43.81
N VAL F 92 21.59 -2.00 -42.53
CA VAL F 92 22.68 -2.29 -41.59
C VAL F 92 22.39 -3.61 -40.86
N HIS F 93 23.45 -4.33 -40.52
CA HIS F 93 23.36 -5.66 -39.92
C HIS F 93 23.81 -5.62 -38.47
N ALA F 94 23.42 -6.66 -37.72
CA ALA F 94 23.92 -6.87 -36.36
C ALA F 94 23.66 -8.31 -35.97
N LYS F 95 24.60 -8.91 -35.25
CA LYS F 95 24.57 -10.33 -34.93
C LYS F 95 24.13 -10.56 -33.49
N LEU F 96 23.38 -11.66 -33.28
CA LEU F 96 23.04 -12.10 -31.93
C LEU F 96 23.71 -13.43 -31.62
N THR F 97 24.41 -13.47 -30.49
CA THR F 97 25.00 -14.68 -29.95
C THR F 97 24.33 -14.90 -28.61
N VAL F 98 23.99 -16.14 -28.28
CA VAL F 98 23.28 -16.42 -27.03
C VAL F 98 23.90 -17.57 -26.27
N LEU F 99 24.62 -17.25 -25.20
CA LEU F 99 25.33 -18.23 -24.40
C LEU F 99 24.40 -18.87 -23.37
N ARG F 100 24.62 -20.15 -23.07
CA ARG F 100 23.88 -20.83 -22.01
C ARG F 100 24.44 -20.42 -20.65
N GLU F 101 23.70 -20.70 -19.58
CA GLU F 101 24.14 -20.32 -18.24
C GLU F 101 25.46 -21.00 -17.85
N ASP F 102 25.64 -22.25 -18.30
CA ASP F 102 26.88 -22.99 -18.07
C ASP F 102 28.05 -22.48 -18.92
N GLN F 103 27.76 -21.98 -20.11
CA GLN F 103 28.79 -21.50 -21.05
C GLN F 103 29.33 -20.10 -20.75
N LEU F 104 28.78 -19.42 -19.75
CA LEU F 104 29.18 -18.05 -19.46
C LEU F 104 30.62 -18.01 -18.95
N PRO F 105 31.46 -17.13 -19.53
CA PRO F 105 32.81 -16.97 -18.98
C PRO F 105 32.78 -16.34 -17.57
N PRO F 106 33.89 -16.45 -16.82
CA PRO F 106 33.89 -15.93 -15.45
C PRO F 106 33.54 -14.44 -15.35
N GLY F 107 34.07 -13.63 -16.27
CA GLY F 107 33.88 -12.18 -16.26
C GLY F 107 32.65 -11.67 -16.98
N PHE F 108 31.65 -12.53 -17.20
CA PHE F 108 30.41 -12.11 -17.86
C PHE F 108 29.60 -11.22 -16.92
N PRO F 109 29.17 -10.04 -17.41
CA PRO F 109 28.49 -9.05 -16.57
C PRO F 109 27.44 -9.65 -15.65
N ASN F 110 27.38 -9.12 -14.42
CA ASN F 110 26.44 -9.62 -13.43
C ASN F 110 25.84 -8.46 -12.64
N ILE F 111 24.51 -8.45 -12.57
CA ILE F 111 23.77 -7.41 -11.84
C ILE F 111 23.77 -7.77 -10.36
N ASP F 112 24.53 -7.02 -9.57
CA ASP F 112 24.63 -7.25 -8.12
C ASP F 112 23.50 -6.57 -7.36
N MET F 113 23.06 -5.42 -7.85
CA MET F 113 21.90 -4.71 -7.32
C MET F 113 21.13 -4.08 -8.47
N GLY F 114 19.84 -4.39 -8.55
CA GLY F 114 18.98 -3.86 -9.60
C GLY F 114 18.18 -2.68 -9.10
N PRO F 115 17.49 -1.96 -10.00
CA PRO F 115 16.67 -0.83 -9.60
C PRO F 115 15.40 -1.29 -8.91
N GLN F 116 14.81 -0.39 -8.12
CA GLN F 116 13.62 -0.70 -7.35
C GLN F 116 12.48 0.26 -7.64
N LEU F 117 11.26 -0.18 -7.35
CA LEU F 117 10.08 0.64 -7.53
C LEU F 117 10.26 1.97 -6.81
N LYS F 118 10.09 3.07 -7.53
CA LYS F 118 10.25 4.40 -6.97
C LYS F 118 9.10 5.32 -7.37
N VAL F 119 8.57 6.06 -6.40
CA VAL F 119 7.56 7.09 -6.64
C VAL F 119 8.18 8.43 -6.27
N VAL F 120 7.79 9.48 -6.98
CA VAL F 120 8.38 10.79 -6.78
C VAL F 120 7.42 11.89 -7.26
N GLU F 121 7.37 13.01 -6.53
CA GLU F 121 6.55 14.13 -6.95
C GLU F 121 7.20 14.85 -8.12
N ARG F 122 6.38 15.46 -8.97
CA ARG F 122 6.89 16.21 -10.12
C ARG F 122 7.91 17.28 -9.70
N THR F 123 8.97 17.43 -10.49
CA THR F 123 10.08 18.38 -10.26
C THR F 123 11.07 18.00 -9.14
N ARG F 124 10.80 16.95 -8.38
CA ARG F 124 11.76 16.42 -7.39
C ARG F 124 12.78 15.53 -8.11
N THR F 125 13.91 15.29 -7.46
CA THR F 125 14.92 14.39 -8.01
C THR F 125 14.56 12.93 -7.72
N ALA F 126 14.85 12.07 -8.68
CA ALA F 126 14.65 10.62 -8.53
C ALA F 126 15.83 9.90 -9.14
N THR F 127 16.45 9.03 -8.36
CA THR F 127 17.61 8.26 -8.82
C THR F 127 17.29 6.77 -8.82
N MET F 128 17.33 6.16 -9.99
CA MET F 128 17.16 4.71 -10.14
C MET F 128 18.51 4.04 -9.96
N LEU F 129 18.56 2.96 -9.18
CA LEU F 129 19.82 2.40 -8.72
C LEU F 129 20.26 1.17 -9.52
N CYS F 130 21.57 1.06 -9.77
CA CYS F 130 22.14 -0.10 -10.44
C CYS F 130 23.62 -0.26 -10.07
N ALA F 131 24.04 -1.50 -9.81
CA ALA F 131 25.44 -1.82 -9.53
C ALA F 131 25.79 -3.17 -10.17
N ALA F 132 26.85 -3.19 -10.96
CA ALA F 132 27.24 -4.39 -11.70
C ALA F 132 28.71 -4.71 -11.53
N SER F 133 29.06 -5.97 -11.76
CA SER F 133 30.44 -6.43 -11.69
C SER F 133 30.75 -7.40 -12.84
N GLY F 134 32.04 -7.54 -13.14
CA GLY F 134 32.50 -8.40 -14.23
C GLY F 134 33.92 -8.05 -14.61
N ASN F 135 34.43 -8.70 -15.66
CA ASN F 135 35.77 -8.44 -16.16
C ASN F 135 35.79 -8.54 -17.70
N PRO F 136 36.09 -7.46 -18.40
CA PRO F 136 36.38 -6.14 -17.83
C PRO F 136 35.22 -5.54 -17.02
N ASP F 137 35.53 -4.52 -16.21
CA ASP F 137 34.51 -3.84 -15.39
C ASP F 137 33.38 -3.36 -16.31
N PRO F 138 32.18 -3.93 -16.17
CA PRO F 138 31.11 -3.65 -17.15
C PRO F 138 30.67 -2.20 -17.21
N GLU F 139 30.23 -1.79 -18.39
CA GLU F 139 29.70 -0.45 -18.62
C GLU F 139 28.19 -0.55 -18.55
N ILE F 140 27.56 0.39 -17.85
CA ILE F 140 26.12 0.34 -17.60
C ILE F 140 25.39 1.40 -18.43
N THR F 141 24.27 0.98 -19.04
CA THR F 141 23.38 1.87 -19.75
C THR F 141 21.94 1.53 -19.37
N TRP F 142 21.03 2.48 -19.57
CA TRP F 142 19.65 2.31 -19.12
C TRP F 142 18.64 2.20 -20.27
N PHE F 143 17.48 1.65 -19.93
CA PHE F 143 16.39 1.46 -20.89
C PHE F 143 15.06 1.77 -20.23
N LYS F 144 14.36 2.76 -20.77
CA LYS F 144 13.06 3.15 -20.26
C LYS F 144 12.00 2.75 -21.27
N ASP F 145 11.13 1.83 -20.88
CA ASP F 145 10.06 1.30 -21.74
C ASP F 145 10.62 0.68 -23.04
N PHE F 146 11.64 -0.15 -22.88
CA PHE F 146 12.29 -0.89 -23.99
C PHE F 146 13.11 -0.03 -24.97
N LEU F 147 13.17 1.28 -24.74
CA LEU F 147 13.95 2.19 -25.55
C LEU F 147 15.15 2.67 -24.72
N PRO F 148 16.30 2.91 -25.36
CA PRO F 148 17.50 3.29 -24.63
C PRO F 148 17.44 4.74 -24.15
N VAL F 149 17.90 4.97 -22.92
CA VAL F 149 17.92 6.30 -22.33
C VAL F 149 19.19 7.00 -22.78
N ASP F 150 19.06 8.24 -23.26
CA ASP F 150 20.20 9.02 -23.75
C ASP F 150 20.40 10.28 -22.91
N PRO F 151 21.33 10.22 -21.92
CA PRO F 151 21.59 11.33 -21.00
C PRO F 151 22.01 12.65 -21.65
N SER F 152 22.68 12.60 -22.79
CA SER F 152 23.16 13.82 -23.46
C SER F 152 22.01 14.69 -24.00
N THR F 153 20.87 14.08 -24.33
CA THR F 153 19.73 14.80 -24.92
C THR F 153 18.70 15.24 -23.87
N SER F 154 19.18 15.81 -22.76
CA SER F 154 18.30 16.22 -21.65
C SER F 154 17.98 17.72 -21.53
N ASN F 155 18.96 18.64 -21.43
CA ASN F 155 20.39 18.36 -21.33
C ASN F 155 20.92 18.71 -19.95
N GLY F 156 21.71 17.80 -19.36
CA GLY F 156 22.19 17.97 -17.99
C GLY F 156 21.17 17.57 -16.92
N ARG F 157 19.93 17.35 -17.31
CA ARG F 157 18.85 16.97 -16.39
C ARG F 157 18.97 15.51 -15.95
N ILE F 158 19.33 14.65 -16.90
CA ILE F 158 19.50 13.22 -16.64
C ILE F 158 20.99 12.90 -16.67
N LYS F 159 21.52 12.36 -15.57
CA LYS F 159 22.96 12.10 -15.43
C LYS F 159 23.24 10.63 -15.15
N GLN F 160 24.17 10.06 -15.91
CA GLN F 160 24.68 8.71 -15.65
C GLN F 160 25.71 8.81 -14.53
N LEU F 161 25.43 8.17 -13.39
CA LEU F 161 26.37 8.20 -12.26
C LEU F 161 27.54 7.24 -12.48
N ARG F 162 28.65 7.53 -11.79
CA ARG F 162 29.83 6.67 -11.82
C ARG F 162 29.46 5.26 -11.36
N SER F 163 28.83 5.17 -10.18
CA SER F 163 28.45 3.88 -9.59
C SER F 163 27.44 3.06 -10.43
N GLY F 164 26.74 3.73 -11.34
CA GLY F 164 25.87 3.05 -12.31
C GLY F 164 24.42 3.50 -12.29
N GLY F 165 24.02 4.19 -11.23
CA GLY F 165 22.66 4.67 -11.11
C GLY F 165 22.33 5.75 -12.14
N LEU F 166 21.04 6.05 -12.27
CA LEU F 166 20.55 7.07 -13.19
C LEU F 166 19.86 8.15 -12.39
N GLN F 167 20.39 9.37 -12.49
CA GLN F 167 19.86 10.52 -11.74
C GLN F 167 19.02 11.40 -12.66
N ILE F 168 17.75 11.56 -12.30
CA ILE F 168 16.80 12.38 -13.08
C ILE F 168 16.46 13.61 -12.24
N GLU F 169 17.11 14.73 -12.54
CA GLU F 169 17.10 15.88 -11.62
C GLU F 169 15.72 16.54 -11.44
N SER F 170 15.10 16.98 -12.53
CA SER F 170 13.79 17.59 -12.46
C SER F 170 12.75 16.59 -12.98
N SER F 171 12.05 15.94 -12.06
CA SER F 171 11.03 14.97 -12.45
C SER F 171 9.98 15.59 -13.36
N GLU F 172 9.51 14.78 -14.30
CA GLU F 172 8.58 15.22 -15.33
C GLU F 172 7.58 14.10 -15.57
N GLU F 173 6.42 14.44 -16.13
CA GLU F 173 5.41 13.46 -16.50
C GLU F 173 5.97 12.38 -17.40
N THR F 174 6.80 12.78 -18.36
CA THR F 174 7.35 11.87 -19.37
C THR F 174 8.34 10.87 -18.79
N ASP F 175 8.94 11.21 -17.64
CA ASP F 175 9.92 10.33 -16.99
C ASP F 175 9.32 9.07 -16.36
N GLN F 176 8.01 9.06 -16.13
CA GLN F 176 7.35 7.87 -15.62
C GLN F 176 7.47 6.74 -16.62
N GLY F 177 7.68 5.52 -16.13
CA GLY F 177 7.83 4.35 -16.99
C GLY F 177 8.60 3.22 -16.34
N LYS F 178 8.86 2.18 -17.12
CA LYS F 178 9.51 0.97 -16.63
C LYS F 178 10.98 1.01 -16.99
N TYR F 179 11.83 1.22 -15.98
CA TYR F 179 13.28 1.31 -16.19
C TYR F 179 13.97 -0.05 -15.99
N GLU F 180 15.11 -0.23 -16.65
CA GLU F 180 15.95 -1.41 -16.45
C GLU F 180 17.38 -1.09 -16.85
N CYS F 181 18.36 -1.55 -16.06
CA CYS F 181 19.75 -1.24 -16.32
C CYS F 181 20.43 -2.43 -17.02
N VAL F 182 21.42 -2.11 -17.84
CA VAL F 182 22.06 -3.08 -18.72
C VAL F 182 23.58 -3.00 -18.57
N ALA F 183 24.15 -4.02 -17.92
CA ALA F 183 25.60 -4.13 -17.77
C ALA F 183 26.15 -4.92 -18.95
N SER F 184 27.23 -4.40 -19.55
CA SER F 184 27.76 -4.97 -20.77
C SER F 184 29.27 -4.74 -20.92
N ASN F 185 29.96 -5.75 -21.47
CA ASN F 185 31.38 -5.67 -21.76
C ASN F 185 31.73 -6.66 -22.88
N SER F 186 33.01 -6.74 -23.23
CA SER F 186 33.48 -7.66 -24.27
C SER F 186 32.96 -9.11 -24.12
N ALA F 187 32.72 -9.54 -22.88
CA ALA F 187 32.21 -10.89 -22.62
C ALA F 187 30.74 -11.05 -23.00
N GLY F 188 29.94 -9.99 -22.85
CA GLY F 188 28.52 -10.04 -23.24
C GLY F 188 27.64 -8.96 -22.61
N VAL F 189 26.35 -9.27 -22.47
CA VAL F 189 25.38 -8.30 -21.95
C VAL F 189 24.33 -8.95 -21.04
N ARG F 190 24.03 -8.28 -19.93
CA ARG F 190 23.13 -8.77 -18.89
C ARG F 190 22.16 -7.66 -18.48
N TYR F 191 20.88 -8.01 -18.43
CA TYR F 191 19.82 -7.06 -18.06
C TYR F 191 19.44 -7.24 -16.59
N SER F 192 19.13 -6.12 -15.93
CA SER F 192 18.53 -6.18 -14.59
C SER F 192 17.08 -6.55 -14.75
N SER F 193 16.44 -7.05 -13.70
CA SER F 193 14.98 -7.12 -13.72
C SER F 193 14.47 -5.68 -13.67
N PRO F 194 13.28 -5.43 -14.22
CA PRO F 194 12.80 -4.09 -14.44
C PRO F 194 12.23 -3.48 -13.16
N ALA F 195 12.18 -2.14 -13.13
CA ALA F 195 11.63 -1.40 -12.00
C ALA F 195 10.92 -0.15 -12.48
N ASN F 196 9.72 0.10 -11.96
CA ASN F 196 8.90 1.22 -12.42
C ASN F 196 9.17 2.51 -11.65
N LEU F 197 9.21 3.63 -12.37
CA LEU F 197 9.25 4.95 -11.77
C LEU F 197 7.92 5.65 -12.01
N TYR F 198 7.20 5.97 -10.93
CA TYR F 198 5.94 6.71 -11.01
C TYR F 198 6.14 8.18 -10.65
N VAL F 199 5.40 9.06 -11.32
CA VAL F 199 5.50 10.51 -11.10
C VAL F 199 4.11 11.13 -10.86
N ARG F 200 3.89 11.74 -9.70
CA ARG F 200 2.61 12.42 -9.46
C ARG F 200 2.85 13.86 -9.03
C1 NAG G . -10.57 22.45 -5.96
C2 NAG G . -11.82 21.59 -6.17
C3 NAG G . -11.45 20.23 -6.74
C4 NAG G . -10.59 20.40 -7.97
C5 NAG G . -9.38 21.26 -7.65
C6 NAG G . -8.50 21.46 -8.88
C7 NAG G . -13.37 22.37 -4.47
C8 NAG G . -13.70 22.30 -3.01
N2 NAG G . -12.53 21.44 -4.92
O3 NAG G . -12.65 19.52 -7.09
O4 NAG G . -10.15 19.11 -8.44
O5 NAG G . -9.79 22.53 -7.16
O6 NAG G . -8.18 20.18 -9.44
O7 NAG G . -13.82 23.23 -5.21
#